data_7WIE
# 
_entry.id   7WIE 
# 
_audit_conform.dict_name       mmcif_pdbx.dic 
_audit_conform.dict_version    5.392 
_audit_conform.dict_location   http://mmcif.pdb.org/dictionaries/ascii/mmcif_pdbx.dic 
# 
loop_
_database_2.database_id 
_database_2.database_code 
_database_2.pdbx_database_accession 
_database_2.pdbx_DOI 
PDB   7WIE         pdb_00007wie 10.2210/pdb7wie/pdb 
WWPDB D_1300026766 ?            ?                   
# 
loop_
_pdbx_audit_revision_history.ordinal 
_pdbx_audit_revision_history.data_content_type 
_pdbx_audit_revision_history.major_revision 
_pdbx_audit_revision_history.minor_revision 
_pdbx_audit_revision_history.revision_date 
1 'Structure model' 1 0 2023-01-18 
2 'Structure model' 1 1 2023-02-08 
3 'Structure model' 1 2 2024-05-29 
# 
_pdbx_audit_revision_details.ordinal             1 
_pdbx_audit_revision_details.revision_ordinal    1 
_pdbx_audit_revision_details.data_content_type   'Structure model' 
_pdbx_audit_revision_details.provider            repository 
_pdbx_audit_revision_details.type                'Initial release' 
_pdbx_audit_revision_details.description         ? 
_pdbx_audit_revision_details.details             ? 
# 
loop_
_pdbx_audit_revision_group.ordinal 
_pdbx_audit_revision_group.revision_ordinal 
_pdbx_audit_revision_group.data_content_type 
_pdbx_audit_revision_group.group 
1 2 'Structure model' 'Database references' 
2 3 'Structure model' 'Data collection'     
# 
loop_
_pdbx_audit_revision_category.ordinal 
_pdbx_audit_revision_category.revision_ordinal 
_pdbx_audit_revision_category.data_content_type 
_pdbx_audit_revision_category.category 
1 2 'Structure model' citation        
2 2 'Structure model' citation_author 
3 3 'Structure model' chem_comp_atom  
4 3 'Structure model' chem_comp_bond  
# 
loop_
_pdbx_audit_revision_item.ordinal 
_pdbx_audit_revision_item.revision_ordinal 
_pdbx_audit_revision_item.data_content_type 
_pdbx_audit_revision_item.item 
1 2 'Structure model' '_citation.journal_volume'          
2 2 'Structure model' '_citation.page_first'              
3 2 'Structure model' '_citation.page_last'               
4 2 'Structure model' '_citation_author.identifier_ORCID' 
# 
_pdbx_database_status.status_code                     REL 
_pdbx_database_status.status_code_sf                  REL 
_pdbx_database_status.status_code_mr                  ? 
_pdbx_database_status.entry_id                        7WIE 
_pdbx_database_status.recvd_initial_deposition_date   2022-01-03 
_pdbx_database_status.SG_entry                        N 
_pdbx_database_status.deposit_site                    PDBJ 
_pdbx_database_status.process_site                    PDBJ 
_pdbx_database_status.status_code_cs                  ? 
_pdbx_database_status.status_code_nmr_data            ? 
_pdbx_database_status.methods_development_category    ? 
_pdbx_database_status.pdb_format_compatible           Y 
# 
_pdbx_contact_author.id                 2 
_pdbx_contact_author.email              fangxy@mail.tsinghua.edu.cn 
_pdbx_contact_author.name_first         Xianyang 
_pdbx_contact_author.name_last          Fang 
_pdbx_contact_author.name_mi            ? 
_pdbx_contact_author.role               'principal investigator/group leader' 
_pdbx_contact_author.identifier_ORCID   0000-0001-9432-9736 
# 
loop_
_audit_author.name 
_audit_author.pdbx_ordinal 
_audit_author.identifier_ORCID 
'Xu, L.'   1 0000-0003-1584-2772 
'Fang, X.' 2 0000-0001-9432-9736 
'Xiao, Y.' 3 0000-0003-2518-9594 
# 
_citation.abstract                  ? 
_citation.abstract_id_CAS           ? 
_citation.book_id_ISBN              ? 
_citation.book_publisher            ? 
_citation.book_publisher_city       ? 
_citation.book_title                ? 
_citation.coordinate_linkage        ? 
_citation.country                   UK 
_citation.database_id_Medline       ? 
_citation.details                   ? 
_citation.id                        primary 
_citation.journal_abbrev            'Nucleic Acids Res.' 
_citation.journal_id_ASTM           NARHAD 
_citation.journal_id_CSD            0389 
_citation.journal_id_ISSN           1362-4962 
_citation.journal_full              ? 
_citation.journal_issue             ? 
_citation.journal_volume            51 
_citation.language                  ? 
_citation.page_first                952 
_citation.page_last                 965 
_citation.title                     'Structural insights into translation regulation by the THF-II riboswitch.' 
_citation.year                      2023 
_citation.database_id_CSD           ? 
_citation.pdbx_database_id_DOI      10.1093/nar/gkac1257 
_citation.pdbx_database_id_PubMed   36620887 
_citation.pdbx_database_id_patent   ? 
_citation.unpublished_flag          ? 
# 
loop_
_citation_author.citation_id 
_citation_author.name 
_citation_author.ordinal 
_citation_author.identifier_ORCID 
primary 'Xu, L.'    1 ? 
primary 'Xiao, Y.'  2 ? 
primary 'Zhang, J.' 3 ? 
primary 'Fang, X.'  4 ? 
# 
loop_
_entity.id 
_entity.type 
_entity.src_method 
_entity.pdbx_description 
_entity.formula_weight 
_entity.pdbx_number_of_molecules 
_entity.pdbx_ec 
_entity.pdbx_mutation 
_entity.pdbx_fragment 
_entity.details 
1 polymer     man 'RNA (50-MER)' 16287.591 1 ? ? ? ? 
2 non-polymer syn 7-DEAZAGUANINE 150.138   1 ? ? ? ? 
# 
_entity_poly.entity_id                      1 
_entity_poly.type                           polyribonucleotide 
_entity_poly.nstd_linkage                   no 
_entity_poly.nstd_monomer                   yes 
_entity_poly.pdbx_seq_one_letter_code       '(GTP)GCGUGGUCCGUUCAACUCGUUCCUCGAAAGAGGAACUACGGGAGACGCC' 
_entity_poly.pdbx_seq_one_letter_code_can   GGCGUGGUCCGUUCAACUCGUUCCUCGAAAGAGGAACUACGGGAGACGCC 
_entity_poly.pdbx_strand_id                 V 
_entity_poly.pdbx_target_identifier         ? 
# 
_pdbx_entity_nonpoly.entity_id   2 
_pdbx_entity_nonpoly.name        7-DEAZAGUANINE 
_pdbx_entity_nonpoly.comp_id     7DG 
# 
loop_
_entity_poly_seq.entity_id 
_entity_poly_seq.num 
_entity_poly_seq.mon_id 
_entity_poly_seq.hetero 
1 1  GTP n 
1 2  G   n 
1 3  C   n 
1 4  G   n 
1 5  U   n 
1 6  G   n 
1 7  G   n 
1 8  U   n 
1 9  C   n 
1 10 C   n 
1 11 G   n 
1 12 U   n 
1 13 U   n 
1 14 C   n 
1 15 A   n 
1 16 A   n 
1 17 C   n 
1 18 U   n 
1 19 C   n 
1 20 G   n 
1 21 U   n 
1 22 U   n 
1 23 C   n 
1 24 C   n 
1 25 U   n 
1 26 C   n 
1 27 G   n 
1 28 A   n 
1 29 A   n 
1 30 A   n 
1 31 G   n 
1 32 A   n 
1 33 G   n 
1 34 G   n 
1 35 A   n 
1 36 A   n 
1 37 C   n 
1 38 U   n 
1 39 A   n 
1 40 C   n 
1 41 G   n 
1 42 G   n 
1 43 G   n 
1 44 A   n 
1 45 G   n 
1 46 A   n 
1 47 C   n 
1 48 G   n 
1 49 C   n 
1 50 C   n 
# 
_entity_src_gen.entity_id                          1 
_entity_src_gen.pdbx_src_id                        1 
_entity_src_gen.pdbx_alt_source_flag               sample 
_entity_src_gen.pdbx_seq_type                      'Biological sequence' 
_entity_src_gen.pdbx_beg_seq_num                   1 
_entity_src_gen.pdbx_end_seq_num                   50 
_entity_src_gen.gene_src_common_name               ? 
_entity_src_gen.gene_src_genus                     ? 
_entity_src_gen.pdbx_gene_src_gene                 ? 
_entity_src_gen.gene_src_species                   ? 
_entity_src_gen.gene_src_strain                    ? 
_entity_src_gen.gene_src_tissue                    ? 
_entity_src_gen.gene_src_tissue_fraction           ? 
_entity_src_gen.gene_src_details                   ? 
_entity_src_gen.pdbx_gene_src_fragment             ? 
_entity_src_gen.pdbx_gene_src_scientific_name      'Mesorhizobium loti' 
_entity_src_gen.pdbx_gene_src_ncbi_taxonomy_id     381 
_entity_src_gen.pdbx_gene_src_variant              ? 
_entity_src_gen.pdbx_gene_src_cell_line            ? 
_entity_src_gen.pdbx_gene_src_atcc                 ? 
_entity_src_gen.pdbx_gene_src_organ                ? 
_entity_src_gen.pdbx_gene_src_organelle            ? 
_entity_src_gen.pdbx_gene_src_cell                 ? 
_entity_src_gen.pdbx_gene_src_cellular_location    ? 
_entity_src_gen.host_org_common_name               ? 
_entity_src_gen.pdbx_host_org_scientific_name      'in vitro transcription vector pT7-TP(deltai)' 
_entity_src_gen.pdbx_host_org_ncbi_taxonomy_id     905931 
_entity_src_gen.host_org_genus                     ? 
_entity_src_gen.pdbx_host_org_gene                 ? 
_entity_src_gen.pdbx_host_org_organ                ? 
_entity_src_gen.host_org_species                   ? 
_entity_src_gen.pdbx_host_org_tissue               ? 
_entity_src_gen.pdbx_host_org_tissue_fraction      ? 
_entity_src_gen.pdbx_host_org_strain               ? 
_entity_src_gen.pdbx_host_org_variant              ? 
_entity_src_gen.pdbx_host_org_cell_line            ? 
_entity_src_gen.pdbx_host_org_atcc                 ? 
_entity_src_gen.pdbx_host_org_culture_collection   ? 
_entity_src_gen.pdbx_host_org_cell                 ? 
_entity_src_gen.pdbx_host_org_organelle            ? 
_entity_src_gen.pdbx_host_org_cellular_location    ? 
_entity_src_gen.pdbx_host_org_vector_type          ? 
_entity_src_gen.pdbx_host_org_vector               ? 
_entity_src_gen.host_org_details                   ? 
_entity_src_gen.expression_system_id               ? 
_entity_src_gen.plasmid_name                       ? 
_entity_src_gen.plasmid_details                    ? 
_entity_src_gen.pdbx_description                   ? 
# 
loop_
_chem_comp.id 
_chem_comp.type 
_chem_comp.mon_nstd_flag 
_chem_comp.name 
_chem_comp.pdbx_synonyms 
_chem_comp.formula 
_chem_comp.formula_weight 
7DG non-polymer   . 7-DEAZAGUANINE               ? 'C6 H6 N4 O'        150.138 
A   'RNA linking' y "ADENOSINE-5'-MONOPHOSPHATE" ? 'C10 H14 N5 O7 P'   347.221 
C   'RNA linking' y "CYTIDINE-5'-MONOPHOSPHATE"  ? 'C9 H14 N3 O8 P'    323.197 
G   'RNA linking' y "GUANOSINE-5'-MONOPHOSPHATE" ? 'C10 H14 N5 O8 P'   363.221 
GTP non-polymer   n "GUANOSINE-5'-TRIPHOSPHATE"  ? 'C10 H16 N5 O14 P3' 523.180 
U   'RNA linking' y "URIDINE-5'-MONOPHOSPHATE"   ? 'C9 H13 N2 O9 P'    324.181 
# 
loop_
_pdbx_poly_seq_scheme.asym_id 
_pdbx_poly_seq_scheme.entity_id 
_pdbx_poly_seq_scheme.seq_id 
_pdbx_poly_seq_scheme.mon_id 
_pdbx_poly_seq_scheme.ndb_seq_num 
_pdbx_poly_seq_scheme.pdb_seq_num 
_pdbx_poly_seq_scheme.auth_seq_num 
_pdbx_poly_seq_scheme.pdb_mon_id 
_pdbx_poly_seq_scheme.auth_mon_id 
_pdbx_poly_seq_scheme.pdb_strand_id 
_pdbx_poly_seq_scheme.pdb_ins_code 
_pdbx_poly_seq_scheme.hetero 
A 1 1  GTP 1  6  6  GTP GTP V . n 
A 1 2  G   2  7  7  G   G   V . n 
A 1 3  C   3  8  8  C   C   V . n 
A 1 4  G   4  9  9  G   G   V . n 
A 1 5  U   5  10 10 U   U   V . n 
A 1 6  G   6  11 11 G   G   V . n 
A 1 7  G   7  12 12 G   G   V . n 
A 1 8  U   8  13 13 U   U   V . n 
A 1 9  C   9  14 14 C   C   V . n 
A 1 10 C   10 15 15 C   C   V . n 
A 1 11 G   11 16 16 G   G   V . n 
A 1 12 U   12 17 17 U   U   V . n 
A 1 13 U   13 18 18 U   U   V . n 
A 1 14 C   14 19 19 C   C   V . n 
A 1 15 A   15 20 20 A   A   V . n 
A 1 16 A   16 21 21 A   A   V . n 
A 1 17 C   17 22 22 C   C   V . n 
A 1 18 U   18 23 23 U   U   V . n 
A 1 19 C   19 24 24 C   C   V . n 
A 1 20 G   20 25 25 G   G   V . n 
A 1 21 U   21 26 26 U   U   V . n 
A 1 22 U   22 27 27 U   U   V . n 
A 1 23 C   23 28 28 C   C   V . n 
A 1 24 C   24 29 29 C   C   V . n 
A 1 25 U   25 30 30 U   U   V . n 
A 1 26 C   26 31 31 C   C   V . n 
A 1 27 G   27 32 32 G   G   V . n 
A 1 28 A   28 33 33 A   A   V . n 
A 1 29 A   29 34 34 A   A   V . n 
A 1 30 A   30 35 35 A   A   V . n 
A 1 31 G   31 37 37 G   G   V . n 
A 1 32 A   32 38 38 A   A   V . n 
A 1 33 G   33 39 39 G   G   V . n 
A 1 34 G   34 40 40 G   G   V . n 
A 1 35 A   35 41 41 A   A   V . n 
A 1 36 A   36 42 42 A   A   V . n 
A 1 37 C   37 43 43 C   C   V . n 
A 1 38 U   38 44 44 U   U   V . n 
A 1 39 A   39 45 45 A   A   V . n 
A 1 40 C   40 46 46 C   C   V . n 
A 1 41 G   41 47 47 G   G   V . n 
A 1 42 G   42 48 48 G   G   V . n 
A 1 43 G   43 49 49 G   G   V . n 
A 1 44 A   44 50 50 A   A   V . n 
A 1 45 G   45 51 51 G   G   V . n 
A 1 46 A   46 52 52 A   A   V . n 
A 1 47 C   47 53 53 C   C   V . n 
A 1 48 G   48 54 54 G   G   V . n 
A 1 49 C   49 55 55 C   C   V . n 
A 1 50 C   50 56 56 C   C   V . n 
# 
_pdbx_nonpoly_scheme.asym_id         B 
_pdbx_nonpoly_scheme.entity_id       2 
_pdbx_nonpoly_scheme.mon_id          7DG 
_pdbx_nonpoly_scheme.ndb_seq_num     1 
_pdbx_nonpoly_scheme.pdb_seq_num     101 
_pdbx_nonpoly_scheme.auth_seq_num    101 
_pdbx_nonpoly_scheme.pdb_mon_id      7DG 
_pdbx_nonpoly_scheme.auth_mon_id     7DG 
_pdbx_nonpoly_scheme.pdb_strand_id   V 
_pdbx_nonpoly_scheme.pdb_ins_code    . 
# 
loop_
_software.citation_id 
_software.classification 
_software.compiler_name 
_software.compiler_version 
_software.contact_author 
_software.contact_author_email 
_software.date 
_software.description 
_software.dependencies 
_software.hardware 
_software.language 
_software.location 
_software.mods 
_software.name 
_software.os 
_software.os_version 
_software.type 
_software.version 
_software.pdbx_ordinal 
? refinement        ? ? ? ? ? ? ? ? ? ? ? PHENIX      ? ? ? 1.20_4459 1 
? 'data scaling'    ? ? ? ? ? ? ? ? ? ? ? HKL-2000    ? ? ? .         2 
? 'data extraction' ? ? ? ? ? ? ? ? ? ? ? PDB_EXTRACT ? ? ? 3.27      3 
? 'data reduction'  ? ? ? ? ? ? ? ? ? ? ? HKL-2000    ? ? ? .         4 
? phasing           ? ? ? ? ? ? ? ? ? ? ? AutoSol     ? ? ? .         5 
# 
_cell.angle_alpha                  90.000 
_cell.angle_alpha_esd              ? 
_cell.angle_beta                   90.000 
_cell.angle_beta_esd               ? 
_cell.angle_gamma                  120.000 
_cell.angle_gamma_esd              ? 
_cell.entry_id                     7WIE 
_cell.details                      ? 
_cell.formula_units_Z              ? 
_cell.length_a                     66.944 
_cell.length_a_esd                 ? 
_cell.length_b                     66.944 
_cell.length_b_esd                 ? 
_cell.length_c                     94.572 
_cell.length_c_esd                 ? 
_cell.volume                       367042.642 
_cell.volume_esd                   ? 
_cell.Z_PDB                        6 
_cell.reciprocal_angle_alpha       ? 
_cell.reciprocal_angle_beta        ? 
_cell.reciprocal_angle_gamma       ? 
_cell.reciprocal_angle_alpha_esd   ? 
_cell.reciprocal_angle_beta_esd    ? 
_cell.reciprocal_angle_gamma_esd   ? 
_cell.reciprocal_length_a          ? 
_cell.reciprocal_length_b          ? 
_cell.reciprocal_length_c          ? 
_cell.reciprocal_length_a_esd      ? 
_cell.reciprocal_length_b_esd      ? 
_cell.reciprocal_length_c_esd      ? 
_cell.pdbx_unique_axis             ? 
_cell.pdbx_esd_method              ? 
# 
_symmetry.entry_id                         7WIE 
_symmetry.cell_setting                     ? 
_symmetry.Int_Tables_number                152 
_symmetry.space_group_name_Hall            
;P 31 2"
;
_symmetry.space_group_name_H-M             'P 31 2 1' 
_symmetry.pdbx_full_space_group_name_H-M   ? 
# 
_exptl.absorpt_coefficient_mu     ? 
_exptl.absorpt_correction_T_max   ? 
_exptl.absorpt_correction_T_min   ? 
_exptl.absorpt_correction_type    ? 
_exptl.absorpt_process_details    ? 
_exptl.entry_id                   7WIE 
_exptl.crystals_number            1 
_exptl.details                    ? 
_exptl.method                     'X-RAY DIFFRACTION' 
_exptl.method_details             ? 
# 
_exptl_crystal.colour                       ? 
_exptl_crystal.density_diffrn               ? 
_exptl_crystal.density_Matthews             3.77 
_exptl_crystal.density_method               ? 
_exptl_crystal.density_percent_sol          67.41 
_exptl_crystal.description                  ? 
_exptl_crystal.F_000                        ? 
_exptl_crystal.id                           1 
_exptl_crystal.preparation                  ? 
_exptl_crystal.size_max                     ? 
_exptl_crystal.size_mid                     ? 
_exptl_crystal.size_min                     ? 
_exptl_crystal.size_rad                     ? 
_exptl_crystal.colour_lustre                ? 
_exptl_crystal.colour_modifier              ? 
_exptl_crystal.colour_primary               ? 
_exptl_crystal.density_meas                 ? 
_exptl_crystal.density_meas_esd             ? 
_exptl_crystal.density_meas_gt              ? 
_exptl_crystal.density_meas_lt              ? 
_exptl_crystal.density_meas_temp            ? 
_exptl_crystal.density_meas_temp_esd        ? 
_exptl_crystal.density_meas_temp_gt         ? 
_exptl_crystal.density_meas_temp_lt         ? 
_exptl_crystal.pdbx_crystal_image_url       ? 
_exptl_crystal.pdbx_crystal_image_format    ? 
_exptl_crystal.pdbx_mosaicity               ? 
_exptl_crystal.pdbx_mosaicity_esd           ? 
_exptl_crystal.pdbx_mosaic_method           ? 
_exptl_crystal.pdbx_mosaic_block_size       ? 
_exptl_crystal.pdbx_mosaic_block_size_esd   ? 
# 
_exptl_crystal_grow.apparatus       ? 
_exptl_crystal_grow.atmosphere      ? 
_exptl_crystal_grow.crystal_id      1 
_exptl_crystal_grow.details         ? 
_exptl_crystal_grow.method          'VAPOR DIFFUSION, HANGING DROP' 
_exptl_crystal_grow.method_ref      ? 
_exptl_crystal_grow.pH              ? 
_exptl_crystal_grow.pressure        ? 
_exptl_crystal_grow.pressure_esd    ? 
_exptl_crystal_grow.seeding         ? 
_exptl_crystal_grow.seeding_ref     ? 
_exptl_crystal_grow.temp_details    ? 
_exptl_crystal_grow.temp_esd        ? 
_exptl_crystal_grow.time            ? 
_exptl_crystal_grow.pdbx_details    '100mM sodium citrate pH6.5, 1.5-2.5M Ammonium Sulfate' 
_exptl_crystal_grow.pdbx_pH_range   ? 
_exptl_crystal_grow.temp            291 
# 
_diffrn.ambient_environment              ? 
_diffrn.ambient_temp                     100 
_diffrn.ambient_temp_details             ? 
_diffrn.ambient_temp_esd                 ? 
_diffrn.crystal_id                       1 
_diffrn.crystal_support                  ? 
_diffrn.crystal_treatment                ? 
_diffrn.details                          ? 
_diffrn.id                               1 
_diffrn.ambient_pressure                 ? 
_diffrn.ambient_pressure_esd             ? 
_diffrn.ambient_pressure_gt              ? 
_diffrn.ambient_pressure_lt              ? 
_diffrn.ambient_temp_gt                  ? 
_diffrn.ambient_temp_lt                  ? 
_diffrn.pdbx_serial_crystal_experiment   N 
# 
_diffrn_detector.details                      ? 
_diffrn_detector.detector                     PIXEL 
_diffrn_detector.diffrn_id                    1 
_diffrn_detector.type                         'DECTRIS PILATUS 6M' 
_diffrn_detector.area_resol_mean              ? 
_diffrn_detector.dtime                        ? 
_diffrn_detector.pdbx_frames_total            ? 
_diffrn_detector.pdbx_collection_time_total   ? 
_diffrn_detector.pdbx_collection_date         2021-10-06 
_diffrn_detector.pdbx_frequency               ? 
# 
_diffrn_radiation.collimation                      ? 
_diffrn_radiation.diffrn_id                        1 
_diffrn_radiation.filter_edge                      ? 
_diffrn_radiation.inhomogeneity                    ? 
_diffrn_radiation.monochromator                    ? 
_diffrn_radiation.polarisn_norm                    ? 
_diffrn_radiation.polarisn_ratio                   ? 
_diffrn_radiation.probe                            ? 
_diffrn_radiation.type                             ? 
_diffrn_radiation.xray_symbol                      ? 
_diffrn_radiation.wavelength_id                    1 
_diffrn_radiation.pdbx_monochromatic_or_laue_m_l   M 
_diffrn_radiation.pdbx_wavelength_list             ? 
_diffrn_radiation.pdbx_wavelength                  ? 
_diffrn_radiation.pdbx_diffrn_protocol             'SINGLE WAVELENGTH' 
_diffrn_radiation.pdbx_analyzer                    ? 
_diffrn_radiation.pdbx_scattering_type             x-ray 
# 
_diffrn_radiation_wavelength.id           1 
_diffrn_radiation_wavelength.wavelength   0.979 
_diffrn_radiation_wavelength.wt           1.0 
# 
_diffrn_source.current                     ? 
_diffrn_source.details                     ? 
_diffrn_source.diffrn_id                   1 
_diffrn_source.power                       ? 
_diffrn_source.size                        ? 
_diffrn_source.source                      SYNCHROTRON 
_diffrn_source.target                      ? 
_diffrn_source.type                        'SSRF BEAMLINE BL19U1' 
_diffrn_source.voltage                     ? 
_diffrn_source.take-off_angle              ? 
_diffrn_source.pdbx_wavelength_list        0.979 
_diffrn_source.pdbx_wavelength             ? 
_diffrn_source.pdbx_synchrotron_beamline   BL19U1 
_diffrn_source.pdbx_synchrotron_site       SSRF 
# 
_reflns.B_iso_Wilson_estimate                          93.87 
_reflns.entry_id                                       7WIE 
_reflns.data_reduction_details                         ? 
_reflns.data_reduction_method                          ? 
_reflns.d_resolution_high                              2.90 
_reflns.d_resolution_low                               50.00 
_reflns.details                                        ? 
_reflns.limit_h_max                                    ? 
_reflns.limit_h_min                                    ? 
_reflns.limit_k_max                                    ? 
_reflns.limit_k_min                                    ? 
_reflns.limit_l_max                                    ? 
_reflns.limit_l_min                                    ? 
_reflns.number_all                                     ? 
_reflns.number_obs                                     5770 
_reflns.observed_criterion                             ? 
_reflns.observed_criterion_F_max                       ? 
_reflns.observed_criterion_F_min                       ? 
_reflns.observed_criterion_I_max                       ? 
_reflns.observed_criterion_I_min                       ? 
_reflns.observed_criterion_sigma_F                     ? 
_reflns.observed_criterion_sigma_I                     ? 
_reflns.percent_possible_obs                           99.7 
_reflns.R_free_details                                 ? 
_reflns.Rmerge_F_all                                   ? 
_reflns.Rmerge_F_obs                                   ? 
_reflns.Friedel_coverage                               ? 
_reflns.number_gt                                      ? 
_reflns.threshold_expression                           ? 
_reflns.pdbx_redundancy                                9.4 
_reflns.pdbx_netI_over_av_sigmaI                       ? 
_reflns.pdbx_netI_over_sigmaI                          11.7 
_reflns.pdbx_res_netI_over_av_sigmaI_2                 ? 
_reflns.pdbx_res_netI_over_sigmaI_2                    ? 
_reflns.pdbx_chi_squared                               0.033 
_reflns.pdbx_scaling_rejects                           ? 
_reflns.pdbx_d_res_high_opt                            ? 
_reflns.pdbx_d_res_low_opt                             ? 
_reflns.pdbx_d_res_opt_method                          ? 
_reflns.phase_calculation_details                      ? 
_reflns.pdbx_Rrim_I_all                                0.094 
_reflns.pdbx_Rpim_I_all                                ? 
_reflns.pdbx_d_opt                                     ? 
_reflns.pdbx_number_measured_all                       98354 
_reflns.pdbx_diffrn_id                                 1 
_reflns.pdbx_ordinal                                   1 
_reflns.pdbx_CC_half                                   0.944 
_reflns.pdbx_CC_star                                   ? 
_reflns.pdbx_R_split                                   ? 
_reflns.pdbx_Rmerge_I_obs                              0.091 
_reflns.pdbx_Rmerge_I_all                              ? 
_reflns.pdbx_Rsym_value                                ? 
_reflns.pdbx_CC_split_method                           ? 
_reflns.pdbx_aniso_diffraction_limit_axis_1_ortho[1]   ? 
_reflns.pdbx_aniso_diffraction_limit_axis_1_ortho[2]   ? 
_reflns.pdbx_aniso_diffraction_limit_axis_1_ortho[3]   ? 
_reflns.pdbx_aniso_diffraction_limit_axis_2_ortho[1]   ? 
_reflns.pdbx_aniso_diffraction_limit_axis_2_ortho[2]   ? 
_reflns.pdbx_aniso_diffraction_limit_axis_2_ortho[3]   ? 
_reflns.pdbx_aniso_diffraction_limit_axis_3_ortho[1]   ? 
_reflns.pdbx_aniso_diffraction_limit_axis_3_ortho[2]   ? 
_reflns.pdbx_aniso_diffraction_limit_axis_3_ortho[3]   ? 
_reflns.pdbx_aniso_diffraction_limit_1                 ? 
_reflns.pdbx_aniso_diffraction_limit_2                 ? 
_reflns.pdbx_aniso_diffraction_limit_3                 ? 
_reflns.pdbx_aniso_B_tensor_eigenvector_1_ortho[1]     ? 
_reflns.pdbx_aniso_B_tensor_eigenvector_1_ortho[2]     ? 
_reflns.pdbx_aniso_B_tensor_eigenvector_1_ortho[3]     ? 
_reflns.pdbx_aniso_B_tensor_eigenvector_2_ortho[1]     ? 
_reflns.pdbx_aniso_B_tensor_eigenvector_2_ortho[2]     ? 
_reflns.pdbx_aniso_B_tensor_eigenvector_2_ortho[3]     ? 
_reflns.pdbx_aniso_B_tensor_eigenvector_3_ortho[1]     ? 
_reflns.pdbx_aniso_B_tensor_eigenvector_3_ortho[2]     ? 
_reflns.pdbx_aniso_B_tensor_eigenvector_3_ortho[3]     ? 
_reflns.pdbx_aniso_B_tensor_eigenvalue_1               ? 
_reflns.pdbx_aniso_B_tensor_eigenvalue_2               ? 
_reflns.pdbx_aniso_B_tensor_eigenvalue_3               ? 
_reflns.pdbx_orthogonalization_convention              ? 
_reflns.pdbx_percent_possible_ellipsoidal              ? 
_reflns.pdbx_percent_possible_spherical                ? 
_reflns.pdbx_percent_possible_ellipsoidal_anomalous    ? 
_reflns.pdbx_percent_possible_spherical_anomalous      ? 
_reflns.pdbx_redundancy_anomalous                      ? 
_reflns.pdbx_CC_half_anomalous                         ? 
_reflns.pdbx_absDiff_over_sigma_anomalous              ? 
_reflns.pdbx_percent_possible_anomalous                ? 
_reflns.pdbx_observed_signal_threshold                 ? 
_reflns.pdbx_signal_type                               ? 
_reflns.pdbx_signal_details                            ? 
_reflns.pdbx_signal_software_id                        ? 
# 
loop_
_reflns_shell.d_res_high 
_reflns_shell.d_res_low 
_reflns_shell.meanI_over_sigI_all 
_reflns_shell.meanI_over_sigI_obs 
_reflns_shell.number_measured_all 
_reflns_shell.number_measured_obs 
_reflns_shell.number_possible 
_reflns_shell.number_unique_all 
_reflns_shell.number_unique_obs 
_reflns_shell.percent_possible_obs 
_reflns_shell.Rmerge_F_all 
_reflns_shell.Rmerge_F_obs 
_reflns_shell.meanI_over_sigI_gt 
_reflns_shell.meanI_over_uI_all 
_reflns_shell.meanI_over_uI_gt 
_reflns_shell.number_measured_gt 
_reflns_shell.number_unique_gt 
_reflns_shell.percent_possible_gt 
_reflns_shell.Rmerge_F_gt 
_reflns_shell.Rmerge_I_gt 
_reflns_shell.pdbx_redundancy 
_reflns_shell.pdbx_chi_squared 
_reflns_shell.pdbx_netI_over_sigmaI_all 
_reflns_shell.pdbx_netI_over_sigmaI_obs 
_reflns_shell.pdbx_Rrim_I_all 
_reflns_shell.pdbx_Rpim_I_all 
_reflns_shell.pdbx_rejects 
_reflns_shell.pdbx_ordinal 
_reflns_shell.pdbx_diffrn_id 
_reflns_shell.pdbx_CC_half 
_reflns_shell.pdbx_CC_star 
_reflns_shell.pdbx_R_split 
_reflns_shell.percent_possible_all 
_reflns_shell.Rmerge_I_all 
_reflns_shell.Rmerge_I_obs 
_reflns_shell.pdbx_Rsym_value 
_reflns_shell.pdbx_percent_possible_ellipsoidal 
_reflns_shell.pdbx_percent_possible_spherical 
_reflns_shell.pdbx_percent_possible_ellipsoidal_anomalous 
_reflns_shell.pdbx_percent_possible_spherical_anomalous 
_reflns_shell.pdbx_redundancy_anomalous 
_reflns_shell.pdbx_CC_half_anomalous 
_reflns_shell.pdbx_absDiff_over_sigma_anomalous 
_reflns_shell.pdbx_percent_possible_anomalous 
2.90 2.95  ? ? ? ? ? ? 519 ? ? ? ? ? ? ? ? ? ? ? 8.3  1.249 ? ? ? ? ? 1  1 ? ? ? 96.8  ? 1.132 ? ? ? ? ? ? ? ? ? 
2.95 3.00  ? ? ? ? ? ? 519 ? ? ? ? ? ? ? ? ? ? ? 8.6  1.308 ? ? ? ? ? 2  1 ? ? ? 99.2  ? 0.731 ? ? ? ? ? ? ? ? ? 
3.00 3.06  ? ? ? ? ? ? 501 ? ? ? ? ? ? ? ? ? ? ? 8.8  1.497 ? ? ? ? ? 3  1 ? ? ? 99.8  ? 0.403 ? ? ? ? ? ? ? ? ? 
3.06 3.12  ? ? ? ? ? ? 562 ? ? ? ? ? ? ? ? ? ? ? 9.1  1.524 ? ? ? ? ? 4  1 ? ? ? 100.0 ? 0.342 ? ? ? ? ? ? ? ? ? 
3.12 3.19  ? ? ? ? ? ? 515 ? ? ? ? ? ? ? ? ? ? ? 9.2  1.609 ? ? ? ? ? 5  1 ? ? ? 100.0 ? 0.290 ? ? ? ? ? ? ? ? ? 
3.19 3.27  ? ? ? ? ? ? 491 ? ? ? ? ? ? ? ? ? ? ? 8.8  1.336 ? ? ? ? ? 6  1 ? ? ? 99.8  ? 0.264 ? ? ? ? ? ? ? ? ? 
3.27 3.35  ? ? ? ? ? ? 576 ? ? ? ? ? ? ? ? ? ? ? 9.7  1.305 ? ? ? ? ? 7  1 ? ? ? 100.0 ? 0.186 ? ? ? ? ? ? ? ? ? 
3.35 3.44  ? ? ? ? ? ? 488 ? ? ? ? ? ? ? ? ? ? ? 10.5 1.315 ? ? ? ? ? 8  1 ? ? ? 100.0 ? 0.197 ? ? ? ? ? ? ? ? ? 
3.44 3.54  ? ? ? ? ? ? 553 ? ? ? ? ? ? ? ? ? ? ? 10.4 1.335 ? ? ? ? ? 9  1 ? ? ? 100.0 ? 0.209 ? ? ? ? ? ? ? ? ? 
3.54 3.65  ? ? ? ? ? ? 532 ? ? ? ? ? ? ? ? ? ? ? 10.4 1.370 ? ? ? ? ? 10 1 ? ? ? 100.0 ? 0.166 ? ? ? ? ? ? ? ? ? 
3.65 3.78  ? ? ? ? ? ? 510 ? ? ? ? ? ? ? ? ? ? ? 10.1 1.270 ? ? ? ? ? 11 1 ? ? ? 100.0 ? 0.133 ? ? ? ? ? ? ? ? ? 
3.78 3.94  ? ? ? ? ? ? 564 ? ? ? ? ? ? ? ? ? ? ? 10.0 1.361 ? ? ? ? ? 12 1 ? ? ? 100.0 ? 0.124 ? ? ? ? ? ? ? ? ? 
3.94 4.11  ? ? ? ? ? ? 497 ? ? ? ? ? ? ? ? ? ? ? 9.7  1.419 ? ? ? ? ? 13 1 ? ? ? 100.0 ? 0.120 ? ? ? ? ? ? ? ? ? 
4.11 4.33  ? ? ? ? ? ? 505 ? ? ? ? ? ? ? ? ? ? ? 8.4  1.404 ? ? ? ? ? 14 1 ? ? ? 100.0 ? 0.104 ? ? ? ? ? ? ? ? ? 
4.33 4.60  ? ? ? ? ? ? 522 ? ? ? ? ? ? ? ? ? ? ? 9.9  1.033 ? ? ? ? ? 15 1 ? ? ? 100.0 ? 0.099 ? ? ? ? ? ? ? ? ? 
4.60 4.96  ? ? ? ? ? ? 524 ? ? ? ? ? ? ? ? ? ? ? 9.7  1.064 ? ? ? ? ? 16 1 ? ? ? 100.0 ? 0.097 ? ? ? ? ? ? ? ? ? 
4.96 5.46  ? ? ? ? ? ? 532 ? ? ? ? ? ? ? ? ? ? ? 9.4  1.201 ? ? ? ? ? 17 1 ? ? ? 99.8  ? 0.089 ? ? ? ? ? ? ? ? ? 
5.46 6.24  ? ? ? ? ? ? 541 ? ? ? ? ? ? ? ? ? ? ? 8.6  1.224 ? ? ? ? ? 18 1 ? ? ? 100.0 ? 0.083 ? ? ? ? ? ? ? ? ? 
6.24 7.86  ? ? ? ? ? ? 533 ? ? ? ? ? ? ? ? ? ? ? 9.0  1.335 ? ? ? ? ? 19 1 ? ? ? 100.0 ? 0.078 ? ? ? ? ? ? ? ? ? 
7.86 50.00 ? ? ? ? ? ? 531 ? ? ? ? ? ? ? ? ? ? ? 8.2  1.427 ? ? ? ? ? 20 1 ? ? ? 99.3  ? 0.070 ? ? ? ? ? ? ? ? ? 
# 
_refine.aniso_B[1][1]                            ? 
_refine.aniso_B[1][2]                            ? 
_refine.aniso_B[1][3]                            ? 
_refine.aniso_B[2][2]                            ? 
_refine.aniso_B[2][3]                            ? 
_refine.aniso_B[3][3]                            ? 
_refine.B_iso_max                                ? 
_refine.B_iso_mean                               108.24 
_refine.B_iso_min                                ? 
_refine.correlation_coeff_Fo_to_Fc               ? 
_refine.correlation_coeff_Fo_to_Fc_free          ? 
_refine.details                                  ? 
_refine.diff_density_max                         ? 
_refine.diff_density_max_esd                     ? 
_refine.diff_density_min                         ? 
_refine.diff_density_min_esd                     ? 
_refine.diff_density_rms                         ? 
_refine.diff_density_rms_esd                     ? 
_refine.entry_id                                 7WIE 
_refine.pdbx_refine_id                           'X-RAY DIFFRACTION' 
_refine.ls_abs_structure_details                 ? 
_refine.ls_abs_structure_Flack                   ? 
_refine.ls_abs_structure_Flack_esd               ? 
_refine.ls_abs_structure_Rogers                  ? 
_refine.ls_abs_structure_Rogers_esd              ? 
_refine.ls_d_res_high                            2.90 
_refine.ls_d_res_low                             28.99 
_refine.ls_extinction_coef                       ? 
_refine.ls_extinction_coef_esd                   ? 
_refine.ls_extinction_expression                 ? 
_refine.ls_extinction_method                     ? 
_refine.ls_goodness_of_fit_all                   ? 
_refine.ls_goodness_of_fit_all_esd               ? 
_refine.ls_goodness_of_fit_obs                   ? 
_refine.ls_goodness_of_fit_obs_esd               ? 
_refine.ls_hydrogen_treatment                    ? 
_refine.ls_matrix_type                           ? 
_refine.ls_number_constraints                    ? 
_refine.ls_number_parameters                     ? 
_refine.ls_number_reflns_all                     ? 
_refine.ls_number_reflns_obs                     5708 
_refine.ls_number_reflns_R_free                  288 
_refine.ls_number_reflns_R_work                  5420 
_refine.ls_number_restraints                     ? 
_refine.ls_percent_reflns_obs                    99.18 
_refine.ls_percent_reflns_R_free                 5.05 
_refine.ls_R_factor_all                          ? 
_refine.ls_R_factor_obs                          0.1749 
_refine.ls_R_factor_R_free                       0.2047 
_refine.ls_R_factor_R_free_error                 ? 
_refine.ls_R_factor_R_free_error_details         ? 
_refine.ls_R_factor_R_work                       0.1734 
_refine.ls_R_Fsqd_factor_obs                     ? 
_refine.ls_R_I_factor_obs                        ? 
_refine.ls_redundancy_reflns_all                 ? 
_refine.ls_redundancy_reflns_obs                 ? 
_refine.ls_restrained_S_all                      ? 
_refine.ls_restrained_S_obs                      ? 
_refine.ls_shift_over_esd_max                    ? 
_refine.ls_shift_over_esd_mean                   ? 
_refine.ls_structure_factor_coef                 ? 
_refine.ls_weighting_details                     ? 
_refine.ls_weighting_scheme                      ? 
_refine.ls_wR_factor_all                         ? 
_refine.ls_wR_factor_obs                         ? 
_refine.ls_wR_factor_R_free                      ? 
_refine.ls_wR_factor_R_work                      ? 
_refine.occupancy_max                            ? 
_refine.occupancy_min                            ? 
_refine.solvent_model_details                    'FLAT BULK SOLVENT MODEL' 
_refine.solvent_model_param_bsol                 ? 
_refine.solvent_model_param_ksol                 ? 
_refine.pdbx_R_complete                          ? 
_refine.ls_R_factor_gt                           ? 
_refine.ls_goodness_of_fit_gt                    ? 
_refine.ls_goodness_of_fit_ref                   ? 
_refine.ls_shift_over_su_max                     ? 
_refine.ls_shift_over_su_max_lt                  ? 
_refine.ls_shift_over_su_mean                    ? 
_refine.ls_shift_over_su_mean_lt                 ? 
_refine.pdbx_ls_sigma_I                          ? 
_refine.pdbx_ls_sigma_F                          1.34 
_refine.pdbx_ls_sigma_Fsqd                       ? 
_refine.pdbx_data_cutoff_high_absF               ? 
_refine.pdbx_data_cutoff_high_rms_absF           ? 
_refine.pdbx_data_cutoff_low_absF                ? 
_refine.pdbx_isotropic_thermal_model             ? 
_refine.pdbx_ls_cross_valid_method               'FREE R-VALUE' 
_refine.pdbx_method_to_determine_struct          'MOLECULAR REPLACEMENT' 
_refine.pdbx_starting_model                      7WI9 
_refine.pdbx_stereochemistry_target_values       'GeoStd + Monomer Library + CDL v1.2' 
_refine.pdbx_R_Free_selection_details            ? 
_refine.pdbx_stereochem_target_val_spec_case     ? 
_refine.pdbx_overall_ESU_R                       ? 
_refine.pdbx_overall_ESU_R_Free                  ? 
_refine.pdbx_solvent_vdw_probe_radii             1.1000 
_refine.pdbx_solvent_ion_probe_radii             ? 
_refine.pdbx_solvent_shrinkage_radii             0.9000 
_refine.pdbx_real_space_R                        ? 
_refine.pdbx_density_correlation                 ? 
_refine.pdbx_pd_number_of_powder_patterns        ? 
_refine.pdbx_pd_number_of_points                 ? 
_refine.pdbx_pd_meas_number_of_points            ? 
_refine.pdbx_pd_proc_ls_prof_R_factor            ? 
_refine.pdbx_pd_proc_ls_prof_wR_factor           ? 
_refine.pdbx_pd_Marquardt_correlation_coeff      ? 
_refine.pdbx_pd_Fsqrd_R_factor                   ? 
_refine.pdbx_pd_ls_matrix_band_width             ? 
_refine.pdbx_overall_phase_error                 23.2049 
_refine.pdbx_overall_SU_R_free_Cruickshank_DPI   ? 
_refine.pdbx_overall_SU_R_free_Blow_DPI          ? 
_refine.pdbx_overall_SU_R_Blow_DPI               ? 
_refine.pdbx_TLS_residual_ADP_flag               ? 
_refine.pdbx_diffrn_id                           1 
_refine.overall_SU_B                             ? 
_refine.overall_SU_ML                            0.1112 
_refine.overall_SU_R_Cruickshank_DPI             ? 
_refine.overall_SU_R_free                        ? 
_refine.overall_FOM_free_R_set                   ? 
_refine.overall_FOM_work_R_set                   ? 
_refine.pdbx_average_fsc_overall                 ? 
_refine.pdbx_average_fsc_work                    ? 
_refine.pdbx_average_fsc_free                    ? 
# 
_refine_hist.pdbx_refine_id                   'X-RAY DIFFRACTION' 
_refine_hist.cycle_id                         LAST 
_refine_hist.details                          ? 
_refine_hist.d_res_high                       2.90 
_refine_hist.d_res_low                        28.99 
_refine_hist.number_atoms_solvent             0 
_refine_hist.number_atoms_total               1090 
_refine_hist.number_reflns_all                ? 
_refine_hist.number_reflns_obs                ? 
_refine_hist.number_reflns_R_free             ? 
_refine_hist.number_reflns_R_work             ? 
_refine_hist.R_factor_all                     ? 
_refine_hist.R_factor_obs                     ? 
_refine_hist.R_factor_R_free                  ? 
_refine_hist.R_factor_R_work                  ? 
_refine_hist.pdbx_number_residues_total       ? 
_refine_hist.pdbx_B_iso_mean_ligand           ? 
_refine_hist.pdbx_B_iso_mean_solvent          ? 
_refine_hist.pdbx_number_atoms_protein        0 
_refine_hist.pdbx_number_atoms_nucleic_acid   1079 
_refine_hist.pdbx_number_atoms_ligand         11 
_refine_hist.pdbx_number_atoms_lipid          ? 
_refine_hist.pdbx_number_atoms_carb           ? 
_refine_hist.pdbx_pseudo_atom_details         ? 
# 
loop_
_refine_ls_restr.pdbx_refine_id 
_refine_ls_restr.criterion 
_refine_ls_restr.dev_ideal 
_refine_ls_restr.dev_ideal_target 
_refine_ls_restr.number 
_refine_ls_restr.rejects 
_refine_ls_restr.type 
_refine_ls_restr.weight 
_refine_ls_restr.pdbx_restraint_function 
'X-RAY DIFFRACTION' ? 0.0023  ? 1217 ? f_bond_d           ? ? 
'X-RAY DIFFRACTION' ? 0.6437  ? 1897 ? f_angle_d          ? ? 
'X-RAY DIFFRACTION' ? 0.0314  ? 252  ? f_chiral_restr     ? ? 
'X-RAY DIFFRACTION' ? 0.0029  ? 51   ? f_plane_restr      ? ? 
'X-RAY DIFFRACTION' ? 11.2422 ? 621  ? f_dihedral_angle_d ? ? 
# 
loop_
_refine_ls_shell.pdbx_refine_id 
_refine_ls_shell.d_res_high 
_refine_ls_shell.d_res_low 
_refine_ls_shell.number_reflns_all 
_refine_ls_shell.number_reflns_obs 
_refine_ls_shell.number_reflns_R_free 
_refine_ls_shell.number_reflns_R_work 
_refine_ls_shell.percent_reflns_obs 
_refine_ls_shell.percent_reflns_R_free 
_refine_ls_shell.R_factor_all 
_refine_ls_shell.R_factor_obs 
_refine_ls_shell.R_factor_R_free_error 
_refine_ls_shell.R_factor_R_work 
_refine_ls_shell.redundancy_reflns_all 
_refine_ls_shell.redundancy_reflns_obs 
_refine_ls_shell.wR_factor_all 
_refine_ls_shell.wR_factor_obs 
_refine_ls_shell.wR_factor_R_free 
_refine_ls_shell.wR_factor_R_work 
_refine_ls_shell.pdbx_R_complete 
_refine_ls_shell.pdbx_total_number_of_bins_used 
_refine_ls_shell.pdbx_phase_error 
_refine_ls_shell.pdbx_fsc_work 
_refine_ls_shell.pdbx_fsc_free 
_refine_ls_shell.R_factor_R_free 
'X-RAY DIFFRACTION' 2.90 3.65  . . 136 2644 98.55 . . . . 0.2500 . . . . . . . . . . . 0.2860 
'X-RAY DIFFRACTION' 3.65 28.99 . . 152 2776 99.80 . . . . 0.1556 . . . . . . . . . . . 0.1854 
# 
_struct.entry_id                     7WIE 
_struct.title                        'The THF-II riboswitch bound to 7DG' 
_struct.pdbx_model_details           ? 
_struct.pdbx_formula_weight          ? 
_struct.pdbx_formula_weight_method   ? 
_struct.pdbx_model_type_details      ? 
_struct.pdbx_CASP_flag               N 
# 
_struct_keywords.entry_id        7WIE 
_struct_keywords.text            'Holo form, RNA' 
_struct_keywords.pdbx_keywords   RNA 
# 
loop_
_struct_asym.id 
_struct_asym.pdbx_blank_PDB_chainid_flag 
_struct_asym.pdbx_modified 
_struct_asym.entity_id 
_struct_asym.details 
A N N 1 ? 
B N N 2 ? 
# 
_struct_ref.id                         1 
_struct_ref.db_name                    PDB 
_struct_ref.db_code                    7WIE 
_struct_ref.pdbx_db_accession          7WIE 
_struct_ref.pdbx_db_isoform            ? 
_struct_ref.entity_id                  1 
_struct_ref.pdbx_seq_one_letter_code   ? 
_struct_ref.pdbx_align_begin           1 
# 
_struct_ref_seq.align_id                      1 
_struct_ref_seq.ref_id                        1 
_struct_ref_seq.pdbx_PDB_id_code              7WIE 
_struct_ref_seq.pdbx_strand_id                V 
_struct_ref_seq.seq_align_beg                 1 
_struct_ref_seq.pdbx_seq_align_beg_ins_code   ? 
_struct_ref_seq.seq_align_end                 50 
_struct_ref_seq.pdbx_seq_align_end_ins_code   ? 
_struct_ref_seq.pdbx_db_accession             7WIE 
_struct_ref_seq.db_align_beg                  6 
_struct_ref_seq.pdbx_db_align_beg_ins_code    ? 
_struct_ref_seq.db_align_end                  56 
_struct_ref_seq.pdbx_db_align_end_ins_code    ? 
_struct_ref_seq.pdbx_auth_seq_align_beg       6 
_struct_ref_seq.pdbx_auth_seq_align_end       56 
# 
_pdbx_struct_assembly.id                   1 
_pdbx_struct_assembly.details              author_defined_assembly 
_pdbx_struct_assembly.method_details       ? 
_pdbx_struct_assembly.oligomeric_details   monomeric 
_pdbx_struct_assembly.oligomeric_count     1 
# 
_pdbx_struct_assembly_gen.assembly_id       1 
_pdbx_struct_assembly_gen.oper_expression   1 
_pdbx_struct_assembly_gen.asym_id_list      A,B 
# 
_pdbx_struct_assembly_auth_evidence.id                     1 
_pdbx_struct_assembly_auth_evidence.assembly_id            1 
_pdbx_struct_assembly_auth_evidence.experimental_support   none 
_pdbx_struct_assembly_auth_evidence.details                ? 
# 
_pdbx_struct_oper_list.id                   1 
_pdbx_struct_oper_list.type                 'identity operation' 
_pdbx_struct_oper_list.name                 1_555 
_pdbx_struct_oper_list.symmetry_operation   x,y,z 
_pdbx_struct_oper_list.matrix[1][1]         1.0000000000 
_pdbx_struct_oper_list.matrix[1][2]         0.0000000000 
_pdbx_struct_oper_list.matrix[1][3]         0.0000000000 
_pdbx_struct_oper_list.vector[1]            0.0000000000 
_pdbx_struct_oper_list.matrix[2][1]         0.0000000000 
_pdbx_struct_oper_list.matrix[2][2]         1.0000000000 
_pdbx_struct_oper_list.matrix[2][3]         0.0000000000 
_pdbx_struct_oper_list.vector[2]            0.0000000000 
_pdbx_struct_oper_list.matrix[3][1]         0.0000000000 
_pdbx_struct_oper_list.matrix[3][2]         0.0000000000 
_pdbx_struct_oper_list.matrix[3][3]         1.0000000000 
_pdbx_struct_oper_list.vector[3]            0.0000000000 
# 
loop_
_struct_conn.id 
_struct_conn.conn_type_id 
_struct_conn.pdbx_leaving_atom_flag 
_struct_conn.pdbx_PDB_id 
_struct_conn.ptnr1_label_asym_id 
_struct_conn.ptnr1_label_comp_id 
_struct_conn.ptnr1_label_seq_id 
_struct_conn.ptnr1_label_atom_id 
_struct_conn.pdbx_ptnr1_label_alt_id 
_struct_conn.pdbx_ptnr1_PDB_ins_code 
_struct_conn.pdbx_ptnr1_standard_comp_id 
_struct_conn.ptnr1_symmetry 
_struct_conn.ptnr2_label_asym_id 
_struct_conn.ptnr2_label_comp_id 
_struct_conn.ptnr2_label_seq_id 
_struct_conn.ptnr2_label_atom_id 
_struct_conn.pdbx_ptnr2_label_alt_id 
_struct_conn.pdbx_ptnr2_PDB_ins_code 
_struct_conn.ptnr1_auth_asym_id 
_struct_conn.ptnr1_auth_comp_id 
_struct_conn.ptnr1_auth_seq_id 
_struct_conn.ptnr2_auth_asym_id 
_struct_conn.ptnr2_auth_comp_id 
_struct_conn.ptnr2_auth_seq_id 
_struct_conn.ptnr2_symmetry 
_struct_conn.pdbx_ptnr3_label_atom_id 
_struct_conn.pdbx_ptnr3_label_seq_id 
_struct_conn.pdbx_ptnr3_label_comp_id 
_struct_conn.pdbx_ptnr3_label_asym_id 
_struct_conn.pdbx_ptnr3_label_alt_id 
_struct_conn.pdbx_ptnr3_PDB_ins_code 
_struct_conn.details 
_struct_conn.pdbx_dist_value 
_struct_conn.pdbx_value_order 
_struct_conn.pdbx_role 
covale1  covale both ? A GTP 1  "O3'" ? ? ? 1_555 A G 2  P  ? ? V GTP 6  V G 7  1_555 ? ? ? ? ? ? ?             1.602 ? ? 
hydrog1  hydrog ?    ? A GTP 1  N1    ? ? ? 1_555 A C 50 N3 ? ? V GTP 6  V C 56 1_555 ? ? ? ? ? ? WATSON-CRICK  ?     ? ? 
hydrog2  hydrog ?    ? A GTP 1  N2    ? ? ? 1_555 A C 50 O2 ? ? V GTP 6  V C 56 1_555 ? ? ? ? ? ? WATSON-CRICK  ?     ? ? 
hydrog3  hydrog ?    ? A GTP 1  O6    ? ? ? 1_555 A C 50 N4 ? ? V GTP 6  V C 56 1_555 ? ? ? ? ? ? WATSON-CRICK  ?     ? ? 
hydrog4  hydrog ?    ? A G   2  N1    ? ? ? 1_555 A C 49 N3 ? ? V G   7  V C 55 1_555 ? ? ? ? ? ? WATSON-CRICK  ?     ? ? 
hydrog5  hydrog ?    ? A G   2  N2    ? ? ? 1_555 A C 49 O2 ? ? V G   7  V C 55 1_555 ? ? ? ? ? ? WATSON-CRICK  ?     ? ? 
hydrog6  hydrog ?    ? A G   2  O6    ? ? ? 1_555 A C 49 N4 ? ? V G   7  V C 55 1_555 ? ? ? ? ? ? WATSON-CRICK  ?     ? ? 
hydrog7  hydrog ?    ? A C   3  N3    ? ? ? 1_555 A G 48 N1 ? ? V C   8  V G 54 1_555 ? ? ? ? ? ? WATSON-CRICK  ?     ? ? 
hydrog8  hydrog ?    ? A C   3  N4    ? ? ? 1_555 A G 48 O6 ? ? V C   8  V G 54 1_555 ? ? ? ? ? ? WATSON-CRICK  ?     ? ? 
hydrog9  hydrog ?    ? A C   3  O2    ? ? ? 1_555 A G 48 N2 ? ? V C   8  V G 54 1_555 ? ? ? ? ? ? WATSON-CRICK  ?     ? ? 
hydrog10 hydrog ?    ? A G   4  N1    ? ? ? 1_555 A C 47 N3 ? ? V G   9  V C 53 1_555 ? ? ? ? ? ? WATSON-CRICK  ?     ? ? 
hydrog11 hydrog ?    ? A G   4  N2    ? ? ? 1_555 A C 47 O2 ? ? V G   9  V C 53 1_555 ? ? ? ? ? ? WATSON-CRICK  ?     ? ? 
hydrog12 hydrog ?    ? A G   4  O6    ? ? ? 1_555 A C 47 N4 ? ? V G   9  V C 53 1_555 ? ? ? ? ? ? WATSON-CRICK  ?     ? ? 
hydrog13 hydrog ?    ? A U   5  N3    ? ? ? 1_555 A A 46 N1 ? ? V U   10 V A 52 1_555 ? ? ? ? ? ? WATSON-CRICK  ?     ? ? 
hydrog14 hydrog ?    ? A U   5  O4    ? ? ? 1_555 A A 46 N6 ? ? V U   10 V A 52 1_555 ? ? ? ? ? ? WATSON-CRICK  ?     ? ? 
hydrog15 hydrog ?    ? A G   6  N7    ? ? ? 1_555 A G 45 N2 ? ? V G   11 V G 51 1_555 ? ? ? ? ? ? TYPE_6_PAIR   ?     ? ? 
hydrog16 hydrog ?    ? A G   6  O6    ? ? ? 1_555 A G 45 N1 ? ? V G   11 V G 51 1_555 ? ? ? ? ? ? TYPE_6_PAIR   ?     ? ? 
hydrog17 hydrog ?    ? A G   7  N1    ? ? ? 1_555 A A 44 N1 ? ? V G   12 V A 50 1_555 ? ? ? ? ? ? TYPE_8_PAIR   ?     ? ? 
hydrog18 hydrog ?    ? A G   7  O6    ? ? ? 1_555 A A 44 N6 ? ? V G   12 V A 50 1_555 ? ? ? ? ? ? TYPE_8_PAIR   ?     ? ? 
hydrog19 hydrog ?    ? A U   8  N3    ? ? ? 1_555 A G 43 O6 ? ? V U   13 V G 49 1_555 ? ? ? ? ? ? TYPE_28_PAIR  ?     ? ? 
hydrog20 hydrog ?    ? A U   8  O2    ? ? ? 1_555 A G 43 N1 ? ? V U   13 V G 49 1_555 ? ? ? ? ? ? TYPE_28_PAIR  ?     ? ? 
hydrog21 hydrog ?    ? A C   9  N3    ? ? ? 1_555 A G 42 N1 ? ? V C   14 V G 48 1_555 ? ? ? ? ? ? WATSON-CRICK  ?     ? ? 
hydrog22 hydrog ?    ? A C   9  N4    ? ? ? 1_555 A G 42 O6 ? ? V C   14 V G 48 1_555 ? ? ? ? ? ? WATSON-CRICK  ?     ? ? 
hydrog23 hydrog ?    ? A C   9  O2    ? ? ? 1_555 A G 42 N2 ? ? V C   14 V G 48 1_555 ? ? ? ? ? ? WATSON-CRICK  ?     ? ? 
hydrog24 hydrog ?    ? A C   10 N3    ? ? ? 1_555 A G 41 N1 ? ? V C   15 V G 47 1_555 ? ? ? ? ? ? WATSON-CRICK  ?     ? ? 
hydrog25 hydrog ?    ? A C   10 N4    ? ? ? 1_555 A G 41 O6 ? ? V C   15 V G 47 1_555 ? ? ? ? ? ? WATSON-CRICK  ?     ? ? 
hydrog26 hydrog ?    ? A C   10 O2    ? ? ? 1_555 A G 41 N2 ? ? V C   15 V G 47 1_555 ? ? ? ? ? ? WATSON-CRICK  ?     ? ? 
hydrog27 hydrog ?    ? A G   11 N1    ? ? ? 1_555 A C 40 N3 ? ? V G   16 V C 46 1_555 ? ? ? ? ? ? WATSON-CRICK  ?     ? ? 
hydrog28 hydrog ?    ? A G   11 N2    ? ? ? 1_555 A C 40 O2 ? ? V G   16 V C 46 1_555 ? ? ? ? ? ? WATSON-CRICK  ?     ? ? 
hydrog29 hydrog ?    ? A G   11 O6    ? ? ? 1_555 A C 40 N4 ? ? V G   16 V C 46 1_555 ? ? ? ? ? ? WATSON-CRICK  ?     ? ? 
hydrog30 hydrog ?    ? A U   12 O2    ? ? ? 1_555 A A 15 N6 ? ? V U   17 V A 20 1_555 ? ? ? ? ? ? 'U-A PAIR'    ?     ? ? 
hydrog31 hydrog ?    ? A U   12 N3    ? ? ? 1_555 A A 39 N1 ? ? V U   17 V A 45 1_555 ? ? ? ? ? ? WATSON-CRICK  ?     ? ? 
hydrog32 hydrog ?    ? A U   12 O4    ? ? ? 1_555 A A 39 N6 ? ? V U   17 V A 45 1_555 ? ? ? ? ? ? WATSON-CRICK  ?     ? ? 
hydrog33 hydrog ?    ? A A   15 N6    ? ? ? 1_555 A C 40 O2 ? ? V A   20 V C 46 1_555 ? ? ? ? ? ? 'A-C MISPAIR' ?     ? ? 
hydrog34 hydrog ?    ? A A   16 N6    ? ? ? 1_555 A A 39 N3 ? ? V A   21 V A 45 1_555 ? ? ? ? ? ? 'A-A MISPAIR' ?     ? ? 
hydrog35 hydrog ?    ? A G   20 N1    ? ? ? 1_555 A C 37 N3 ? ? V G   25 V C 43 1_555 ? ? ? ? ? ? WATSON-CRICK  ?     ? ? 
hydrog36 hydrog ?    ? A G   20 N2    ? ? ? 1_555 A C 37 O2 ? ? V G   25 V C 43 1_555 ? ? ? ? ? ? WATSON-CRICK  ?     ? ? 
hydrog37 hydrog ?    ? A G   20 O6    ? ? ? 1_555 A C 37 N4 ? ? V G   25 V C 43 1_555 ? ? ? ? ? ? WATSON-CRICK  ?     ? ? 
hydrog38 hydrog ?    ? A U   21 N3    ? ? ? 1_555 A A 36 N1 ? ? V U   26 V A 42 1_555 ? ? ? ? ? ? WATSON-CRICK  ?     ? ? 
hydrog39 hydrog ?    ? A U   21 O4    ? ? ? 1_555 A A 36 N6 ? ? V U   26 V A 42 1_555 ? ? ? ? ? ? WATSON-CRICK  ?     ? ? 
hydrog40 hydrog ?    ? A U   22 N3    ? ? ? 1_555 A A 35 N1 ? ? V U   27 V A 41 1_555 ? ? ? ? ? ? WATSON-CRICK  ?     ? ? 
hydrog41 hydrog ?    ? A U   22 O4    ? ? ? 1_555 A A 35 N6 ? ? V U   27 V A 41 1_555 ? ? ? ? ? ? WATSON-CRICK  ?     ? ? 
hydrog42 hydrog ?    ? A C   23 N3    ? ? ? 1_555 A G 34 N1 ? ? V C   28 V G 40 1_555 ? ? ? ? ? ? WATSON-CRICK  ?     ? ? 
hydrog43 hydrog ?    ? A C   23 N4    ? ? ? 1_555 A G 34 O6 ? ? V C   28 V G 40 1_555 ? ? ? ? ? ? WATSON-CRICK  ?     ? ? 
hydrog44 hydrog ?    ? A C   23 O2    ? ? ? 1_555 A G 34 N2 ? ? V C   28 V G 40 1_555 ? ? ? ? ? ? WATSON-CRICK  ?     ? ? 
hydrog45 hydrog ?    ? A C   24 N3    ? ? ? 1_555 A G 33 N1 ? ? V C   29 V G 39 1_555 ? ? ? ? ? ? WATSON-CRICK  ?     ? ? 
hydrog46 hydrog ?    ? A C   24 N4    ? ? ? 1_555 A G 33 O6 ? ? V C   29 V G 39 1_555 ? ? ? ? ? ? WATSON-CRICK  ?     ? ? 
hydrog47 hydrog ?    ? A C   24 O2    ? ? ? 1_555 A G 33 N2 ? ? V C   29 V G 39 1_555 ? ? ? ? ? ? WATSON-CRICK  ?     ? ? 
hydrog48 hydrog ?    ? A U   25 N3    ? ? ? 1_555 A A 32 N1 ? ? V U   30 V A 38 1_555 ? ? ? ? ? ? WATSON-CRICK  ?     ? ? 
hydrog49 hydrog ?    ? A U   25 O4    ? ? ? 1_555 A A 32 N6 ? ? V U   30 V A 38 1_555 ? ? ? ? ? ? WATSON-CRICK  ?     ? ? 
hydrog50 hydrog ?    ? A C   26 N3    ? ? ? 1_555 A G 31 N1 ? ? V C   31 V G 37 1_555 ? ? ? ? ? ? WATSON-CRICK  ?     ? ? 
hydrog51 hydrog ?    ? A C   26 N4    ? ? ? 1_555 A G 31 O6 ? ? V C   31 V G 37 1_555 ? ? ? ? ? ? WATSON-CRICK  ?     ? ? 
hydrog52 hydrog ?    ? A C   26 O2    ? ? ? 1_555 A G 31 N2 ? ? V C   31 V G 37 1_555 ? ? ? ? ? ? WATSON-CRICK  ?     ? ? 
hydrog53 hydrog ?    ? A G   27 N2    ? ? ? 1_555 A A 30 N7 ? ? V G   32 V A 35 1_555 ? ? ? ? ? ? 'G-A MISPAIR' ?     ? ? 
# 
loop_
_struct_conn_type.id 
_struct_conn_type.criteria 
_struct_conn_type.reference 
covale ? ? 
hydrog ? ? 
# 
_pdbx_entry_details.entry_id                 7WIE 
_pdbx_entry_details.nonpolymer_details       ? 
_pdbx_entry_details.sequence_details         ? 
_pdbx_entry_details.compound_details         ? 
_pdbx_entry_details.source_details           ? 
_pdbx_entry_details.has_ligand_of_interest   Y 
# 
loop_
_chem_comp_atom.comp_id 
_chem_comp_atom.atom_id 
_chem_comp_atom.type_symbol 
_chem_comp_atom.pdbx_aromatic_flag 
_chem_comp_atom.pdbx_stereo_config 
_chem_comp_atom.pdbx_ordinal 
7DG N9     N N N 1   
7DG C8     C N N 2   
7DG C7     C N N 3   
7DG C5     C N N 4   
7DG C6     C N N 5   
7DG O6     O N N 6   
7DG N1     N N N 7   
7DG C2     C N N 8   
7DG N2     N N N 9   
7DG N3     N N N 10  
7DG C4     C N N 11  
7DG H8     H N N 12  
7DG H71    H N N 13  
7DG H72    H N N 14  
7DG HN1    H N N 15  
7DG HN21   H N N 16  
7DG HN22   H N N 17  
A   OP3    O N N 18  
A   P      P N N 19  
A   OP1    O N N 20  
A   OP2    O N N 21  
A   "O5'"  O N N 22  
A   "C5'"  C N N 23  
A   "C4'"  C N R 24  
A   "O4'"  O N N 25  
A   "C3'"  C N S 26  
A   "O3'"  O N N 27  
A   "C2'"  C N R 28  
A   "O2'"  O N N 29  
A   "C1'"  C N R 30  
A   N9     N Y N 31  
A   C8     C Y N 32  
A   N7     N Y N 33  
A   C5     C Y N 34  
A   C6     C Y N 35  
A   N6     N N N 36  
A   N1     N Y N 37  
A   C2     C Y N 38  
A   N3     N Y N 39  
A   C4     C Y N 40  
A   HOP3   H N N 41  
A   HOP2   H N N 42  
A   "H5'"  H N N 43  
A   "H5''" H N N 44  
A   "H4'"  H N N 45  
A   "H3'"  H N N 46  
A   "HO3'" H N N 47  
A   "H2'"  H N N 48  
A   "HO2'" H N N 49  
A   "H1'"  H N N 50  
A   H8     H N N 51  
A   H61    H N N 52  
A   H62    H N N 53  
A   H2     H N N 54  
C   OP3    O N N 55  
C   P      P N N 56  
C   OP1    O N N 57  
C   OP2    O N N 58  
C   "O5'"  O N N 59  
C   "C5'"  C N N 60  
C   "C4'"  C N R 61  
C   "O4'"  O N N 62  
C   "C3'"  C N S 63  
C   "O3'"  O N N 64  
C   "C2'"  C N R 65  
C   "O2'"  O N N 66  
C   "C1'"  C N R 67  
C   N1     N N N 68  
C   C2     C N N 69  
C   O2     O N N 70  
C   N3     N N N 71  
C   C4     C N N 72  
C   N4     N N N 73  
C   C5     C N N 74  
C   C6     C N N 75  
C   HOP3   H N N 76  
C   HOP2   H N N 77  
C   "H5'"  H N N 78  
C   "H5''" H N N 79  
C   "H4'"  H N N 80  
C   "H3'"  H N N 81  
C   "HO3'" H N N 82  
C   "H2'"  H N N 83  
C   "HO2'" H N N 84  
C   "H1'"  H N N 85  
C   H41    H N N 86  
C   H42    H N N 87  
C   H5     H N N 88  
C   H6     H N N 89  
G   OP3    O N N 90  
G   P      P N N 91  
G   OP1    O N N 92  
G   OP2    O N N 93  
G   "O5'"  O N N 94  
G   "C5'"  C N N 95  
G   "C4'"  C N R 96  
G   "O4'"  O N N 97  
G   "C3'"  C N S 98  
G   "O3'"  O N N 99  
G   "C2'"  C N R 100 
G   "O2'"  O N N 101 
G   "C1'"  C N R 102 
G   N9     N Y N 103 
G   C8     C Y N 104 
G   N7     N Y N 105 
G   C5     C Y N 106 
G   C6     C N N 107 
G   O6     O N N 108 
G   N1     N N N 109 
G   C2     C N N 110 
G   N2     N N N 111 
G   N3     N N N 112 
G   C4     C Y N 113 
G   HOP3   H N N 114 
G   HOP2   H N N 115 
G   "H5'"  H N N 116 
G   "H5''" H N N 117 
G   "H4'"  H N N 118 
G   "H3'"  H N N 119 
G   "HO3'" H N N 120 
G   "H2'"  H N N 121 
G   "HO2'" H N N 122 
G   "H1'"  H N N 123 
G   H8     H N N 124 
G   H1     H N N 125 
G   H21    H N N 126 
G   H22    H N N 127 
GTP PG     P N N 128 
GTP O1G    O N N 129 
GTP O2G    O N N 130 
GTP O3G    O N N 131 
GTP O3B    O N N 132 
GTP PB     P N N 133 
GTP O1B    O N N 134 
GTP O2B    O N N 135 
GTP O3A    O N N 136 
GTP PA     P N N 137 
GTP O1A    O N N 138 
GTP O2A    O N N 139 
GTP "O5'"  O N N 140 
GTP "C5'"  C N N 141 
GTP "C4'"  C N R 142 
GTP "O4'"  O N N 143 
GTP "C3'"  C N S 144 
GTP "O3'"  O N N 145 
GTP "C2'"  C N R 146 
GTP "O2'"  O N N 147 
GTP "C1'"  C N R 148 
GTP N9     N Y N 149 
GTP C8     C Y N 150 
GTP N7     N Y N 151 
GTP C5     C Y N 152 
GTP C6     C N N 153 
GTP O6     O N N 154 
GTP N1     N N N 155 
GTP C2     C N N 156 
GTP N2     N N N 157 
GTP N3     N N N 158 
GTP C4     C Y N 159 
GTP HOG2   H N N 160 
GTP HOG3   H N N 161 
GTP HOB2   H N N 162 
GTP HOA2   H N N 163 
GTP "H5'"  H N N 164 
GTP "H5''" H N N 165 
GTP "H4'"  H N N 166 
GTP "H3'"  H N N 167 
GTP "HO3'" H N N 168 
GTP "H2'"  H N N 169 
GTP "HO2'" H N N 170 
GTP "H1'"  H N N 171 
GTP H8     H N N 172 
GTP HN1    H N N 173 
GTP HN21   H N N 174 
GTP HN22   H N N 175 
U   OP3    O N N 176 
U   P      P N N 177 
U   OP1    O N N 178 
U   OP2    O N N 179 
U   "O5'"  O N N 180 
U   "C5'"  C N N 181 
U   "C4'"  C N R 182 
U   "O4'"  O N N 183 
U   "C3'"  C N S 184 
U   "O3'"  O N N 185 
U   "C2'"  C N R 186 
U   "O2'"  O N N 187 
U   "C1'"  C N R 188 
U   N1     N N N 189 
U   C2     C N N 190 
U   O2     O N N 191 
U   N3     N N N 192 
U   C4     C N N 193 
U   O4     O N N 194 
U   C5     C N N 195 
U   C6     C N N 196 
U   HOP3   H N N 197 
U   HOP2   H N N 198 
U   "H5'"  H N N 199 
U   "H5''" H N N 200 
U   "H4'"  H N N 201 
U   "H3'"  H N N 202 
U   "HO3'" H N N 203 
U   "H2'"  H N N 204 
U   "HO2'" H N N 205 
U   "H1'"  H N N 206 
U   H3     H N N 207 
U   H5     H N N 208 
U   H6     H N N 209 
# 
loop_
_chem_comp_bond.comp_id 
_chem_comp_bond.atom_id_1 
_chem_comp_bond.atom_id_2 
_chem_comp_bond.value_order 
_chem_comp_bond.pdbx_aromatic_flag 
_chem_comp_bond.pdbx_stereo_config 
_chem_comp_bond.pdbx_ordinal 
7DG N9    C8     doub N N 1   
7DG N9    C4     sing N N 2   
7DG C8    C7     sing N N 3   
7DG C8    H8     sing N N 4   
7DG C7    C5     sing N N 5   
7DG C7    H71    sing N N 6   
7DG C7    H72    sing N N 7   
7DG C5    C6     sing N N 8   
7DG C5    C4     doub N N 9   
7DG C6    O6     doub N N 10  
7DG C6    N1     sing N N 11  
7DG N1    C2     sing N N 12  
7DG N1    HN1    sing N N 13  
7DG C2    N2     sing N N 14  
7DG C2    N3     doub N N 15  
7DG N2    HN21   sing N N 16  
7DG N2    HN22   sing N N 17  
7DG N3    C4     sing N N 18  
A   OP3   P      sing N N 19  
A   OP3   HOP3   sing N N 20  
A   P     OP1    doub N N 21  
A   P     OP2    sing N N 22  
A   P     "O5'"  sing N N 23  
A   OP2   HOP2   sing N N 24  
A   "O5'" "C5'"  sing N N 25  
A   "C5'" "C4'"  sing N N 26  
A   "C5'" "H5'"  sing N N 27  
A   "C5'" "H5''" sing N N 28  
A   "C4'" "O4'"  sing N N 29  
A   "C4'" "C3'"  sing N N 30  
A   "C4'" "H4'"  sing N N 31  
A   "O4'" "C1'"  sing N N 32  
A   "C3'" "O3'"  sing N N 33  
A   "C3'" "C2'"  sing N N 34  
A   "C3'" "H3'"  sing N N 35  
A   "O3'" "HO3'" sing N N 36  
A   "C2'" "O2'"  sing N N 37  
A   "C2'" "C1'"  sing N N 38  
A   "C2'" "H2'"  sing N N 39  
A   "O2'" "HO2'" sing N N 40  
A   "C1'" N9     sing N N 41  
A   "C1'" "H1'"  sing N N 42  
A   N9    C8     sing Y N 43  
A   N9    C4     sing Y N 44  
A   C8    N7     doub Y N 45  
A   C8    H8     sing N N 46  
A   N7    C5     sing Y N 47  
A   C5    C6     sing Y N 48  
A   C5    C4     doub Y N 49  
A   C6    N6     sing N N 50  
A   C6    N1     doub Y N 51  
A   N6    H61    sing N N 52  
A   N6    H62    sing N N 53  
A   N1    C2     sing Y N 54  
A   C2    N3     doub Y N 55  
A   C2    H2     sing N N 56  
A   N3    C4     sing Y N 57  
C   OP3   P      sing N N 58  
C   OP3   HOP3   sing N N 59  
C   P     OP1    doub N N 60  
C   P     OP2    sing N N 61  
C   P     "O5'"  sing N N 62  
C   OP2   HOP2   sing N N 63  
C   "O5'" "C5'"  sing N N 64  
C   "C5'" "C4'"  sing N N 65  
C   "C5'" "H5'"  sing N N 66  
C   "C5'" "H5''" sing N N 67  
C   "C4'" "O4'"  sing N N 68  
C   "C4'" "C3'"  sing N N 69  
C   "C4'" "H4'"  sing N N 70  
C   "O4'" "C1'"  sing N N 71  
C   "C3'" "O3'"  sing N N 72  
C   "C3'" "C2'"  sing N N 73  
C   "C3'" "H3'"  sing N N 74  
C   "O3'" "HO3'" sing N N 75  
C   "C2'" "O2'"  sing N N 76  
C   "C2'" "C1'"  sing N N 77  
C   "C2'" "H2'"  sing N N 78  
C   "O2'" "HO2'" sing N N 79  
C   "C1'" N1     sing N N 80  
C   "C1'" "H1'"  sing N N 81  
C   N1    C2     sing N N 82  
C   N1    C6     sing N N 83  
C   C2    O2     doub N N 84  
C   C2    N3     sing N N 85  
C   N3    C4     doub N N 86  
C   C4    N4     sing N N 87  
C   C4    C5     sing N N 88  
C   N4    H41    sing N N 89  
C   N4    H42    sing N N 90  
C   C5    C6     doub N N 91  
C   C5    H5     sing N N 92  
C   C6    H6     sing N N 93  
G   OP3   P      sing N N 94  
G   OP3   HOP3   sing N N 95  
G   P     OP1    doub N N 96  
G   P     OP2    sing N N 97  
G   P     "O5'"  sing N N 98  
G   OP2   HOP2   sing N N 99  
G   "O5'" "C5'"  sing N N 100 
G   "C5'" "C4'"  sing N N 101 
G   "C5'" "H5'"  sing N N 102 
G   "C5'" "H5''" sing N N 103 
G   "C4'" "O4'"  sing N N 104 
G   "C4'" "C3'"  sing N N 105 
G   "C4'" "H4'"  sing N N 106 
G   "O4'" "C1'"  sing N N 107 
G   "C3'" "O3'"  sing N N 108 
G   "C3'" "C2'"  sing N N 109 
G   "C3'" "H3'"  sing N N 110 
G   "O3'" "HO3'" sing N N 111 
G   "C2'" "O2'"  sing N N 112 
G   "C2'" "C1'"  sing N N 113 
G   "C2'" "H2'"  sing N N 114 
G   "O2'" "HO2'" sing N N 115 
G   "C1'" N9     sing N N 116 
G   "C1'" "H1'"  sing N N 117 
G   N9    C8     sing Y N 118 
G   N9    C4     sing Y N 119 
G   C8    N7     doub Y N 120 
G   C8    H8     sing N N 121 
G   N7    C5     sing Y N 122 
G   C5    C6     sing N N 123 
G   C5    C4     doub Y N 124 
G   C6    O6     doub N N 125 
G   C6    N1     sing N N 126 
G   N1    C2     sing N N 127 
G   N1    H1     sing N N 128 
G   C2    N2     sing N N 129 
G   C2    N3     doub N N 130 
G   N2    H21    sing N N 131 
G   N2    H22    sing N N 132 
G   N3    C4     sing N N 133 
GTP PG    O1G    doub N N 134 
GTP PG    O2G    sing N N 135 
GTP PG    O3G    sing N N 136 
GTP PG    O3B    sing N N 137 
GTP O2G   HOG2   sing N N 138 
GTP O3G   HOG3   sing N N 139 
GTP O3B   PB     sing N N 140 
GTP PB    O1B    doub N N 141 
GTP PB    O2B    sing N N 142 
GTP PB    O3A    sing N N 143 
GTP O2B   HOB2   sing N N 144 
GTP O3A   PA     sing N N 145 
GTP PA    O1A    doub N N 146 
GTP PA    O2A    sing N N 147 
GTP PA    "O5'"  sing N N 148 
GTP O2A   HOA2   sing N N 149 
GTP "O5'" "C5'"  sing N N 150 
GTP "C5'" "C4'"  sing N N 151 
GTP "C5'" "H5'"  sing N N 152 
GTP "C5'" "H5''" sing N N 153 
GTP "C4'" "O4'"  sing N N 154 
GTP "C4'" "C3'"  sing N N 155 
GTP "C4'" "H4'"  sing N N 156 
GTP "O4'" "C1'"  sing N N 157 
GTP "C3'" "O3'"  sing N N 158 
GTP "C3'" "C2'"  sing N N 159 
GTP "C3'" "H3'"  sing N N 160 
GTP "O3'" "HO3'" sing N N 161 
GTP "C2'" "O2'"  sing N N 162 
GTP "C2'" "C1'"  sing N N 163 
GTP "C2'" "H2'"  sing N N 164 
GTP "O2'" "HO2'" sing N N 165 
GTP "C1'" N9     sing N N 166 
GTP "C1'" "H1'"  sing N N 167 
GTP N9    C8     sing Y N 168 
GTP N9    C4     sing Y N 169 
GTP C8    N7     doub Y N 170 
GTP C8    H8     sing N N 171 
GTP N7    C5     sing Y N 172 
GTP C5    C6     sing N N 173 
GTP C5    C4     doub Y N 174 
GTP C6    O6     doub N N 175 
GTP C6    N1     sing N N 176 
GTP N1    C2     sing N N 177 
GTP N1    HN1    sing N N 178 
GTP C2    N2     sing N N 179 
GTP C2    N3     doub N N 180 
GTP N2    HN21   sing N N 181 
GTP N2    HN22   sing N N 182 
GTP N3    C4     sing N N 183 
U   OP3   P      sing N N 184 
U   OP3   HOP3   sing N N 185 
U   P     OP1    doub N N 186 
U   P     OP2    sing N N 187 
U   P     "O5'"  sing N N 188 
U   OP2   HOP2   sing N N 189 
U   "O5'" "C5'"  sing N N 190 
U   "C5'" "C4'"  sing N N 191 
U   "C5'" "H5'"  sing N N 192 
U   "C5'" "H5''" sing N N 193 
U   "C4'" "O4'"  sing N N 194 
U   "C4'" "C3'"  sing N N 195 
U   "C4'" "H4'"  sing N N 196 
U   "O4'" "C1'"  sing N N 197 
U   "C3'" "O3'"  sing N N 198 
U   "C3'" "C2'"  sing N N 199 
U   "C3'" "H3'"  sing N N 200 
U   "O3'" "HO3'" sing N N 201 
U   "C2'" "O2'"  sing N N 202 
U   "C2'" "C1'"  sing N N 203 
U   "C2'" "H2'"  sing N N 204 
U   "O2'" "HO2'" sing N N 205 
U   "C1'" N1     sing N N 206 
U   "C1'" "H1'"  sing N N 207 
U   N1    C2     sing N N 208 
U   N1    C6     sing N N 209 
U   C2    O2     doub N N 210 
U   C2    N3     sing N N 211 
U   N3    C4     sing N N 212 
U   N3    H3     sing N N 213 
U   C4    O4     doub N N 214 
U   C4    C5     sing N N 215 
U   C5    C6     doub N N 216 
U   C5    H5     sing N N 217 
U   C6    H6     sing N N 218 
# 
loop_
_ndb_struct_conf_na.entry_id 
_ndb_struct_conf_na.feature 
7WIE 'double helix'         
7WIE 'a-form double helix'  
7WIE 'hairpin loop'         
7WIE tetraloop              
7WIE 'mismatched base pair' 
7WIE 'internal loop'        
7WIE 'triple helix'         
# 
loop_
_ndb_struct_na_base_pair.model_number 
_ndb_struct_na_base_pair.i_label_asym_id 
_ndb_struct_na_base_pair.i_label_comp_id 
_ndb_struct_na_base_pair.i_label_seq_id 
_ndb_struct_na_base_pair.i_symmetry 
_ndb_struct_na_base_pair.j_label_asym_id 
_ndb_struct_na_base_pair.j_label_comp_id 
_ndb_struct_na_base_pair.j_label_seq_id 
_ndb_struct_na_base_pair.j_symmetry 
_ndb_struct_na_base_pair.shear 
_ndb_struct_na_base_pair.stretch 
_ndb_struct_na_base_pair.stagger 
_ndb_struct_na_base_pair.buckle 
_ndb_struct_na_base_pair.propeller 
_ndb_struct_na_base_pair.opening 
_ndb_struct_na_base_pair.pair_number 
_ndb_struct_na_base_pair.pair_name 
_ndb_struct_na_base_pair.i_auth_asym_id 
_ndb_struct_na_base_pair.i_auth_seq_id 
_ndb_struct_na_base_pair.i_PDB_ins_code 
_ndb_struct_na_base_pair.j_auth_asym_id 
_ndb_struct_na_base_pair.j_auth_seq_id 
_ndb_struct_na_base_pair.j_PDB_ins_code 
_ndb_struct_na_base_pair.hbond_type_28 
_ndb_struct_na_base_pair.hbond_type_12 
1 A GTP 1  1_555 A C 50 1_555 -1.548 -0.151 -0.054 -5.839 -9.324  5.329  1  V_GTP6:C56_V V 6  ? V 56 ? 19 1 
1 A G   2  1_555 A C 49 1_555 -0.589 -0.158 0.037  -3.791 -10.183 0.401  2  V_G7:C55_V   V 7  ? V 55 ? 19 1 
1 A C   3  1_555 A G 48 1_555 0.875  -0.218 0.286  -0.369 -11.428 4.479  3  V_C8:G54_V   V 8  ? V 54 ? 19 1 
1 A G   4  1_555 A C 47 1_555 -0.140 -0.025 0.316  -1.706 -11.828 4.453  4  V_G9:C53_V   V 9  ? V 53 ? 19 1 
1 A U   5  1_555 A A 46 1_555 0.324  -0.029 0.265  -7.514 -15.337 11.996 5  V_U10:A52_V  V 10 ? V 52 ? 20 1 
1 A G   6  1_555 A G 45 1_555 -1.922 -3.398 -0.434 14.061 3.012   83.960 6  V_G11:G51_V  V 11 ? V 51 ? 6  3 
1 A G   7  1_555 A A 44 1_555 0.321  1.703  -0.141 5.589  -11.203 -1.291 7  V_G12:A50_V  V 12 ? V 50 ? 8  1 
1 A U   8  1_555 A G 43 1_555 2.386  -0.501 0.030  7.231  -13.781 1.965  8  V_U13:G49_V  V 13 ? V 49 ? 28 1 
1 A C   9  1_555 A G 42 1_555 0.586  -0.158 -0.165 11.837 -12.066 3.121  9  V_C14:G48_V  V 14 ? V 48 ? 19 1 
1 A C   10 1_555 A G 41 1_555 0.230  -0.279 0.164  -0.323 -6.268  -0.010 10 V_C15:G47_V  V 15 ? V 47 ? 19 1 
1 A G   11 1_555 A C 40 1_555 -0.440 -0.368 0.136  -3.094 -13.723 2.509  11 V_G16:C46_V  V 16 ? V 46 ? 19 1 
1 A U   12 1_555 A A 39 1_555 -0.310 0.104  -0.438 16.145 -1.520  -2.057 12 V_U17:A45_V  V 17 ? V 45 ? 20 1 
1 A G   20 1_555 A C 37 1_555 -0.633 -0.211 0.579  -0.287 -9.353  -2.232 13 V_G25:C43_V  V 25 ? V 43 ? 19 1 
1 A U   21 1_555 A A 36 1_555 -0.082 -0.369 0.354  -7.307 -13.443 -4.989 14 V_U26:A42_V  V 26 ? V 42 ? 20 1 
1 A U   22 1_555 A A 35 1_555 -0.013 -0.298 0.067  0.469  -7.533  0.584  15 V_U27:A41_V  V 27 ? V 41 ? 20 1 
1 A C   23 1_555 A G 34 1_555 -0.122 -0.062 -0.116 6.424  -5.440  4.826  16 V_C28:G40_V  V 28 ? V 40 ? 19 1 
1 A C   24 1_555 A G 33 1_555 0.200  -0.145 -0.088 5.752  -7.640  7.614  17 V_C29:G39_V  V 29 ? V 39 ? 19 1 
1 A U   25 1_555 A A 32 1_555 0.031  -0.217 0.202  -1.516 -5.561  2.420  18 V_U30:A38_V  V 30 ? V 38 ? 20 1 
1 A C   26 1_555 A G 31 1_555 0.529  -0.144 0.145  1.749  5.135   4.569  19 V_C31:G37_V  V 31 ? V 37 ? 19 1 
1 A G   27 1_555 A A 30 1_555 7.027  -5.327 1.138  14.913 8.239   -9.413 20 V_G32:A35_V  V 32 ? V 35 ? ?  ? 
# 
loop_
_ndb_struct_na_base_pair_step.model_number 
_ndb_struct_na_base_pair_step.i_label_asym_id_1 
_ndb_struct_na_base_pair_step.i_label_comp_id_1 
_ndb_struct_na_base_pair_step.i_label_seq_id_1 
_ndb_struct_na_base_pair_step.i_symmetry_1 
_ndb_struct_na_base_pair_step.j_label_asym_id_1 
_ndb_struct_na_base_pair_step.j_label_comp_id_1 
_ndb_struct_na_base_pair_step.j_label_seq_id_1 
_ndb_struct_na_base_pair_step.j_symmetry_1 
_ndb_struct_na_base_pair_step.i_label_asym_id_2 
_ndb_struct_na_base_pair_step.i_label_comp_id_2 
_ndb_struct_na_base_pair_step.i_label_seq_id_2 
_ndb_struct_na_base_pair_step.i_symmetry_2 
_ndb_struct_na_base_pair_step.j_label_asym_id_2 
_ndb_struct_na_base_pair_step.j_label_comp_id_2 
_ndb_struct_na_base_pair_step.j_label_seq_id_2 
_ndb_struct_na_base_pair_step.j_symmetry_2 
_ndb_struct_na_base_pair_step.shift 
_ndb_struct_na_base_pair_step.slide 
_ndb_struct_na_base_pair_step.rise 
_ndb_struct_na_base_pair_step.tilt 
_ndb_struct_na_base_pair_step.roll 
_ndb_struct_na_base_pair_step.twist 
_ndb_struct_na_base_pair_step.x_displacement 
_ndb_struct_na_base_pair_step.y_displacement 
_ndb_struct_na_base_pair_step.helical_rise 
_ndb_struct_na_base_pair_step.inclination 
_ndb_struct_na_base_pair_step.tip 
_ndb_struct_na_base_pair_step.helical_twist 
_ndb_struct_na_base_pair_step.step_number 
_ndb_struct_na_base_pair_step.step_name 
_ndb_struct_na_base_pair_step.i_auth_asym_id_1 
_ndb_struct_na_base_pair_step.i_auth_seq_id_1 
_ndb_struct_na_base_pair_step.i_PDB_ins_code_1 
_ndb_struct_na_base_pair_step.j_auth_asym_id_1 
_ndb_struct_na_base_pair_step.j_auth_seq_id_1 
_ndb_struct_na_base_pair_step.j_PDB_ins_code_1 
_ndb_struct_na_base_pair_step.i_auth_asym_id_2 
_ndb_struct_na_base_pair_step.i_auth_seq_id_2 
_ndb_struct_na_base_pair_step.i_PDB_ins_code_2 
_ndb_struct_na_base_pair_step.j_auth_asym_id_2 
_ndb_struct_na_base_pair_step.j_auth_seq_id_2 
_ndb_struct_na_base_pair_step.j_PDB_ins_code_2 
1 A GTP 1  1_555 A C 50 1_555 A G 2  1_555 A C 49 1_555 -0.308 -1.958 3.239  -2.922   2.360    33.655  -3.732 0.071  3.113  4.060 
5.028   33.857  1  VV_GTP6G7:C55C56_VV V 6  ? V 56 ? V 7  ? V 55 ? 
1 A G   2  1_555 A C 49 1_555 A C 3  1_555 A G 48 1_555 -0.202 -1.846 3.115  -2.517   1.057    36.319  -3.093 -0.007 3.068  1.693 
4.030   36.418  2  VV_G7C8:G54C55_VV   V 7  ? V 55 ? V 8  ? V 54 ? 
1 A C   3  1_555 A G 48 1_555 A G 4  1_555 A C 47 1_555 0.099  -1.877 2.921  -0.657   8.388    28.638  -5.068 -0.304 2.289  16.512 
1.294   29.824  3  VV_C8G9:C53G54_VV   V 8  ? V 54 ? V 9  ? V 53 ? 
1 A G   4  1_555 A C 47 1_555 A U 5  1_555 A A 46 1_555 0.219  -1.256 3.310  1.289    10.673   35.038  -3.409 -0.178 2.826  17.233 
-2.081  36.601  4  VV_G9U10:A52C53_VV  V 9  ? V 53 ? V 10 ? V 52 ? 
1 A U   5  1_555 A A 46 1_555 A G 6  1_555 A G 45 1_555 -0.109 -3.051 -1.069 -169.807 34.428   172.560 -1.519 0.089  -1.099 17.215 
84.911  179.563 5  VV_U10G11:G51A52_VV V 10 ? V 52 ? V 11 ? V 51 ? 
1 A G   6  1_555 A G 45 1_555 A G 7  1_555 A A 44 1_555 -0.461 -3.269 -2.217 133.050  -104.035 116.093 -1.921 -0.133 -1.013 
-52.533 -67.184 174.129 6  VV_G11G12:A50G51_VV V 11 ? V 51 ? V 12 ? V 50 ? 
1 A G   7  1_555 A A 44 1_555 A U 8  1_555 A G 43 1_555 -0.188 -1.503 3.106  -2.374   6.448    40.741  -2.767 0.032  2.852  9.183 
3.380   41.292  7  VV_G12U13:G49A50_VV V 12 ? V 50 ? V 13 ? V 49 ? 
1 A U   8  1_555 A G 43 1_555 A C 9  1_555 A G 42 1_555 0.351  -1.735 2.859  3.580    8.815    29.824  -4.566 -0.105 2.291  16.603 
-6.743  31.272  8  VV_U13C14:G48G49_VV V 13 ? V 49 ? V 14 ? V 48 ? 
1 A C   9  1_555 A G 42 1_555 A C 10 1_555 A G 41 1_555 -0.999 -2.386 3.475  -5.696   8.144    25.850  -6.940 0.725  2.763  17.407 
12.174  27.664  9  VV_C14C15:G47G48_VV V 14 ? V 48 ? V 15 ? V 47 ? 
1 A C   10 1_555 A G 41 1_555 A G 11 1_555 A C 40 1_555 0.284  -2.327 3.199  1.488    8.188    27.033  -6.436 -0.278 2.415  17.011 
-3.092  28.262  10 VV_C15G16:C46G47_VV V 15 ? V 47 ? V 16 ? V 46 ? 
1 A G   11 1_555 A C 40 1_555 A U 12 1_555 A A 39 1_555 -0.236 -1.358 2.921  5.428    4.036    28.625  -3.419 1.466  2.621  8.023 
-10.789 29.397  11 VV_G16U17:A45C46_VV V 16 ? V 46 ? V 17 ? V 45 ? 
1 A G   20 1_555 A C 37 1_555 A U 21 1_555 A A 36 1_555 -0.481 -1.582 3.380  1.111    3.722    36.465  -3.028 0.919  3.193  5.927 
-1.769  36.665  12 VV_G25U26:A42C43_VV V 25 ? V 43 ? V 26 ? V 42 ? 
1 A U   21 1_555 A A 36 1_555 A U 22 1_555 A A 35 1_555 0.162  -1.466 2.953  1.634    4.815    32.133  -3.352 -0.040 2.715  8.631 
-2.929  32.523  13 VV_U26U27:A41A42_VV V 26 ? V 42 ? V 27 ? V 41 ? 
1 A U   22 1_555 A A 35 1_555 A C 23 1_555 A G 34 1_555 0.688  -1.905 3.178  -0.832   0.810    27.050  -4.265 -1.671 3.099  1.730 
1.778   27.074  14 VV_U27C28:G40A41_VV V 27 ? V 41 ? V 28 ? V 40 ? 
1 A C   23 1_555 A G 34 1_555 A C 24 1_555 A G 33 1_555 -0.204 -1.978 3.227  -1.301   4.063    31.684  -4.292 0.146  2.962  7.399 
2.369   31.962  15 VV_C28C29:G39G40_VV V 28 ? V 40 ? V 29 ? V 39 ? 
1 A C   24 1_555 A G 33 1_555 A U 25 1_555 A A 32 1_555 -0.504 -1.948 3.375  -4.729   5.901    28.812  -5.009 0.006  2.970  11.609 
9.302   29.767  16 VV_C29U30:A38G39_VV V 29 ? V 39 ? V 30 ? V 38 ? 
1 A U   25 1_555 A A 32 1_555 A C 26 1_555 A G 31 1_555 -0.102 -1.812 3.172  -0.630   4.740    34.374  -3.717 0.080  2.905  7.973 
1.059   34.695  17 VV_U30C31:G37A38_VV V 30 ? V 38 ? V 31 ? V 37 ? 
1 A C   26 1_555 A G 31 1_555 A G 27 1_555 A A 30 1_555 -1.959 -1.155 2.808  -1.111   11.912   53.453  -1.852 2.078  2.553  13.059 
1.218   54.679  18 VV_C31G32:A35G37_VV V 31 ? V 37 ? V 32 ? V 35 ? 
# 
_pdbx_audit_support.funding_organization   'National Natural Science Foundation of China (NSFC)' 
_pdbx_audit_support.country                China 
_pdbx_audit_support.grant_number           ? 
_pdbx_audit_support.ordinal                1 
# 
_pdbx_entity_instance_feature.ordinal        1 
_pdbx_entity_instance_feature.comp_id        7DG 
_pdbx_entity_instance_feature.asym_id        ? 
_pdbx_entity_instance_feature.seq_num        ? 
_pdbx_entity_instance_feature.auth_comp_id   7DG 
_pdbx_entity_instance_feature.auth_asym_id   ? 
_pdbx_entity_instance_feature.auth_seq_num   ? 
_pdbx_entity_instance_feature.feature_type   'SUBJECT OF INVESTIGATION' 
_pdbx_entity_instance_feature.details        ? 
# 
_pdbx_initial_refinement_model.id               1 
_pdbx_initial_refinement_model.entity_id_list   ? 
_pdbx_initial_refinement_model.type             'experimental model' 
_pdbx_initial_refinement_model.source_name      PDB 
_pdbx_initial_refinement_model.accession_code   7WI9 
_pdbx_initial_refinement_model.details          ? 
# 
_atom_sites.entry_id                    7WIE 
_atom_sites.Cartn_transf_matrix[1][1]   ? 
_atom_sites.Cartn_transf_matrix[1][2]   ? 
_atom_sites.Cartn_transf_matrix[1][3]   ? 
_atom_sites.Cartn_transf_matrix[2][1]   ? 
_atom_sites.Cartn_transf_matrix[2][2]   ? 
_atom_sites.Cartn_transf_matrix[2][3]   ? 
_atom_sites.Cartn_transf_matrix[3][1]   ? 
_atom_sites.Cartn_transf_matrix[3][2]   ? 
_atom_sites.Cartn_transf_matrix[3][3]   ? 
_atom_sites.Cartn_transf_vector[1]      ? 
_atom_sites.Cartn_transf_vector[2]      ? 
_atom_sites.Cartn_transf_vector[3]      ? 
_atom_sites.fract_transf_matrix[1][1]   0.01379700 
_atom_sites.fract_transf_matrix[1][2]   -0.00734983 
_atom_sites.fract_transf_matrix[1][3]   0.00728971 
_atom_sites.fract_transf_matrix[2][1]   0.01449840 
_atom_sites.fract_transf_matrix[2][2]   0.00909699 
_atom_sites.fract_transf_matrix[2][3]   0.00213757 
_atom_sites.fract_transf_matrix[3][1]   -0.00336613 
_atom_sites.fract_transf_matrix[3][2]   0.00312695 
_atom_sites.fract_transf_matrix[3][3]   0.00952370 
_atom_sites.fract_transf_vector[1]      -0.486067 
_atom_sites.fract_transf_vector[2]      0.043310 
_atom_sites.fract_transf_vector[3]      0.123846 
_atom_sites.solution_primary            ? 
_atom_sites.solution_secondary          ? 
_atom_sites.solution_hydrogens          ? 
_atom_sites.special_details             ? 
# 
loop_
_atom_type.symbol 
C 
H 
N 
O 
P 
# 
loop_
_atom_site.group_PDB 
_atom_site.id 
_atom_site.type_symbol 
_atom_site.label_atom_id 
_atom_site.label_alt_id 
_atom_site.label_comp_id 
_atom_site.label_asym_id 
_atom_site.label_entity_id 
_atom_site.label_seq_id 
_atom_site.pdbx_PDB_ins_code 
_atom_site.Cartn_x 
_atom_site.Cartn_y 
_atom_site.Cartn_z 
_atom_site.occupancy 
_atom_site.B_iso_or_equiv 
_atom_site.pdbx_formal_charge 
_atom_site.auth_seq_id 
_atom_site.auth_comp_id 
_atom_site.auth_asym_id 
_atom_site.auth_atom_id 
_atom_site.pdbx_PDB_model_num 
HETATM 1    P PG    . GTP A 1 1  ? -27.05007 3.40911   -12.76309 1.000 172.03464 ? 6   GTP V PG    1 
HETATM 2    O O1G   . GTP A 1 1  ? -28.47075 3.74402   -12.35332 1.000 170.43596 ? 6   GTP V O1G   1 
HETATM 3    O O2G   . GTP A 1 1  ? -26.90569 2.00386   -13.31740 1.000 150.94638 ? 6   GTP V O2G   1 
HETATM 4    O O3G   . GTP A 1 1  ? -26.47617 4.46800   -13.68458 1.000 145.22273 ? 6   GTP V O3G   1 
HETATM 5    O O3B   . GTP A 1 1  ? -26.16585 3.44102   -11.40463 1.000 167.74242 ? 6   GTP V O3B   1 
HETATM 6    P PB    . GTP A 1 1  ? -25.55069 4.60470   -10.49105 1.000 174.20612 ? 6   GTP V PB    1 
HETATM 7    O O1B   . GTP A 1 1  ? -25.54356 4.15950   -9.08150  1.000 165.66012 ? 6   GTP V O1B   1 
HETATM 8    O O2B   . GTP A 1 1  ? -26.18118 5.89008   -10.85791 1.000 150.01286 ? 6   GTP V O2B   1 
HETATM 9    O O3A   . GTP A 1 1  ? -24.02193 4.61040   -10.97432 1.000 156.94137 ? 6   GTP V O3A   1 
HETATM 10   P PA    . GTP A 1 1  ? -23.23753 5.06896   -12.29255 1.000 158.96947 ? 6   GTP V PA    1 
HETATM 11   O O1A   . GTP A 1 1  ? -21.84767 4.54897   -12.21738 1.000 167.16468 ? 6   GTP V O1A   1 
HETATM 12   O O2A   . GTP A 1 1  ? -24.04345 4.76248   -13.50098 1.000 135.35319 ? 6   GTP V O2A   1 
HETATM 13   O "O5'" . GTP A 1 1  ? -23.20936 6.64904   -12.05597 1.000 121.08923 ? 6   GTP V "O5'" 1 
HETATM 14   C "C5'" . GTP A 1 1  ? -22.53969 7.43338   -13.06576 1.000 129.58591 ? 6   GTP V "C5'" 1 
HETATM 15   C "C4'" . GTP A 1 1  ? -22.49314 8.87847   -12.63351 1.000 142.11512 ? 6   GTP V "C4'" 1 
HETATM 16   O "O4'" . GTP A 1 1  ? -23.82914 9.36926   -12.39425 1.000 139.30976 ? 6   GTP V "O4'" 1 
HETATM 17   C "C3'" . GTP A 1 1  ? -21.76010 9.17757   -11.32479 1.000 138.68124 ? 6   GTP V "C3'" 1 
HETATM 18   O "O3'" . GTP A 1 1  ? -20.34390 9.08526   -11.42009 1.000 131.48082 ? 6   GTP V "O3'" 1 
HETATM 19   C "C2'" . GTP A 1 1  ? -22.28585 10.58953  -11.06618 1.000 126.76789 ? 6   GTP V "C2'" 1 
HETATM 20   O "O2'" . GTP A 1 1  ? -21.74953 11.49043  -12.01200 1.000 134.08683 ? 6   GTP V "O2'" 1 
HETATM 21   C "C1'" . GTP A 1 1  ? -23.76582 10.37504  -11.38072 1.000 124.47925 ? 6   GTP V "C1'" 1 
HETATM 22   N N9    . GTP A 1 1  ? -24.54359 9.92961   -10.22962 1.000 114.57687 ? 6   GTP V N9    1 
HETATM 23   C C8    . GTP A 1 1  ? -25.20169 8.73921   -10.06085 1.000 115.69783 ? 6   GTP V C8    1 
HETATM 24   N N7    . GTP A 1 1  ? -25.81590 8.63479   -8.90773  1.000 108.72743 ? 6   GTP V N7    1 
HETATM 25   C C5    . GTP A 1 1  ? -25.53871 9.84130   -8.26971  1.000 107.87713 ? 6   GTP V C5    1 
HETATM 26   C C6    . GTP A 1 1  ? -25.93512 10.30580  -6.99100  1.000 115.27755 ? 6   GTP V C6    1 
HETATM 27   O O6    . GTP A 1 1  ? -26.63083 9.72663   -6.14237  1.000 126.41117 ? 6   GTP V O6    1 
HETATM 28   N N1    . GTP A 1 1  ? -25.43890 11.58363  -6.73628  1.000 120.49543 ? 6   GTP V N1    1 
HETATM 29   C C2    . GTP A 1 1  ? -24.66193 12.32091  -7.59718  1.000 127.19589 ? 6   GTP V C2    1 
HETATM 30   N N2    . GTP A 1 1  ? -24.27622 13.53504  -7.17453  1.000 114.83111 ? 6   GTP V N2    1 
HETATM 31   N N3    . GTP A 1 1  ? -24.28565 11.88872  -8.79994  1.000 120.89745 ? 6   GTP V N3    1 
HETATM 32   C C4    . GTP A 1 1  ? -24.75956 10.64912  -9.06503  1.000 113.08741 ? 6   GTP V C4    1 
ATOM   33   P P     . G   A 1 2  ? -19.52220 8.45316   -10.19939 1.000 142.16339 ? 7   G   V P     1 
ATOM   34   O OP1   . G   A 1 2  ? -18.14691 8.15889   -10.67096 1.000 142.91428 ? 7   G   V OP1   1 
ATOM   35   O OP2   . G   A 1 2  ? -20.34093 7.37639   -9.58836  1.000 144.08530 ? 7   G   V OP2   1 
ATOM   36   O "O5'" . G   A 1 2  ? -19.44008 9.64354   -9.14491  1.000 134.05811 ? 7   G   V "O5'" 1 
ATOM   37   C "C5'" . G   A 1 2  ? -18.86352 10.89035  -9.49935  1.000 120.30914 ? 7   G   V "C5'" 1 
ATOM   38   C "C4'" . G   A 1 2  ? -19.19391 11.96236  -8.49147  1.000 129.69963 ? 7   G   V "C4'" 1 
ATOM   39   O "O4'" . G   A 1 2  ? -20.63219 12.05208  -8.32308  1.000 122.42798 ? 7   G   V "O4'" 1 
ATOM   40   C "C3'" . G   A 1 2  ? -18.67789 11.74478  -7.07741  1.000 138.58883 ? 7   G   V "C3'" 1 
ATOM   41   O "O3'" . G   A 1 2  ? -17.30659 12.07044  -6.92281  1.000 156.16048 ? 7   G   V "O3'" 1 
ATOM   42   C "C2'" . G   A 1 2  ? -19.61428 12.61659  -6.24972  1.000 125.44302 ? 7   G   V "C2'" 1 
ATOM   43   O "O2'" . G   A 1 2  ? -19.24637 13.98528  -6.34443  1.000 136.73789 ? 7   G   V "O2'" 1 
ATOM   44   C "C1'" . G   A 1 2  ? -20.93610 12.42376  -6.99273  1.000 126.23173 ? 7   G   V "C1'" 1 
ATOM   45   N N9    . G   A 1 2  ? -21.76772 11.37596  -6.37233  1.000 129.54510 ? 7   G   V N9    1 
ATOM   46   C C8    . G   A 1 2  ? -22.10963 10.15032  -6.89001  1.000 124.26222 ? 7   G   V C8    1 
ATOM   47   N N7    . G   A 1 2  ? -22.86520 9.45059   -6.08850  1.000 118.19673 ? 7   G   V N7    1 
ATOM   48   C C5    . G   A 1 2  ? -23.03119 10.26525  -4.97479  1.000 122.97804 ? 7   G   V C5    1 
ATOM   49   C C6    . G   A 1 2  ? -23.75385 10.04890  -3.77202  1.000 117.44221 ? 7   G   V C6    1 
ATOM   50   O O6    . G   A 1 2  ? -24.41383 9.05488   -3.44079  1.000 126.66319 ? 7   G   V O6    1 
ATOM   51   N N1    . G   A 1 2  ? -23.65437 11.13876  -2.90875  1.000 113.63751 ? 7   G   V N1    1 
ATOM   52   C C2    . G   A 1 2  ? -22.95200 12.29281  -3.16576  1.000 120.76723 ? 7   G   V C2    1 
ATOM   53   N N2    . G   A 1 2  ? -22.97618 13.23226  -2.20752  1.000 107.00916 ? 7   G   V N2    1 
ATOM   54   N N3    . G   A 1 2  ? -22.27510 12.50682  -4.28321  1.000 122.81534 ? 7   G   V N3    1 
ATOM   55   C C4    . G   A 1 2  ? -22.35968 11.45896  -5.13440  1.000 130.92281 ? 7   G   V C4    1 
ATOM   56   P P     . C   A 1 3  ? -16.40811 11.28129  -5.84856  1.000 148.86008 ? 8   C   V P     1 
ATOM   57   O OP1   . C   A 1 3  ? -15.00861 11.75495  -5.99340  1.000 137.17420 ? 8   C   V OP1   1 
ATOM   58   O OP2   . C   A 1 3  ? -16.70937 9.83236   -5.97601  1.000 138.03248 ? 8   C   V OP2   1 
ATOM   59   O "O5'" . C   A 1 3  ? -16.96312 11.77946  -4.43874  1.000 137.52088 ? 8   C   V "O5'" 1 
ATOM   60   C "C5'" . C   A 1 3  ? -16.93378 13.15647  -4.09110  1.000 125.87344 ? 8   C   V "C5'" 1 
ATOM   61   C "C4'" . C   A 1 3  ? -17.58257 13.41824  -2.75244  1.000 126.27051 ? 8   C   V "C4'" 1 
ATOM   62   O "O4'" . C   A 1 3  ? -19.01744 13.21412  -2.84146  1.000 129.74006 ? 8   C   V "O4'" 1 
ATOM   63   C "C3'" . C   A 1 3  ? -17.16494 12.51393  -1.60454  1.000 134.08438 ? 8   C   V "C3'" 1 
ATOM   64   O "O3'" . C   A 1 3  ? -15.90632 12.84276  -1.04463  1.000 134.94877 ? 8   C   V "O3'" 1 
ATOM   65   C "C2'" . C   A 1 3  ? -18.33176 12.66184  -0.63758  1.000 125.89924 ? 8   C   V "C2'" 1 
ATOM   66   O "O2'" . C   A 1 3  ? -18.26634 13.90318  0.04896   1.000 125.38968 ? 8   C   V "O2'" 1 
ATOM   67   C "C1'" . C   A 1 3  ? -19.50705 12.71737  -1.61003  1.000 118.69009 ? 8   C   V "C1'" 1 
ATOM   68   N N1    . C   A 1 3  ? -20.08300 11.37396  -1.83275  1.000 125.32195 ? 8   C   V N1    1 
ATOM   69   C C2    . C   A 1 3  ? -20.91852 10.83766  -0.84959  1.000 129.25547 ? 8   C   V C2    1 
ATOM   70   O O2    . C   A 1 3  ? -21.14837 11.51003  0.16658   1.000 128.57264 ? 8   C   V O2    1 
ATOM   71   N N3    . C   A 1 3  ? -21.45193 9.60645   -1.03157  1.000 126.71707 ? 8   C   V N3    1 
ATOM   72   C C4    . C   A 1 3  ? -21.17246 8.91846   -2.14093  1.000 126.14735 ? 8   C   V C4    1 
ATOM   73   N N4    . C   A 1 3  ? -21.71830 7.70788   -2.28438  1.000 124.91106 ? 8   C   V N4    1 
ATOM   74   C C5    . C   A 1 3  ? -20.32127 9.44285   -3.15759  1.000 130.88591 ? 8   C   V C5    1 
ATOM   75   C C6    . C   A 1 3  ? -19.80086 10.66174  -2.96295  1.000 128.15060 ? 8   C   V C6    1 
ATOM   76   P P     . G   A 1 4  ? -15.02134 11.69426  -0.35114  1.000 140.91377 ? 9   G   V P     1 
ATOM   77   O OP1   . G   A 1 4  ? -13.65740 12.22937  -0.11645  1.000 130.82409 ? 9   G   V OP1   1 
ATOM   78   O OP2   . G   A 1 4  ? -15.19846 10.44880  -1.14132  1.000 139.54579 ? 9   G   V OP2   1 
ATOM   79   O "O5'" . G   A 1 4  ? -15.72161 11.47132  1.06246   1.000 123.39892 ? 9   G   V "O5'" 1 
ATOM   80   C "C5'" . G   A 1 4  ? -15.96245 12.56351  1.93653   1.000 122.12192 ? 9   G   V "C5'" 1 
ATOM   81   C "C4'" . G   A 1 4  ? -16.87073 12.16741  3.07179   1.000 117.79216 ? 9   G   V "C4'" 1 
ATOM   82   O "O4'" . G   A 1 4  ? -18.20547 11.90514  2.56647   1.000 133.60959 ? 9   G   V "O4'" 1 
ATOM   83   C "C3'" . G   A 1 4  ? -16.50048 10.88722  3.80088   1.000 124.08197 ? 9   G   V "C3'" 1 
ATOM   84   O "O3'" . G   A 1 4  ? -15.46290 11.06309  4.74608   1.000 130.33551 ? 9   G   V "O3'" 1 
ATOM   85   C "C2'" . G   A 1 4  ? -17.82684 10.45831  4.41296   1.000 123.36673 ? 9   G   V "C2'" 1 
ATOM   86   O "O2'" . G   A 1 4  ? -18.11582 11.22398  5.57355   1.000 127.47853 ? 9   G   V "O2'" 1 
ATOM   87   C "C1'" . G   A 1 4  ? -18.80593 10.86373  3.31208   1.000 129.25058 ? 9   G   V "C1'" 1 
ATOM   88   N N9    . G   A 1 4  ? -19.11624 9.74244   2.40356   1.000 127.26683 ? 9   G   V N9    1 
ATOM   89   C C8    . G   A 1 4  ? -18.65492 9.55416   1.12359   1.000 130.28360 ? 9   G   V C8    1 
ATOM   90   N N7    . G   A 1 4  ? -19.11148 8.46685   0.56428   1.000 118.45984 ? 9   G   V N7    1 
ATOM   91   C C5    . G   A 1 4  ? -19.92572 7.90167   1.53458   1.000 117.57191 ? 9   G   V C5    1 
ATOM   92   C C6    . G   A 1 4  ? -20.69500 6.71045   1.50508   1.000 116.48506 ? 9   G   V C6    1 
ATOM   93   O O6    . G   A 1 4  ? -20.80749 5.89331   0.58292   1.000 114.16873 ? 9   G   V O6    1 
ATOM   94   N N1    . G   A 1 4  ? -21.37278 6.51024   2.70451   1.000 120.43325 ? 9   G   V N1    1 
ATOM   95   C C2    . G   A 1 4  ? -21.32032 7.34793   3.79118   1.000 122.79168 ? 9   G   V C2    1 
ATOM   96   N N2    . G   A 1 4  ? -22.04842 6.98116   4.85615   1.000 125.43290 ? 9   G   V N2    1 
ATOM   97   N N3    . G   A 1 4  ? -20.60780 8.46283   3.82982   1.000 126.16054 ? 9   G   V N3    1 
ATOM   98   C C4    . G   A 1 4  ? -19.94057 8.67609   2.67562   1.000 119.91817 ? 9   G   V C4    1 
ATOM   99   P P     . U   A 1 5  ? -14.46722 9.84605   5.06338   1.000 136.32512 ? 10  U   V P     1 
ATOM   100  O OP1   . U   A 1 5  ? -13.41318 10.34100  5.98165   1.000 160.37622 ? 10  U   V OP1   1 
ATOM   101  O OP2   . U   A 1 5  ? -14.08424 9.22137   3.77165   1.000 126.22076 ? 10  U   V OP2   1 
ATOM   102  O "O5'" . U   A 1 5  ? -15.37790 8.80638   5.85347   1.000 126.14850 ? 10  U   V "O5'" 1 
ATOM   103  C "C5'" . U   A 1 5  ? -16.05967 9.18205   7.04054   1.000 121.06999 ? 10  U   V "C5'" 1 
ATOM   104  C "C4'" . U   A 1 5  ? -16.84482 8.02561   7.60358   1.000 132.23233 ? 10  U   V "C4'" 1 
ATOM   105  O "O4'" . U   A 1 5  ? -18.06052 7.82917   6.83207   1.000 139.46141 ? 10  U   V "O4'" 1 
ATOM   106  C "C3'" . U   A 1 5  ? -16.15526 6.67454   7.54074   1.000 127.82646 ? 10  U   V "C3'" 1 
ATOM   107  O "O3'" . U   A 1 5  ? -15.18905 6.48280   8.55823   1.000 129.22430 ? 10  U   V "O3'" 1 
ATOM   108  C "C2'" . U   A 1 5  ? -17.32871 5.70596   7.59159   1.000 129.09975 ? 10  U   V "C2'" 1 
ATOM   109  O "O2'" . U   A 1 5  ? -17.84257 5.60114   8.91027   1.000 134.89334 ? 10  U   V "O2'" 1 
ATOM   110  C "C1'" . U   A 1 5  ? -18.35168 6.44845   6.73498   1.000 123.89726 ? 10  U   V "C1'" 1 
ATOM   111  N N1    . U   A 1 5  ? -18.24274 6.05262   5.31429   1.000 122.22407 ? 10  U   V N1    1 
ATOM   112  C C2    . U   A 1 5  ? -18.91707 4.92753   4.88077   1.000 122.50955 ? 10  U   V C2    1 
ATOM   113  O O2    . U   A 1 5  ? -19.61477 4.24686   5.61210   1.000 125.00249 ? 10  U   V O2    1 
ATOM   114  N N3    . U   A 1 5  ? -18.74830 4.63215   3.54991   1.000 119.38527 ? 10  U   V N3    1 
ATOM   115  C C4    . U   A 1 5  ? -17.98472 5.32748   2.63393   1.000 123.53265 ? 10  U   V C4    1 
ATOM   116  O O4    . U   A 1 5  ? -17.92880 4.94083   1.46648   1.000 128.38208 ? 10  U   V O4    1 
ATOM   117  C C5    . U   A 1 5  ? -17.31652 6.47272   3.16356   1.000 125.36132 ? 10  U   V C5    1 
ATOM   118  C C6    . U   A 1 5  ? -17.46324 6.78347   4.45317   1.000 124.59125 ? 10  U   V C6    1 
ATOM   119  P P     . G   A 1 6  ? -13.91712 5.54036   8.27818   1.000 142.51560 ? 11  G   V P     1 
ATOM   120  O OP1   . G   A 1 6  ? -12.95020 5.72118   9.38968   1.000 118.62677 ? 11  G   V OP1   1 
ATOM   121  O OP2   . G   A 1 6  ? -13.48089 5.76123   6.87480   1.000 131.64507 ? 11  G   V OP2   1 
ATOM   122  O "O5'" . G   A 1 6  ? -14.51312 4.06876   8.39858   1.000 123.20664 ? 11  G   V "O5'" 1 
ATOM   123  C "C5'" . G   A 1 6  ? -15.29230 3.71942   9.52868   1.000 114.26627 ? 11  G   V "C5'" 1 
ATOM   124  C "C4'" . G   A 1 6  ? -15.97731 2.38627   9.37393   1.000 121.16402 ? 11  G   V "C4'" 1 
ATOM   125  O "O4'" . G   A 1 6  ? -17.04369 2.44796   8.39469   1.000 116.95047 ? 11  G   V "O4'" 1 
ATOM   126  C "C3'" . G   A 1 6  ? -15.13547 1.21684   8.89781   1.000 121.04145 ? 11  G   V "C3'" 1 
ATOM   127  O "O3'" . G   A 1 6  ? -14.26792 0.70791   9.89625   1.000 109.79235 ? 11  G   V "O3'" 1 
ATOM   128  C "C2'" . G   A 1 6  ? -16.20096 0.21637   8.46133   1.000 122.18909 ? 11  G   V "C2'" 1 
ATOM   129  O "O2'" . G   A 1 6  ? -16.71712 -0.48926  9.57920   1.000 139.98053 ? 11  G   V "O2'" 1 
ATOM   130  C "C1'" . G   A 1 6  ? -17.30101 1.14047   7.92013   1.000 120.00688 ? 11  G   V "C1'" 1 
ATOM   131  N N9    . G   A 1 6  ? -17.38974 1.09820   6.44662   1.000 120.55584 ? 11  G   V N9    1 
ATOM   132  C C8    . G   A 1 6  ? -18.19651 0.20760   5.78062   1.000 111.58589 ? 11  G   V C8    1 
ATOM   133  N N7    . G   A 1 6  ? -18.12308 0.29496   4.48549   1.000 106.61106 ? 11  G   V N7    1 
ATOM   134  C C5    . G   A 1 6  ? -17.19609 1.30224   4.27608   1.000 115.90695 ? 11  G   V C5    1 
ATOM   135  C C6    . G   A 1 6  ? -16.71145 1.83319   3.05541   1.000 123.74608 ? 11  G   V C6    1 
ATOM   136  O O6    . G   A 1 6  ? -17.02506 1.50297   1.90351   1.000 118.75734 ? 11  G   V O6    1 
ATOM   137  N N1    . G   A 1 6  ? -15.77457 2.84025   3.27280   1.000 123.48692 ? 11  G   V N1    1 
ATOM   138  C C2    . G   A 1 6  ? -15.36049 3.27810   4.50779   1.000 132.90243 ? 11  G   V C2    1 
ATOM   139  N N2    . G   A 1 6  ? -14.44739 4.26312   4.50127   1.000 135.05651 ? 11  G   V N2    1 
ATOM   140  N N3    . G   A 1 6  ? -15.80719 2.78765   5.65833   1.000 123.03519 ? 11  G   V N3    1 
ATOM   141  C C4    . G   A 1 6  ? -16.71629 1.80545   5.47294   1.000 118.17203 ? 11  G   V C4    1 
ATOM   142  P P     . G   A 1 7  ? -12.74240 0.34309   9.53971   1.000 126.02096 ? 12  G   V P     1 
ATOM   143  O OP1   . G   A 1 7  ? -12.02523 0.17970   10.82668  1.000 129.78124 ? 12  G   V OP1   1 
ATOM   144  O OP2   . G   A 1 7  ? -12.23309 1.30904   8.53429   1.000 117.87099 ? 12  G   V OP2   1 
ATOM   145  O "O5'" . G   A 1 7  ? -12.83300 -1.08927  8.84805   1.000 119.83849 ? 12  G   V "O5'" 1 
ATOM   146  C "C5'" . G   A 1 7  ? -13.08437 -2.25366  9.61984   1.000 107.47215 ? 12  G   V "C5'" 1 
ATOM   147  C "C4'" . G   A 1 7  ? -14.09543 -3.14912  8.95086   1.000 117.19383 ? 12  G   V "C4'" 1 
ATOM   148  O "O4'" . G   A 1 7  ? -15.13878 -2.33907  8.34652   1.000 120.74402 ? 12  G   V "O4'" 1 
ATOM   149  C "C3'" . G   A 1 7  ? -13.58701 -3.99875  7.79616   1.000 108.93259 ? 12  G   V "C3'" 1 
ATOM   150  O "O3'" . G   A 1 7  ? -12.90301 -5.16776  8.21004   1.000 111.62656 ? 12  G   V "O3'" 1 
ATOM   151  C "C2'" . G   A 1 7  ? -14.86356 -4.28493  7.02231   1.000 107.86731 ? 12  G   V "C2'" 1 
ATOM   152  O "O2'" . G   A 1 7  ? -15.63669 -5.26886  7.69008   1.000 96.14706  ? 12  G   V "O2'" 1 
ATOM   153  C "C1'" . G   A 1 7  ? -15.58269 -2.94446  7.14823   1.000 114.38874 ? 12  G   V "C1'" 1 
ATOM   154  N N9    . G   A 1 7  ? -15.23591 -2.06447  6.01915   1.000 109.89217 ? 12  G   V N9    1 
ATOM   155  C C8    . G   A 1 7  ? -14.50373 -0.90215  6.03621   1.000 114.23660 ? 12  G   V C8    1 
ATOM   156  N N7    . G   A 1 7  ? -14.35974 -0.37541  4.84942   1.000 104.48490 ? 12  G   V N7    1 
ATOM   157  C C5    . G   A 1 7  ? -15.03005 -1.24996  4.00154   1.000 95.20695  ? 12  G   V C5    1 
ATOM   158  C C6    . G   A 1 7  ? -15.22266 -1.21202  2.59797   1.000 99.34503  ? 12  G   V C6    1 
ATOM   159  O O6    . G   A 1 7  ? -14.82241 -0.36969  1.78566   1.000 119.53360 ? 12  G   V O6    1 
ATOM   160  N N1    . G   A 1 7  ? -15.96104 -2.30102  2.15274   1.000 91.94306  ? 12  G   V N1    1 
ATOM   161  C C2    . G   A 1 7  ? -16.45653 -3.30031  2.95239   1.000 100.26443 ? 12  G   V C2    1 
ATOM   162  N N2    . G   A 1 7  ? -17.14895 -4.27295  2.34341   1.000 98.16517  ? 12  G   V N2    1 
ATOM   163  N N3    . G   A 1 7  ? -16.28708 -3.34686  4.25994   1.000 101.60610 ? 12  G   V N3    1 
ATOM   164  C C4    . G   A 1 7  ? -15.57170 -2.29634  4.71011   1.000 91.47079  ? 12  G   V C4    1 
ATOM   165  P P     . U   A 1 8  ? -11.61170 -5.66599  7.39292   1.000 104.49078 ? 13  U   V P     1 
ATOM   166  O OP1   . U   A 1 8  ? -10.93571 -6.72778  8.17948   1.000 100.69167 ? 13  U   V OP1   1 
ATOM   167  O OP2   . U   A 1 8  ? -10.86099 -4.44529  6.99505   1.000 99.51159  ? 13  U   V OP2   1 
ATOM   168  O "O5'" . U   A 1 8  ? -12.20726 -6.32253  6.06663   1.000 97.62658  ? 13  U   V "O5'" 1 
ATOM   169  C "C5'" . U   A 1 8  ? -13.13873 -7.39384  6.12264   1.000 86.52413  ? 13  U   V "C5'" 1 
ATOM   170  C "C4'" . U   A 1 8  ? -13.56494 -7.82138  4.73797   1.000 100.22235 ? 13  U   V "C4'" 1 
ATOM   171  O "O4'" . U   A 1 8  ? -14.40398 -6.79655  4.14588   1.000 112.17317 ? 13  U   V "O4'" 1 
ATOM   172  C "C3'" . U   A 1 8  ? -12.44367 -8.01296  3.72677   1.000 95.92918  ? 13  U   V "C3'" 1 
ATOM   173  O "O3'" . U   A 1 8  ? -11.81872 -9.27730  3.82610   1.000 105.21104 ? 13  U   V "O3'" 1 
ATOM   174  C "C2'" . U   A 1 8  ? -13.14404 -7.78634  2.39448   1.000 92.43770  ? 13  U   V "C2'" 1 
ATOM   175  O "O2'" . U   A 1 8  ? -13.87650 -8.93970  2.00246   1.000 97.20090  ? 13  U   V "O2'" 1 
ATOM   176  C "C1'" . U   A 1 8  ? -14.13406 -6.68573  2.76331   1.000 103.08236 ? 13  U   V "C1'" 1 
ATOM   177  N N1    . U   A 1 8  ? -13.57599 -5.34060  2.51279   1.000 103.80466 ? 13  U   V N1    1 
ATOM   178  C C2    . U   A 1 8  ? -13.59546 -4.85431  1.22135   1.000 99.12842  ? 13  U   V C2    1 
ATOM   179  O O2    . U   A 1 8  ? -14.04680 -5.48251  0.28067   1.000 99.42642  ? 13  U   V O2    1 
ATOM   180  N N3    . U   A 1 8  ? -13.06468 -3.59969  1.07172   1.000 96.30519  ? 13  U   V N3    1 
ATOM   181  C C4    . U   A 1 8  ? -12.52694 -2.80604  2.06351   1.000 103.97891 ? 13  U   V C4    1 
ATOM   182  O O4    . U   A 1 8  ? -12.08697 -1.69246  1.77214   1.000 104.62318 ? 13  U   V O4    1 
ATOM   183  C C5    . U   A 1 8  ? -12.54771 -3.38439  3.37257   1.000 96.92015  ? 13  U   V C5    1 
ATOM   184  C C6    . U   A 1 8  ? -13.05859 -4.60419  3.54901   1.000 93.42644  ? 13  U   V C6    1 
ATOM   185  P P     . C   A 1 9  ? -10.22372 -9.38003  3.69753   1.000 104.01368 ? 14  C   V P     1 
ATOM   186  O OP1   . C   A 1 9  ? -9.78840  -10.64242 4.35047   1.000 104.27165 ? 14  C   V OP1   1 
ATOM   187  O OP2   . C   A 1 9  ? -9.66950  -8.06906  4.13067   1.000 88.09914  ? 14  C   V OP2   1 
ATOM   188  O "O5'" . C   A 1 9  ? -9.96226  -9.49322  2.13048   1.000 103.94620 ? 14  C   V "O5'" 1 
ATOM   189  C "C5'" . C   A 1 9  ? -10.43846 -10.60259 1.38639   1.000 88.48608  ? 14  C   V "C5'" 1 
ATOM   190  C "C4'" . C   A 1 9  ? -10.52968 -10.27160 -0.08148  1.000 92.99012  ? 14  C   V "C4'" 1 
ATOM   191  O "O4'" . C   A 1 9  ? -11.44127 -9.15850  -0.27679  1.000 101.84255 ? 14  C   V "O4'" 1 
ATOM   192  C "C3'" . C   A 1 9  ? -9.24479  -9.80225  -0.74325  1.000 94.14197  ? 14  C   V "C3'" 1 
ATOM   193  O "O3'" . C   A 1 9  ? -8.36217  -10.85629 -1.08095  1.000 86.64928  ? 14  C   V "O3'" 1 
ATOM   194  C "C2'" . C   A 1 9  ? -9.76389  -9.03308  -1.94706  1.000 97.31391  ? 14  C   V "C2'" 1 
ATOM   195  O "O2'" . C   A 1 9  ? -10.21174 -9.93672  -2.94646  1.000 104.73729 ? 14  C   V "O2'" 1 
ATOM   196  C "C1'" . C   A 1 9  ? -10.99168 -8.35231  -1.34840  1.000 101.83268 ? 14  C   V "C1'" 1 
ATOM   197  N N1    . C   A 1 9  ? -10.69020 -6.99621  -0.82995  1.000 91.57221  ? 14  C   V N1    1 
ATOM   198  C C2    . C   A 1 9  ? -10.66244 -5.91446  -1.71836  1.000 97.89557  ? 14  C   V C2    1 
ATOM   199  O O2    . C   A 1 9  ? -10.88194 -6.13371  -2.91809  1.000 105.51796 ? 14  C   V O2    1 
ATOM   200  N N3    . C   A 1 9  ? -10.39638 -4.66435  -1.25873  1.000 86.36659  ? 14  C   V N3    1 
ATOM   201  C C4    . C   A 1 9  ? -10.16914 -4.47810  0.04159   1.000 83.54849  ? 14  C   V C4    1 
ATOM   202  N N4    . C   A 1 9  ? -9.91326  -3.23962  0.46492   1.000 86.06104  ? 14  C   V N4    1 
ATOM   203  C C5    . C   A 1 9  ? -10.19692 -5.55891  0.96929   1.000 103.22768 ? 14  C   V C5    1 
ATOM   204  C C6    . C   A 1 9  ? -10.45877 -6.78625  0.50006   1.000 90.86138  ? 14  C   V C6    1 
ATOM   205  P P     . C   A 1 10 ? -6.80266  -10.54259 -1.29524  1.000 103.77404 ? 15  C   V P     1 
ATOM   206  O OP1   . C   A 1 10 ? -6.11892  -11.84103 -1.50850  1.000 107.99528 ? 15  C   V OP1   1 
ATOM   207  O OP2   . C   A 1 10 ? -6.34841  -9.61762  -0.22248  1.000 78.80385  ? 15  C   V OP2   1 
ATOM   208  O "O5'" . C   A 1 10 ? -6.76290  -9.71320  -2.65364  1.000 94.53016  ? 15  C   V "O5'" 1 
ATOM   209  C "C5'" . C   A 1 10 ? -7.15627  -10.30773 -3.87976  1.000 86.14724  ? 15  C   V "C5'" 1 
ATOM   210  C "C4'" . C   A 1 10 ? -6.96415  -9.36281  -5.03879  1.000 87.51380  ? 15  C   V "C4'" 1 
ATOM   211  O "O4'" . C   A 1 10 ? -7.88190  -8.24417  -4.92678  1.000 100.96471 ? 15  C   V "O4'" 1 
ATOM   212  C "C3'" . C   A 1 10 ? -5.60359  -8.69564  -5.14755  1.000 92.36704  ? 15  C   V "C3'" 1 
ATOM   213  O "O3'" . C   A 1 10 ? -4.60556  -9.53638  -5.68977  1.000 83.00971  ? 15  C   V "O3'" 1 
ATOM   214  C "C2'" . C   A 1 10 ? -5.91015  -7.47804  -6.00686  1.000 87.80006  ? 15  C   V "C2'" 1 
ATOM   215  O "O2'" . C   A 1 10 ? -6.06141  -7.85398  -7.36831  1.000 101.27990 ? 15  C   V "O2'" 1 
ATOM   216  C "C1'" . C   A 1 10 ? -7.28211  -7.08014  -5.46727  1.000 91.36380  ? 15  C   V "C1'" 1 
ATOM   217  N N1    . C   A 1 10 ? -7.16548  -6.05845  -4.40572  1.000 74.73002  ? 15  C   V N1    1 
ATOM   218  C C2    . C   A 1 10 ? -6.81560  -4.76456  -4.78882  1.000 77.37760  ? 15  C   V C2    1 
ATOM   219  O O2    . C   A 1 10 ? -6.62318  -4.53752  -5.99252  1.000 86.30377  ? 15  C   V O2    1 
ATOM   220  N N3    . C   A 1 10 ? -6.69682  -3.80305  -3.84490  1.000 74.51417  ? 15  C   V N3    1 
ATOM   221  C C4    . C   A 1 10 ? -6.91550  -4.11012  -2.56564  1.000 86.23933  ? 15  C   V C4    1 
ATOM   222  N N4    . C   A 1 10 ? -6.78973  -3.13321  -1.66548  1.000 94.01560  ? 15  C   V N4    1 
ATOM   223  C C5    . C   A 1 10 ? -7.27430  -5.42550  -2.14614  1.000 80.64820  ? 15  C   V C5    1 
ATOM   224  C C6    . C   A 1 10 ? -7.38566  -6.36406  -3.09299  1.000 78.34703  ? 15  C   V C6    1 
ATOM   225  P P     . G   A 1 11 ? -3.08293  -9.35991  -5.21891  1.000 92.70540  ? 16  G   V P     1 
ATOM   226  O OP1   . G   A 1 11 ? -2.31780  -10.43156 -5.90476  1.000 106.23655 ? 16  G   V OP1   1 
ATOM   227  O OP2   . G   A 1 11 ? -3.05007  -9.23625  -3.73896  1.000 89.46161  ? 16  G   V OP2   1 
ATOM   228  O "O5'" . G   A 1 11 ? -2.64815  -7.94788  -5.81788  1.000 83.17559  ? 16  G   V "O5'" 1 
ATOM   229  C "C5'" . G   A 1 11 ? -2.62055  -7.75438  -7.22110  1.000 92.04564  ? 16  G   V "C5'" 1 
ATOM   230  C "C4'" . G   A 1 11 ? -2.34303  -6.32232  -7.61229  1.000 78.28830  ? 16  G   V "C4'" 1 
ATOM   231  O "O4'" . G   A 1 11 ? -3.32796  -5.42566  -7.04493  1.000 91.69629  ? 16  G   V "O4'" 1 
ATOM   232  C "C3'" . G   A 1 11 ? -1.02503  -5.72197  -7.16829  1.000 80.97303  ? 16  G   V "C3'" 1 
ATOM   233  O "O3'" . G   A 1 11 ? 0.06880   -6.17818  -7.94072  1.000 101.32622 ? 16  G   V "O3'" 1 
ATOM   234  C "C2'" . G   A 1 11 ? -1.29223  -4.22822  -7.31666  1.000 87.79786  ? 16  G   V "C2'" 1 
ATOM   235  O "O2'" . G   A 1 11 ? -1.21835  -3.84082  -8.68254  1.000 82.39708  ? 16  G   V "O2'" 1 
ATOM   236  C "C1'" . G   A 1 11 ? -2.75888  -4.14068  -6.88811  1.000 76.51884  ? 16  G   V "C1'" 1 
ATOM   237  N N9    . G   A 1 11 ? -2.92822  -3.69655  -5.48978  1.000 76.89955  ? 16  G   V N9    1 
ATOM   238  C C8    . G   A 1 11 ? -3.29204  -4.46476  -4.41036  1.000 80.47753  ? 16  G   V C8    1 
ATOM   239  N N7    . G   A 1 11 ? -3.37016  -3.78184  -3.29733  1.000 77.97064  ? 16  G   V N7    1 
ATOM   240  C C5    . G   A 1 11 ? -3.04269  -2.48096  -3.65919  1.000 78.37406  ? 16  G   V C5    1 
ATOM   241  C C6    . G   A 1 11 ? -2.96034  -1.29602  -2.87811  1.000 79.06101  ? 16  G   V C6    1 
ATOM   242  O O6    . G   A 1 11 ? -3.16392  -1.15398  -1.66791  1.000 80.29215  ? 16  G   V O6    1 
ATOM   243  N N1    . G   A 1 11 ? -2.59698  -0.19651  -3.64708  1.000 69.50797  ? 16  G   V N1    1 
ATOM   244  C C2    . G   A 1 11 ? -2.34254  -0.23569  -4.99508  1.000 79.94515  ? 16  G   V C2    1 
ATOM   245  N N2    . G   A 1 11 ? -2.00151  0.92911   -5.56499  1.000 82.98255  ? 16  G   V N2    1 
ATOM   246  N N3    . G   A 1 11 ? -2.41694  -1.33183  -5.73658  1.000 77.94467  ? 16  G   V N3    1 
ATOM   247  C C4    . G   A 1 11 ? -2.77054  -2.41298  -5.01042  1.000 74.75695  ? 16  G   V C4    1 
ATOM   248  P P     . U   A 1 12 ? 1.52405   -6.33479  -7.27636  1.000 86.26165  ? 17  U   V P     1 
ATOM   249  O OP1   . U   A 1 12 ? 2.36694   -7.06126  -8.25776  1.000 105.48439 ? 17  U   V OP1   1 
ATOM   250  O OP2   . U   A 1 12 ? 1.37332   -6.88857  -5.90457  1.000 72.71894  ? 17  U   V OP2   1 
ATOM   251  O "O5'" . U   A 1 12 ? 2.06872   -4.83933  -7.19153  1.000 68.07754  ? 17  U   V "O5'" 1 
ATOM   252  C "C5'" . U   A 1 12 ? 2.37682   -4.12727  -8.38483  1.000 98.69940  ? 17  U   V "C5'" 1 
ATOM   253  C "C4'" . U   A 1 12 ? 2.57272   -2.65261  -8.13654  1.000 99.52695  ? 17  U   V "C4'" 1 
ATOM   254  O "O4'" . U   A 1 12 ? 1.62305   -2.20149  -7.12768  1.000 97.41176  ? 17  U   V "O4'" 1 
ATOM   255  C "C3'" . U   A 1 12 ? 3.95769   -2.23889  -7.63138  1.000 100.63572 ? 17  U   V "C3'" 1 
ATOM   256  O "O3'" . U   A 1 12 ? 4.26940   -0.95337  -8.17286  1.000 112.17295 ? 17  U   V "O3'" 1 
ATOM   257  C "C2'" . U   A 1 12 ? 3.73071   -2.11147  -6.12829  1.000 81.94064  ? 17  U   V "C2'" 1 
ATOM   258  O "O2'" . U   A 1 12 ? 4.65724   -1.28568  -5.45986  1.000 118.65298 ? 17  U   V "O2'" 1 
ATOM   259  C "C1'" . U   A 1 12 ? 2.32162   -1.53209  -6.09684  1.000 91.69507  ? 17  U   V "C1'" 1 
ATOM   260  N N1    . U   A 1 12 ? 1.60326   -1.70622  -4.82259  1.000 78.92566  ? 17  U   V N1    1 
ATOM   261  C C2    . U   A 1 12 ? 1.25303   -0.55178  -4.13092  1.000 95.33121  ? 17  U   V C2    1 
ATOM   262  O O2    . U   A 1 12 ? 1.51879   0.57508   -4.52411  1.000 89.24015  ? 17  U   V O2    1 
ATOM   263  N N3    . U   A 1 12 ? 0.58751   -0.75225  -2.94635  1.000 76.67142  ? 17  U   V N3    1 
ATOM   264  C C4    . U   A 1 12 ? 0.23540   -1.96747  -2.39742  1.000 85.35287  ? 17  U   V C4    1 
ATOM   265  O O4    . U   A 1 12 ? -0.36490  -1.98850  -1.32170  1.000 97.27828  ? 17  U   V O4    1 
ATOM   266  C C5    . U   A 1 12 ? 0.61877   -3.10789  -3.17431  1.000 76.01788  ? 17  U   V C5    1 
ATOM   267  C C6    . U   A 1 12 ? 1.27262   -2.94618  -4.33261  1.000 74.89181  ? 17  U   V C6    1 
ATOM   268  P P     . U   A 1 13 ? 5.78328   -0.52716  -8.51421  1.000 149.29305 ? 18  U   V P     1 
ATOM   269  O OP1   . U   A 1 13 ? 6.15578   0.58188   -7.59929  1.000 127.26630 ? 18  U   V OP1   1 
ATOM   270  O OP2   . U   A 1 13 ? 5.90485   -0.32199  -9.98104  1.000 136.76597 ? 18  U   V OP2   1 
ATOM   271  O "O5'" . U   A 1 13 ? 6.65423   -1.79883  -8.11695  1.000 155.52234 ? 18  U   V "O5'" 1 
ATOM   272  C "C5'" . U   A 1 13 ? 7.68909   -1.70225  -7.14614  1.000 164.38078 ? 18  U   V "C5'" 1 
ATOM   273  C "C4'" . U   A 1 13 ? 8.35777   -3.03480  -6.93613  1.000 156.36221 ? 18  U   V "C4'" 1 
ATOM   274  O "O4'" . U   A 1 13 ? 7.33790   -4.06631  -6.95237  1.000 154.79370 ? 18  U   V "O4'" 1 
ATOM   275  C "C3'" . U   A 1 13 ? 9.34691   -3.45239  -8.01895  1.000 164.88842 ? 18  U   V "C3'" 1 
ATOM   276  O "O3'" . U   A 1 13 ? 10.65823  -2.95948  -7.78504  1.000 165.70358 ? 18  U   V "O3'" 1 
ATOM   277  C "C2'" . U   A 1 13 ? 9.27322   -4.97416  -7.98329  1.000 165.90290 ? 18  U   V "C2'" 1 
ATOM   278  O "O2'" . U   A 1 13 ? 10.07132  -5.49099  -6.92816  1.000 154.42446 ? 18  U   V "O2'" 1 
ATOM   279  C "C1'" . U   A 1 13 ? 7.80350   -5.20593  -7.63570  1.000 167.62321 ? 18  U   V "C1'" 1 
ATOM   280  N N1    . U   A 1 13 ? 6.96348   -5.39958  -8.83949  1.000 174.46816 ? 18  U   V N1    1 
ATOM   281  C C2    . U   A 1 13 ? 6.79542   -6.68807  -9.30246  1.000 180.67033 ? 18  U   V C2    1 
ATOM   282  O O2    . U   A 1 13 ? 7.30799   -7.65247  -8.76054  1.000 180.87778 ? 18  U   V O2    1 
ATOM   283  N N3    . U   A 1 13 ? 6.00288   -6.80095  -10.41995 1.000 188.68497 ? 18  U   V N3    1 
ATOM   284  C C4    . U   A 1 13 ? 5.37567   -5.77887  -11.10702 1.000 186.67813 ? 18  U   V C4    1 
ATOM   285  O O4    . U   A 1 13 ? 4.69247   -6.04047  -12.09989 1.000 175.52283 ? 18  U   V O4    1 
ATOM   286  C C5    . U   A 1 13 ? 5.59975   -4.47368  -10.56363 1.000 170.32704 ? 18  U   V C5    1 
ATOM   287  C C6    . U   A 1 13 ? 6.36640   -4.33595  -9.47627  1.000 162.93013 ? 18  U   V C6    1 
ATOM   288  P P     . C   A 1 14 ? 11.12485  -1.51305  -8.31725  1.000 180.20960 ? 19  C   V P     1 
ATOM   289  O OP1   . C   A 1 14 ? 12.60487  -1.47076  -8.21757  1.000 175.45295 ? 19  C   V OP1   1 
ATOM   290  O OP2   . C   A 1 14 ? 10.32838  -0.45722  -7.64078  1.000 174.40631 ? 19  C   V OP2   1 
ATOM   291  O "O5'" . C   A 1 14 ? 10.75368  -1.51701  -9.86574  1.000 170.26568 ? 19  C   V "O5'" 1 
ATOM   292  C "C5'" . C   A 1 14 ? 11.32467  -0.55604  -10.74869 1.000 157.99462 ? 19  C   V "C5'" 1 
ATOM   293  C "C4'" . C   A 1 14 ? 10.41847  -0.25354  -11.91705 1.000 163.21952 ? 19  C   V "C4'" 1 
ATOM   294  O "O4'" . C   A 1 14 ? 10.36296  -1.41272  -12.79240 1.000 180.76951 ? 19  C   V "O4'" 1 
ATOM   295  C "C3'" . C   A 1 14 ? 8.97408   0.08219   -11.55326 1.000 159.68064 ? 19  C   V "C3'" 1 
ATOM   296  O "O3'" . C   A 1 14 ? 8.47182   1.07357   -12.44638 1.000 141.32467 ? 19  C   V "O3'" 1 
ATOM   297  C "C2'" . C   A 1 14 ? 8.24508   -1.23902  -11.78468 1.000 172.61209 ? 19  C   V "C2'" 1 
ATOM   298  O "O2'" . C   A 1 14 ? 6.87138   -1.10249  -12.08263 1.000 163.17901 ? 19  C   V "O2'" 1 
ATOM   299  C "C1'" . C   A 1 14 ? 9.02171   -1.82970  -12.96014 1.000 176.16815 ? 19  C   V "C1'" 1 
ATOM   300  N N1    . C   A 1 14 ? 9.01385   -3.30073  -12.99491 1.000 180.33216 ? 19  C   V N1    1 
ATOM   301  C C2    . C   A 1 14 ? 8.31606   -3.96971  -14.00595 1.000 185.49716 ? 19  C   V C2    1 
ATOM   302  O O2    . C   A 1 14 ? 7.70934   -3.30653  -14.86143 1.000 186.72771 ? 19  C   V O2    1 
ATOM   303  N N3    . C   A 1 14 ? 8.32182   -5.32365  -14.02097 1.000 184.08422 ? 19  C   V N3    1 
ATOM   304  C C4    . C   A 1 14 ? 8.98664   -6.00279  -13.08290 1.000 179.88271 ? 19  C   V C4    1 
ATOM   305  N N4    . C   A 1 14 ? 8.96563   -7.33674  -13.13688 1.000 190.24609 ? 19  C   V N4    1 
ATOM   306  C C5    . C   A 1 14 ? 9.70582   -5.34714  -12.04373 1.000 165.90416 ? 19  C   V C5    1 
ATOM   307  C C6    . C   A 1 14 ? 9.69144   -4.00960  -12.04076 1.000 169.78564 ? 19  C   V C6    1 
ATOM   308  P P     . A   A 1 15 ? 8.76243   2.62646   -12.15737 1.000 163.40759 ? 20  A   V P     1 
ATOM   309  O OP1   . A   A 1 15 ? 8.19439   3.42634   -13.27302 1.000 156.01983 ? 20  A   V OP1   1 
ATOM   310  O OP2   . A   A 1 15 ? 10.20006  2.75249   -11.80824 1.000 159.27946 ? 20  A   V OP2   1 
ATOM   311  O "O5'" . A   A 1 15 ? 7.92277   2.94263   -10.84059 1.000 139.91301 ? 20  A   V "O5'" 1 
ATOM   312  C "C5'" . A   A 1 15 ? 6.52507   2.70557   -10.79420 1.000 107.07089 ? 20  A   V "C5'" 1 
ATOM   313  C "C4'" . A   A 1 15 ? 5.73129   3.96445   -11.03894 1.000 94.71308  ? 20  A   V "C4'" 1 
ATOM   314  O "O4'" . A   A 1 15 ? 4.32134   3.62357   -11.10538 1.000 121.76927 ? 20  A   V "O4'" 1 
ATOM   315  C "C3'" . A   A 1 15 ? 5.80962   5.03079   -9.95197  1.000 107.55065 ? 20  A   V "C3'" 1 
ATOM   316  O "O3'" . A   A 1 15 ? 6.93527   5.88362   -10.08597 1.000 127.97648 ? 20  A   V "O3'" 1 
ATOM   317  C "C2'" . A   A 1 15 ? 4.47734   5.75265   -10.09926 1.000 90.71617  ? 20  A   V "C2'" 1 
ATOM   318  O "O2'" . A   A 1 15 ? 4.49681   6.60935   -11.23055 1.000 82.83388  ? 20  A   V "O2'" 1 
ATOM   319  C "C1'" . A   A 1 15 ? 3.55403   4.58727   -10.41927 1.000 98.93398  ? 20  A   V "C1'" 1 
ATOM   320  N N9    . A   A 1 15 ? 3.03642   3.94621   -9.19688  1.000 98.60533  ? 20  A   V N9    1 
ATOM   321  C C8    . A   A 1 15 ? 3.38843   2.70568   -8.72961  1.000 90.34335  ? 20  A   V C8    1 
ATOM   322  N N7    . A   A 1 15 ? 2.78186   2.36566   -7.62309  1.000 101.28877 ? 20  A   V N7    1 
ATOM   323  C C5    . A   A 1 15 ? 1.97608   3.45775   -7.34121  1.000 83.10721  ? 20  A   V C5    1 
ATOM   324  C C6    . A   A 1 15 ? 1.08323   3.70665   -6.28637  1.000 86.74029  ? 20  A   V C6    1 
ATOM   325  N N6    . A   A 1 15 ? 0.85252   2.83923   -5.29318  1.000 97.74555  ? 20  A   V N6    1 
ATOM   326  N N1    . A   A 1 15 ? 0.43524   4.89063   -6.29206  1.000 91.73313  ? 20  A   V N1    1 
ATOM   327  C C2    . A   A 1 15 ? 0.68023   5.74929   -7.29369  1.000 93.94769  ? 20  A   V C2    1 
ATOM   328  N N3    . A   A 1 15 ? 1.49488   5.62951   -8.33889  1.000 86.96465  ? 20  A   V N3    1 
ATOM   329  C C4    . A   A 1 15 ? 2.12071   4.44223   -8.30186  1.000 78.22216  ? 20  A   V C4    1 
ATOM   330  P P     . A   A 1 16 ? 7.60633   6.56501   -8.79049  1.000 110.56716 ? 21  A   V P     1 
ATOM   331  O OP1   . A   A 1 16 ? 8.62835   7.52322   -9.28636  1.000 102.08140 ? 21  A   V OP1   1 
ATOM   332  O OP2   . A   A 1 16 ? 7.98354   5.48434   -7.83962  1.000 99.00159  ? 21  A   V OP2   1 
ATOM   333  O "O5'" . A   A 1 16 ? 6.43524   7.43633   -8.14357  1.000 101.93051 ? 21  A   V "O5'" 1 
ATOM   334  C "C5'" . A   A 1 16 ? 5.76866   8.41211   -8.92535  1.000 90.40951  ? 21  A   V "C5'" 1 
ATOM   335  C "C4'" . A   A 1 16 ? 5.09630   9.48079   -8.09843  1.000 88.11192  ? 21  A   V "C4'" 1 
ATOM   336  O "O4'" . A   A 1 16 ? 3.79318   9.04927   -7.63923  1.000 89.22377  ? 21  A   V "O4'" 1 
ATOM   337  C "C3'" . A   A 1 16 ? 5.77967   9.94786   -6.82552  1.000 106.01422 ? 21  A   V "C3'" 1 
ATOM   338  O "O3'" . A   A 1 16 ? 6.89887   10.78341  -7.07407  1.000 117.03223 ? 21  A   V "O3'" 1 
ATOM   339  C "C2'" . A   A 1 16 ? 4.64056   10.66938  -6.10889  1.000 110.31978 ? 21  A   V "C2'" 1 
ATOM   340  O "O2'" . A   A 1 16 ? 4.45734   11.96986  -6.65531  1.000 102.96288 ? 21  A   V "O2'" 1 
ATOM   341  C "C1'" . A   A 1 16 ? 3.43099   9.80776   -6.50283  1.000 90.00983  ? 21  A   V "C1'" 1 
ATOM   342  N N9    . A   A 1 16 ? 2.97784   8.91814   -5.41468  1.000 86.70445  ? 21  A   V N9    1 
ATOM   343  C C8    . A   A 1 16 ? 2.16390   9.27306   -4.36596  1.000 98.47585  ? 21  A   V C8    1 
ATOM   344  N N7    . A   A 1 16 ? 1.90355   8.30882   -3.51743  1.000 71.06117  ? 21  A   V N7    1 
ATOM   345  C C5    . A   A 1 16 ? 2.59624   7.23574   -4.04618  1.000 71.76410  ? 21  A   V C5    1 
ATOM   346  C C6    . A   A 1 16 ? 2.72058   5.91732   -3.60322  1.000 87.04927  ? 21  A   V C6    1 
ATOM   347  N N6    . A   A 1 16 ? 2.12397   5.46851   -2.49509  1.000 92.35404  ? 21  A   V N6    1 
ATOM   348  N N1    . A   A 1 16 ? 3.48367   5.08954   -4.35035  1.000 108.22595 ? 21  A   V N1    1 
ATOM   349  C C2    . A   A 1 16 ? 4.06663   5.57302   -5.45559  1.000 102.78791 ? 21  A   V C2    1 
ATOM   350  N N3    . A   A 1 16 ? 4.02619   6.79748   -5.97826  1.000 80.45625  ? 21  A   V N3    1 
ATOM   351  C C4    . A   A 1 16 ? 3.26681   7.59154   -5.21100  1.000 75.23970  ? 21  A   V C4    1 
ATOM   352  P P     . C   A 1 17 ? 8.12356   10.86064  -6.03118  1.000 118.02681 ? 22  C   V P     1 
ATOM   353  O OP1   . C   A 1 17 ? 8.69061   12.22677  -6.17047  1.000 84.54578  ? 22  C   V OP1   1 
ATOM   354  O OP2   . C   A 1 17 ? 8.98668   9.65318   -6.16797  1.000 81.62438  ? 22  C   V OP2   1 
ATOM   355  O "O5'" . C   A 1 17 ? 7.43469   10.78691  -4.59867  1.000 96.68539  ? 22  C   V "O5'" 1 
ATOM   356  C "C5'" . C   A 1 17 ? 6.80541   11.92671  -4.03451  1.000 94.93594  ? 22  C   V "C5'" 1 
ATOM   357  C "C4'" . C   A 1 17 ? 6.11825   11.57200  -2.74345  1.000 85.77030  ? 22  C   V "C4'" 1 
ATOM   358  O "O4'" . C   A 1 17 ? 5.21207   10.46783  -2.98292  1.000 99.46676  ? 22  C   V "O4'" 1 
ATOM   359  C "C3'" . C   A 1 17 ? 7.02610   11.07322  -1.63010  1.000 97.99304  ? 22  C   V "C3'" 1 
ATOM   360  O "O3'" . C   A 1 17 ? 7.62250   12.12671  -0.89609  1.000 99.11443  ? 22  C   V "O3'" 1 
ATOM   361  C "C2'" . C   A 1 17 ? 6.09569   10.20143  -0.79740  1.000 82.09171  ? 22  C   V "C2'" 1 
ATOM   362  O "O2'" . C   A 1 17 ? 5.28262   10.99694  0.05204   1.000 100.81622 ? 22  C   V "O2'" 1 
ATOM   363  C "C1'" . C   A 1 17 ? 5.20537   9.59528   -1.87649  1.000 81.10523  ? 22  C   V "C1'" 1 
ATOM   364  N N1    . C   A 1 17 ? 5.67995   8.26876   -2.31910  1.000 76.97177  ? 22  C   V N1    1 
ATOM   365  C C2    . C   A 1 17 ? 5.42302   7.20100   -1.47541  1.000 85.51643  ? 22  C   V C2    1 
ATOM   366  O O2    . C   A 1 17 ? 4.83379   7.43514   -0.41398  1.000 94.08711  ? 22  C   V O2    1 
ATOM   367  N N3    . C   A 1 17 ? 5.82711   5.96510   -1.83355  1.000 85.20432  ? 22  C   V N3    1 
ATOM   368  C C4    . C   A 1 17 ? 6.45751   5.77871   -2.99262  1.000 95.36640  ? 22  C   V C4    1 
ATOM   369  N N4    . C   A 1 17 ? 6.83454   4.53619   -3.30070  1.000 99.14162  ? 22  C   V N4    1 
ATOM   370  C C5    . C   A 1 17 ? 6.73108   6.85659   -3.88224  1.000 95.81823  ? 22  C   V C5    1 
ATOM   371  C C6    . C   A 1 17 ? 6.32427   8.07686   -3.50760  1.000 86.37599  ? 22  C   V C6    1 
ATOM   372  P P     . U   A 1 18 ? 8.82936   11.82435  0.11694   1.000 97.96923  ? 23  U   V P     1 
ATOM   373  O OP1   . U   A 1 18 ? 8.54645   10.56436  0.85724   1.000 91.58240  ? 23  U   V OP1   1 
ATOM   374  O OP2   . U   A 1 18 ? 9.08303   13.08414  0.85713   1.000 113.15905 ? 23  U   V OP2   1 
ATOM   375  O "O5'" . U   A 1 18 ? 10.06959  11.53174  -0.83711  1.000 102.62166 ? 23  U   V "O5'" 1 
ATOM   376  C "C5'" . U   A 1 18 ? 10.68215  12.57067  -1.59463  1.000 100.22971 ? 23  U   V "C5'" 1 
ATOM   377  C "C4'" . U   A 1 18 ? 12.17259  12.36040  -1.69977  1.000 109.02441 ? 23  U   V "C4'" 1 
ATOM   378  O "O4'" . U   A 1 18 ? 12.78662  12.65351  -0.41252  1.000 106.99634 ? 23  U   V "O4'" 1 
ATOM   379  C "C3'" . U   A 1 18 ? 12.59445  10.93629  -2.05585  1.000 98.81987  ? 23  U   V "C3'" 1 
ATOM   380  O "O3'" . U   A 1 18 ? 13.79663  10.97315  -2.82115  1.000 113.98218 ? 23  U   V "O3'" 1 
ATOM   381  C "C2'" . U   A 1 18 ? 12.88854  10.32476  -0.69080  1.000 107.45869 ? 23  U   V "C2'" 1 
ATOM   382  O "O2'" . U   A 1 18 ? 13.76706  9.21830   -0.72463  1.000 96.93182  ? 23  U   V "O2'" 1 
ATOM   383  C "C1'" . U   A 1 18 ? 13.49222  11.51719  0.05120   1.000 97.08474  ? 23  U   V "C1'" 1 
ATOM   384  N N1    . U   A 1 18 ? 13.34592  11.45636  1.51450   1.000 106.76181 ? 23  U   V N1    1 
ATOM   385  C C2    . U   A 1 18 ? 14.48263  11.47650  2.30208   1.000 117.20966 ? 23  U   V C2    1 
ATOM   386  O O2    . U   A 1 18 ? 15.60728  11.54439  1.83877   1.000 119.28954 ? 23  U   V O2    1 
ATOM   387  N N3    . U   A 1 18 ? 14.25500  11.41569  3.65761   1.000 124.17654 ? 23  U   V N3    1 
ATOM   388  C C4    . U   A 1 18 ? 13.03351  11.33651  4.29795   1.000 117.72447 ? 23  U   V C4    1 
ATOM   389  O O4    . U   A 1 18 ? 12.98412  11.28717  5.52894   1.000 114.97590 ? 23  U   V O4    1 
ATOM   390  C C5    . U   A 1 18 ? 11.91017  11.32059  3.41571   1.000 118.41525 ? 23  U   V C5    1 
ATOM   391  C C6    . U   A 1 18 ? 12.10198  11.37962  2.09256   1.000 116.74468 ? 23  U   V C6    1 
ATOM   392  P P     . C   A 1 19 ? 13.94172  10.07397  -4.14372  1.000 113.73038 ? 24  C   V P     1 
ATOM   393  O OP1   . C   A 1 19 ? 15.32303  10.25348  -4.65561  1.000 133.30492 ? 24  C   V OP1   1 
ATOM   394  O OP2   . C   A 1 19 ? 12.80238  10.38794  -5.04248  1.000 104.54872 ? 24  C   V OP2   1 
ATOM   395  O "O5'" . C   A 1 19 ? 13.77203  8.58025   -3.61548  1.000 86.12085  ? 24  C   V "O5'" 1 
ATOM   396  C "C5'" . C   A 1 19 ? 14.88588  7.70192   -3.48239  1.000 91.49775  ? 24  C   V "C5'" 1 
ATOM   397  C "C4'" . C   A 1 19 ? 14.46109  6.26078   -3.64076  1.000 112.76050 ? 24  C   V "C4'" 1 
ATOM   398  O "O4'" . C   A 1 19 ? 15.57328  5.38540   -3.30466  1.000 120.14137 ? 24  C   V "O4'" 1 
ATOM   399  C "C3'" . C   A 1 19 ? 13.29031  5.82628   -2.75759  1.000 123.68316 ? 24  C   V "C3'" 1 
ATOM   400  O "O3'" . C   A 1 19 ? 12.46210  4.90542   -3.46882  1.000 126.93413 ? 24  C   V "O3'" 1 
ATOM   401  C "C2'" . C   A 1 19 ? 13.98147  5.10654   -1.60293  1.000 138.62199 ? 24  C   V "C2'" 1 
ATOM   402  O "O2'" . C   A 1 19 ? 13.17843  4.14380   -0.95056  1.000 152.85991 ? 24  C   V "O2'" 1 
ATOM   403  C "C1'" . C   A 1 19 ? 15.17338  4.46435   -2.30810  1.000 140.38453 ? 24  C   V "C1'" 1 
ATOM   404  N N1    . C   A 1 19 ? 16.32518  4.20537   -1.42848  1.000 137.95978 ? 24  C   V N1    1 
ATOM   405  C C2    . C   A 1 19 ? 16.77664  2.89195   -1.26050  1.000 141.91688 ? 24  C   V C2    1 
ATOM   406  O O2    . C   A 1 19 ? 16.19741  1.97499   -1.86097  1.000 154.71073 ? 24  C   V O2    1 
ATOM   407  N N3    . C   A 1 19 ? 17.83450  2.64936   -0.45167  1.000 154.97843 ? 24  C   V N3    1 
ATOM   408  C C4    . C   A 1 19 ? 18.43744  3.65717   0.17943   1.000 170.83923 ? 24  C   V C4    1 
ATOM   409  N N4    . C   A 1 19 ? 19.47828  3.37069   0.96725   1.000 187.39980 ? 24  C   V N4    1 
ATOM   410  C C5    . C   A 1 19 ? 17.99756  5.00470   0.02864   1.000 161.57288 ? 24  C   V C5    1 
ATOM   411  C C6    . C   A 1 19 ? 16.94927  5.23104   -0.77440  1.000 144.06521 ? 24  C   V C6    1 
ATOM   412  P P     . G   A 1 20 ? 10.96830  4.59407   -2.95746  1.000 110.70547 ? 25  G   V P     1 
ATOM   413  O OP1   . G   A 1 20 ? 10.93909  3.19629   -2.44956  1.000 99.69885  ? 25  G   V OP1   1 
ATOM   414  O OP2   . G   A 1 20 ? 10.02240  5.02901   -4.01721  1.000 111.88807 ? 25  G   V OP2   1 
ATOM   415  O "O5'" . G   A 1 20 ? 10.76852  5.56131   -1.70815  1.000 110.32784 ? 25  G   V "O5'" 1 
ATOM   416  C "C5'" . G   A 1 20 ? 10.40177  6.92390   -1.87720  1.000 99.07751  ? 25  G   V "C5'" 1 
ATOM   417  C "C4'" . G   A 1 20 ? 9.70913   7.44835   -0.64494  1.000 97.87578  ? 25  G   V "C4'" 1 
ATOM   418  O "O4'" . G   A 1 20 ? 8.36451   6.90903   -0.57694  1.000 112.23946 ? 25  G   V "O4'" 1 
ATOM   419  C "C3'" . G   A 1 20 ? 10.33148  7.03902   0.68016   1.000 110.85757 ? 25  G   V "C3'" 1 
ATOM   420  O "O3'" . G   A 1 20 ? 11.44311  7.83547   1.04019   1.000 121.47447 ? 25  G   V "O3'" 1 
ATOM   421  C "C2'" . G   A 1 20 ? 9.16164   7.14764   1.64829   1.000 93.91636  ? 25  G   V "C2'" 1 
ATOM   422  O "O2'" . G   A 1 20 ? 8.92713   8.50661   1.99624   1.000 93.34630  ? 25  G   V "O2'" 1 
ATOM   423  C "C1'" . G   A 1 20 ? 8.00435   6.67515   0.77034   1.000 98.21253  ? 25  G   V "C1'" 1 
ATOM   424  N N9    . G   A 1 20 ? 7.69189   5.23960   0.93808   1.000 82.23969  ? 25  G   V N9    1 
ATOM   425  C C8    . G   A 1 20 ? 7.77593   4.27609   -0.03739  1.000 90.61117  ? 25  G   V C8    1 
ATOM   426  N N7    . G   A 1 20 ? 7.42168   3.08924   0.37017   1.000 91.10531  ? 25  G   V N7    1 
ATOM   427  C C5    . G   A 1 20 ? 7.07127   3.27327   1.69858   1.000 84.24289  ? 25  G   V C5    1 
ATOM   428  C C6    . G   A 1 20 ? 6.60600   2.33182   2.65458   1.000 85.43230  ? 25  G   V C6    1 
ATOM   429  O O6    . G   A 1 20 ? 6.40912   1.11589   2.51334   1.000 84.74719  ? 25  G   V O6    1 
ATOM   430  N N1    . G   A 1 20 ? 6.36598   2.93308   3.88649   1.000 83.37304  ? 25  G   V N1    1 
ATOM   431  C C2    . G   A 1 20 ? 6.55229   4.26697   4.15904   1.000 101.02423 ? 25  G   V C2    1 
ATOM   432  N N2    . G   A 1 20 ? 6.26402   4.65110   5.41293   1.000 99.03910  ? 25  G   V N2    1 
ATOM   433  N N3    . G   A 1 20 ? 6.98708   5.15635   3.27277   1.000 98.56234  ? 25  G   V N3    1 
ATOM   434  C C4    . G   A 1 20 ? 7.22531   4.59629   2.06722   1.000 86.70848  ? 25  G   V C4    1 
ATOM   435  P P     . U   A 1 21 ? 12.71542  7.15878   1.74675   1.000 105.08111 ? 26  U   V P     1 
ATOM   436  O OP1   . U   A 1 21 ? 13.78249  8.19121   1.74262   1.000 95.15751  ? 26  U   V OP1   1 
ATOM   437  O OP2   . U   A 1 21 ? 12.95482  5.82987   1.13008   1.000 111.84573 ? 26  U   V OP2   1 
ATOM   438  O "O5'" . U   A 1 21 ? 12.23195  6.86326   3.23810   1.000 90.35234  ? 26  U   V "O5'" 1 
ATOM   439  C "C5'" . U   A 1 21 ? 11.90156  7.92436   4.11920   1.000 102.87353 ? 26  U   V "C5'" 1 
ATOM   440  C "C4'" . U   A 1 21 ? 11.27293  7.42027   5.39372   1.000 94.95110  ? 26  U   V "C4'" 1 
ATOM   441  O "O4'" . U   A 1 21 ? 10.03214  6.72690   5.10215   1.000 108.21702 ? 26  U   V "O4'" 1 
ATOM   442  C "C3'" . U   A 1 21 ? 12.07190  6.40281   6.18718   1.000 112.82799 ? 26  U   V "C3'" 1 
ATOM   443  O "O3'" . U   A 1 21 ? 13.12299  6.98124   6.94152   1.000 127.54611 ? 26  U   V "O3'" 1 
ATOM   444  C "C2'" . U   A 1 21 ? 10.99432  5.74136   7.03519   1.000 111.11552 ? 26  U   V "C2'" 1 
ATOM   445  O "O2'" . U   A 1 21 ? 10.62059  6.59005   8.11121   1.000 118.06780 ? 26  U   V "O2'" 1 
ATOM   446  C "C1'" . U   A 1 21 ? 9.83043   5.69228   6.04485   1.000 96.12826  ? 26  U   V "C1'" 1 
ATOM   447  N N1    . U   A 1 21 ? 9.75908   4.39945   5.32587   1.000 92.81098  ? 26  U   V N1    1 
ATOM   448  C C2    . U   A 1 21 ? 9.29836   3.28601   6.01029   1.000 100.94059 ? 26  U   V C2    1 
ATOM   449  O O2    . U   A 1 21 ? 8.95495   3.31518   7.17939   1.000 106.76681 ? 26  U   V O2    1 
ATOM   450  N N3    . U   A 1 21 ? 9.25679   2.12395   5.27953   1.000 90.67528  ? 26  U   V N3    1 
ATOM   451  C C4    . U   A 1 21 ? 9.61986   1.96917   3.95813   1.000 93.76195  ? 26  U   V C4    1 
ATOM   452  O O4    . U   A 1 21 ? 9.52662   0.85896   3.43342   1.000 104.98571 ? 26  U   V O4    1 
ATOM   453  C C5    . U   A 1 21 ? 10.08153  3.16448   3.32052   1.000 97.54365  ? 26  U   V C5    1 
ATOM   454  C C6    . U   A 1 21 ? 10.13393  4.30964   4.00803   1.000 92.49488  ? 26  U   V C6    1 
ATOM   455  P P     . U   A 1 22 ? 14.46512  6.14191   7.22475   1.000 130.03725 ? 27  U   V P     1 
ATOM   456  O OP1   . U   A 1 22 ? 15.40505  7.05364   7.92368   1.000 132.99135 ? 27  U   V OP1   1 
ATOM   457  O OP2   . U   A 1 22 ? 14.89866  5.46612   5.97416   1.000 121.39365 ? 27  U   V OP2   1 
ATOM   458  O "O5'" . U   A 1 22 ? 13.99666  5.00193   8.23452   1.000 109.20228 ? 27  U   V "O5'" 1 
ATOM   459  C "C5'" . U   A 1 22 ? 13.49316  5.33270   9.51903   1.000 107.51358 ? 27  U   V "C5'" 1 
ATOM   460  C "C4'" . U   A 1 22 ? 13.01518  4.11138   10.26364  1.000 105.80628 ? 27  U   V "C4'" 1 
ATOM   461  O "O4'" . U   A 1 22 ? 11.83566  3.56612   9.61796   1.000 102.95033 ? 27  U   V "O4'" 1 
ATOM   462  C "C3'" . U   A 1 22 ? 13.97477  2.93272   10.31974  1.000 117.79444 ? 27  U   V "C3'" 1 
ATOM   463  O "O3'" . U   A 1 22 ? 14.99370  3.08407   11.29386  1.000 123.03980 ? 27  U   V "O3'" 1 
ATOM   464  C "C2'" . U   A 1 22 ? 13.03710  1.76342   10.59152  1.000 120.25395 ? 27  U   V "C2'" 1 
ATOM   465  O "O2'" . U   A 1 22 ? 12.64852  1.74032   11.95794  1.000 121.27872 ? 27  U   V "O2'" 1 
ATOM   466  C "C1'" . U   A 1 22 ? 11.82023  2.15903   9.75660   1.000 102.65686 ? 27  U   V "C1'" 1 
ATOM   467  N N1    . U   A 1 22 ? 11.84619  1.54626   8.40951   1.000 105.60300 ? 27  U   V N1    1 
ATOM   468  C C2    . U   A 1 22 ? 11.35920  0.25788   8.27449   1.000 109.31841 ? 27  U   V C2    1 
ATOM   469  O O2    . U   A 1 22 ? 10.91889  -0.38907  9.21098   1.000 103.33589 ? 27  U   V O2    1 
ATOM   470  N N3    . U   A 1 22 ? 11.40460  -0.25124  6.99805   1.000 106.00419 ? 27  U   V N3    1 
ATOM   471  C C4    . U   A 1 22 ? 11.87960  0.38644   5.86950   1.000 105.61160 ? 27  U   V C4    1 
ATOM   472  O O4    . U   A 1 22 ? 11.85546  -0.20146  4.78744   1.000 110.53609 ? 27  U   V O4    1 
ATOM   473  C C5    . U   A 1 22 ? 12.36507  1.71327   6.09236   1.000 102.48656 ? 27  U   V C5    1 
ATOM   474  C C6    . U   A 1 22 ? 12.33139  2.23193   7.32377   1.000 99.14696  ? 27  U   V C6    1 
ATOM   475  P P     . C   A 1 23 ? 16.37090  2.26153   11.16515  1.000 138.27724 ? 28  C   V P     1 
ATOM   476  O OP1   . C   A 1 23 ? 17.15475  2.58717   12.37963  1.000 129.34644 ? 28  C   V OP1   1 
ATOM   477  O OP2   . C   A 1 23 ? 16.97146  2.52347   9.83132   1.000 128.14163 ? 28  C   V OP2   1 
ATOM   478  O "O5'" . C   A 1 23 ? 15.92665  0.72653   11.23399  1.000 105.51052 ? 28  C   V "O5'" 1 
ATOM   479  C "C5'" . C   A 1 23 ? 15.37825  0.18729   12.42779  1.000 87.37609  ? 28  C   V "C5'" 1 
ATOM   480  C "C4'" . C   A 1 23 ? 14.75696  -1.17612  12.22673  1.000 101.53066 ? 28  C   V "C4'" 1 
ATOM   481  O "O4'" . C   A 1 23 ? 13.75831  -1.13685  11.17638  1.000 107.62274 ? 28  C   V "O4'" 1 
ATOM   482  C "C3'" . C   A 1 23 ? 15.67462  -2.30961  11.79812  1.000 112.25542 ? 28  C   V "C3'" 1 
ATOM   483  O "O3'" . C   A 1 23 ? 16.47208  -2.82494  12.84870  1.000 128.69597 ? 28  C   V "O3'" 1 
ATOM   484  C "C2'" . C   A 1 23 ? 14.68824  -3.32820  11.23736  1.000 118.45615 ? 28  C   V "C2'" 1 
ATOM   485  O "O2'" . C   A 1 23 ? 14.04755  -4.04295  12.28410  1.000 112.80422 ? 28  C   V "O2'" 1 
ATOM   486  C "C1'" . C   A 1 23 ? 13.65425  -2.41559  10.57579  1.000 108.13826 ? 28  C   V "C1'" 1 
ATOM   487  N N1    . C   A 1 23 ? 13.87826  -2.30552  9.11820   1.000 104.37842 ? 28  C   V N1    1 
ATOM   488  C C2    . C   A 1 23 ? 13.49697  -3.39372  8.32649   1.000 100.91593 ? 28  C   V C2    1 
ATOM   489  O O2    . C   A 1 23 ? 12.99544  -4.38429  8.88019   1.000 95.52600  ? 28  C   V O2    1 
ATOM   490  N N3    . C   A 1 23 ? 13.68098  -3.34298  6.98777   1.000 94.81207  ? 28  C   V N3    1 
ATOM   491  C C4    . C   A 1 23 ? 14.22549  -2.25572  6.44309   1.000 108.70109 ? 28  C   V C4    1 
ATOM   492  N N4    . C   A 1 23 ? 14.38784  -2.24977  5.11858   1.000 109.33510 ? 28  C   V N4    1 
ATOM   493  C C5    . C   A 1 23 ? 14.62662  -1.13123  7.22752   1.000 103.13431 ? 28  C   V C5    1 
ATOM   494  C C6    . C   A 1 23 ? 14.43879  -1.19737  8.55243   1.000 99.67828  ? 28  C   V C6    1 
ATOM   495  P P     . C   A 1 24 ? 17.76636  -3.71213  12.50160  1.000 139.83555 ? 29  C   V P     1 
ATOM   496  O OP1   . C   A 1 24 ? 18.41461  -4.09750  13.77896  1.000 140.91275 ? 29  C   V OP1   1 
ATOM   497  O OP2   . C   A 1 24 ? 18.54510  -2.98585  11.46506  1.000 108.25430 ? 29  C   V OP2   1 
ATOM   498  O "O5'" . C   A 1 24 ? 17.16972  -5.04473  11.86165  1.000 91.25338  ? 29  C   V "O5'" 1 
ATOM   499  C "C5'" . C   A 1 24 ? 16.59103  -6.04678  12.68320  1.000 82.36469  ? 29  C   V "C5'" 1 
ATOM   500  C "C4'" . C   A 1 24 ? 16.18236  -7.25695  11.88216  1.000 96.24635  ? 29  C   V "C4'" 1 
ATOM   501  O "O4'" . C   A 1 24 ? 15.28241  -6.85963  10.81834  1.000 113.51180 ? 29  C   V "O4'" 1 
ATOM   502  C "C3'" . C   A 1 24 ? 17.29652  -7.99581  11.15919  1.000 101.90616 ? 29  C   V "C3'" 1 
ATOM   503  O "O3'" . C   A 1 24 ? 18.02591  -8.86168  12.01005  1.000 114.60035 ? 29  C   V "O3'" 1 
ATOM   504  C "C2'" . C   A 1 24 ? 16.54602  -8.71934  10.04752  1.000 105.25133 ? 29  C   V "C2'" 1 
ATOM   505  O "O2'" . C   A 1 24 ? 15.90071  -9.88332  10.54464  1.000 107.24217 ? 29  C   V "O2'" 1 
ATOM   506  C "C1'" . C   A 1 24 ? 15.47190  -7.69186  9.69195   1.000 108.53251 ? 29  C   V "C1'" 1 
ATOM   507  N N1    . C   A 1 24 ? 15.86093  -6.85178  8.53722   1.000 98.16202  ? 29  C   V N1    1 
ATOM   508  C C2    . C   A 1 24 ? 15.74935  -7.38779  7.25095   1.000 86.63471  ? 29  C   V C2    1 
ATOM   509  O O2    . C   A 1 24 ? 15.33497  -8.54968  7.12031   1.000 99.65258  ? 29  C   V O2    1 
ATOM   510  N N3    . C   A 1 24 ? 16.09570  -6.63165  6.18558   1.000 81.88566  ? 29  C   V N3    1 
ATOM   511  C C4    . C   A 1 24 ? 16.53842  -5.38414  6.37475   1.000 108.01801 ? 29  C   V C4    1 
ATOM   512  N N4    . C   A 1 24 ? 16.87435  -4.66183  5.30307   1.000 95.91587  ? 29  C   V N4    1 
ATOM   513  C C5    . C   A 1 24 ? 16.65990  -4.81435  7.67558   1.000 103.53435 ? 29  C   V C5    1 
ATOM   514  C C6    . C   A 1 24 ? 16.31206  -5.57583  8.71988   1.000 103.86632 ? 29  C   V C6    1 
ATOM   515  P P     . U   A 1 25 ? 19.57408  -9.18140  11.71605  1.000 123.23107 ? 30  U   V P     1 
ATOM   516  O OP1   . U   A 1 25 ? 20.10455  -9.85624  12.92589  1.000 138.90712 ? 30  U   V OP1   1 
ATOM   517  O OP2   . U   A 1 25 ? 20.24137  -7.94616  11.22007  1.000 84.23512  ? 30  U   V OP2   1 
ATOM   518  O "O5'" . U   A 1 25 ? 19.52557  -10.26443 10.54671  1.000 102.52051 ? 30  U   V "O5'" 1 
ATOM   519  C "C5'" . U   A 1 25 ? 18.72178  -11.42936 10.67259  1.000 87.54435  ? 30  U   V "C5'" 1 
ATOM   520  C "C4'" . U   A 1 25 ? 18.56140  -12.14548 9.35387   1.000 100.15975 ? 30  U   V "C4'" 1 
ATOM   521  O "O4'" . U   A 1 25 ? 17.73383  -11.36520 8.45392   1.000 117.27862 ? 30  U   V "O4'" 1 
ATOM   522  C "C3'" . U   A 1 25 ? 19.83356  -12.38722 8.55896   1.000 104.71273 ? 30  U   V "C3'" 1 
ATOM   523  O "O3'" . U   A 1 25 ? 20.57431  -13.49368 9.03782   1.000 119.79020 ? 30  U   V "O3'" 1 
ATOM   524  C "C2'" . U   A 1 25 ? 19.30450  -12.57443 7.14115   1.000 101.52729 ? 30  U   V "C2'" 1 
ATOM   525  O "O2'" . U   A 1 25 ? 18.76302  -13.87762 6.97036   1.000 92.70844  ? 30  U   V "O2'" 1 
ATOM   526  C "C1'" . U   A 1 25 ? 18.14950  -11.57452 7.11775   1.000 102.46348 ? 30  U   V "C1'" 1 
ATOM   527  N N1    . U   A 1 25 ? 18.53843  -10.27779 6.51751   1.000 98.48576  ? 30  U   V N1    1 
ATOM   528  C C2    . U   A 1 25 ? 18.77424  -10.25344 5.15648   1.000 91.87278  ? 30  U   V C2    1 
ATOM   529  O O2    . U   A 1 25 ? 18.68814  -11.24272 4.44885   1.000 94.68689  ? 30  U   V O2    1 
ATOM   530  N N3    . U   A 1 25 ? 19.12206  -9.02442  4.65426   1.000 87.12912  ? 30  U   V N3    1 
ATOM   531  C C4    . U   A 1 25 ? 19.25414  -7.84393  5.35918   1.000 93.48595  ? 30  U   V C4    1 
ATOM   532  O O4    . U   A 1 25 ? 19.57848  -6.80982  4.76898   1.000 94.20048  ? 30  U   V O4    1 
ATOM   533  C C5    . U   A 1 25 ? 18.98946  -7.95474  6.75960   1.000 95.01893  ? 30  U   V C5    1 
ATOM   534  C C6    . U   A 1 25 ? 18.64710  -9.13823  7.27619   1.000 104.07665 ? 30  U   V C6    1 
ATOM   535  P P     . C   A 1 26 ? 22.17936  -13.47452 8.99751   1.000 114.59236 ? 31  C   V P     1 
ATOM   536  O OP1   . C   A 1 26 ? 22.63210  -14.69223 9.71710   1.000 117.89797 ? 31  C   V OP1   1 
ATOM   537  O OP2   . C   A 1 26 ? 22.66677  -12.13153 9.41206   1.000 88.64646  ? 31  C   V OP2   1 
ATOM   538  O "O5'" . C   A 1 26 ? 22.52780  -13.69318 7.45976   1.000 109.12255 ? 31  C   V "O5'" 1 
ATOM   539  C "C5'" . C   A 1 26 ? 22.29679  -14.95164 6.84354   1.000 102.22558 ? 31  C   V "C5'" 1 
ATOM   540  C "C4'" . C   A 1 26 ? 22.63443  -14.92184 5.37507   1.000 101.38066 ? 31  C   V "C4'" 1 
ATOM   541  O "O4'" . C   A 1 26 ? 21.71057  -14.04849 4.67643   1.000 99.44196  ? 31  C   V "O4'" 1 
ATOM   542  C "C3'" . C   A 1 26 ? 24.00152  -14.36762 5.00713   1.000 107.56107 ? 31  C   V "C3'" 1 
ATOM   543  O "O3'" . C   A 1 26 ? 25.05555  -15.29506 5.18693   1.000 101.00357 ? 31  C   V "O3'" 1 
ATOM   544  C "C2'" . C   A 1 26 ? 23.79973  -13.95053 3.55924   1.000 103.46720 ? 31  C   V "C2'" 1 
ATOM   545  O "O2'" . C   A 1 26 ? 23.81615  -15.08296 2.70415   1.000 109.38661 ? 31  C   V "O2'" 1 
ATOM   546  C "C1'" . C   A 1 26 ? 22.37465  -13.40735 3.60736   1.000 92.63149  ? 31  C   V "C1'" 1 
ATOM   547  N N1    . C   A 1 26 ? 22.37056  -11.94886 3.84255   1.000 92.41774  ? 31  C   V N1    1 
ATOM   548  C C2    . C   A 1 26 ? 22.66128  -11.13036 2.75316   1.000 91.83151  ? 31  C   V C2    1 
ATOM   549  O O2    . C   A 1 26 ? 22.88876  -11.66715 1.66168   1.000 105.19817 ? 31  C   V O2    1 
ATOM   550  N N3    . C   A 1 26 ? 22.68345  -9.79059  2.90777   1.000 83.38934  ? 31  C   V N3    1 
ATOM   551  C C4    . C   A 1 26 ? 22.42814  -9.27080  4.10624   1.000 89.81063  ? 31  C   V C4    1 
ATOM   552  N N4    . C   A 1 26 ? 22.45590  -7.94302  4.22586   1.000 93.32444  ? 31  C   V N4    1 
ATOM   553  C C5    . C   A 1 26 ? 22.13490  -10.08265 5.23988   1.000 100.66396 ? 31  C   V C5    1 
ATOM   554  C C6    . C   A 1 26 ? 22.11862  -11.41011 5.06889   1.000 93.91152  ? 31  C   V C6    1 
ATOM   555  P P     . G   A 1 27 ? 26.49126  -14.79099 5.70287   1.000 111.25984 ? 32  G   V P     1 
ATOM   556  O OP1   . G   A 1 27 ? 27.36576  -15.98915 5.75573   1.000 126.11520 ? 32  G   V OP1   1 
ATOM   557  O OP2   . G   A 1 27 ? 26.29930  -13.95028 6.91360   1.000 104.16747 ? 32  G   V OP2   1 
ATOM   558  O "O5'" . G   A 1 27 ? 27.01330  -13.82573 4.54703   1.000 107.32474 ? 32  G   V "O5'" 1 
ATOM   559  C "C5'" . G   A 1 27 ? 27.18237  -14.29554 3.21792   1.000 99.16249  ? 32  G   V "C5'" 1 
ATOM   560  C "C4'" . G   A 1 27 ? 27.69929  -13.20560 2.31270   1.000 82.28502  ? 32  G   V "C4'" 1 
ATOM   561  O "O4'" . G   A 1 27 ? 26.62537  -12.29151 1.96821   1.000 74.47135  ? 32  G   V "O4'" 1 
ATOM   562  C "C3'" . G   A 1 27 ? 28.76533  -12.30433 2.90724   1.000 83.91845  ? 32  G   V "C3'" 1 
ATOM   563  O "O3'" . G   A 1 27 ? 30.05695  -12.88416 2.90112   1.000 96.70321  ? 32  G   V "O3'" 1 
ATOM   564  C "C2'" . G   A 1 27 ? 28.64533  -11.04667 2.05640   1.000 92.93097  ? 32  G   V "C2'" 1 
ATOM   565  O "O2'" . G   A 1 27 ? 29.27189  -11.22718 0.79443   1.000 88.03487  ? 32  G   V "O2'" 1 
ATOM   566  C "C1'" . G   A 1 27 ? 27.13313  -10.97905 1.84176   1.000 91.77509  ? 32  G   V "C1'" 1 
ATOM   567  N N9    . G   A 1 27 ? 26.48427  -10.12345 2.85256   1.000 96.94029  ? 32  G   V N9    1 
ATOM   568  C C8    . G   A 1 27 ? 25.90509  -10.52266 4.03240   1.000 91.55665  ? 32  G   V C8    1 
ATOM   569  N N7    . G   A 1 27 ? 25.42253  -9.52727  4.72706   1.000 91.96508  ? 32  G   V N7    1 
ATOM   570  C C5    . G   A 1 27 ? 25.70185  -8.40209  3.96477   1.000 94.59524  ? 32  G   V C5    1 
ATOM   571  C C6    . G   A 1 27 ? 25.41737  -7.03086  4.20672   1.000 108.14933 ? 32  G   V C6    1 
ATOM   572  O O6    . G   A 1 27 ? 24.84074  -6.51675  5.17488   1.000 121.74278 ? 32  G   V O6    1 
ATOM   573  N N1    . G   A 1 27 ? 25.87827  -6.22394  3.17124   1.000 96.52158  ? 32  G   V N1    1 
ATOM   574  C C2    . G   A 1 27 ? 26.52717  -6.67024  2.04660   1.000 93.61068  ? 32  G   V C2    1 
ATOM   575  N N2    . G   A 1 27 ? 26.89454  -5.72731  1.16404   1.000 84.90830  ? 32  G   V N2    1 
ATOM   576  N N3    . G   A 1 27 ? 26.79729  -7.94544  1.80993   1.000 95.84956  ? 32  G   V N3    1 
ATOM   577  C C4    . G   A 1 27 ? 26.36088  -8.75189  2.80417   1.000 92.24173  ? 32  G   V C4    1 
ATOM   578  P P     . A   A 1 28 ? 31.09975  -12.51153 4.06680   1.000 109.81692 ? 33  A   V P     1 
ATOM   579  O OP1   . A   A 1 28 ? 32.46360  -12.92206 3.64106   1.000 101.63774 ? 33  A   V OP1   1 
ATOM   580  O OP2   . A   A 1 28 ? 30.53279  -13.02609 5.34114   1.000 112.38315 ? 33  A   V OP2   1 
ATOM   581  O "O5'" . A   A 1 28 ? 31.06855  -10.91901 4.10650   1.000 83.44744  ? 33  A   V "O5'" 1 
ATOM   582  C "C5'" . A   A 1 28 ? 31.85168  -10.18992 5.03555   1.000 86.23558  ? 33  A   V "C5'" 1 
ATOM   583  C "C4'" . A   A 1 28 ? 32.76830  -9.23494  4.32033   1.000 93.08419  ? 33  A   V "C4'" 1 
ATOM   584  O "O4'" . A   A 1 28 ? 33.67384  -9.99336  3.48577   1.000 94.24107  ? 33  A   V "O4'" 1 
ATOM   585  C "C3'" . A   A 1 28 ? 32.08997  -8.26517  3.36240   1.000 96.27316  ? 33  A   V "C3'" 1 
ATOM   586  O "O3'" . A   A 1 28 ? 31.61228  -7.10437  4.02199   1.000 101.17609 ? 33  A   V "O3'" 1 
ATOM   587  C "C2'" . A   A 1 28 ? 33.18086  -7.96731  2.33907   1.000 90.05737  ? 33  A   V "C2'" 1 
ATOM   588  O "O2'" . A   A 1 28 ? 34.06515  -6.97047  2.82901   1.000 99.04076  ? 33  A   V "O2'" 1 
ATOM   589  C "C1'" . A   A 1 28 ? 33.93838  -9.29455  2.29149   1.000 88.69068  ? 33  A   V "C1'" 1 
ATOM   590  N N9    . A   A 1 28 ? 33.56110  -10.16062 1.15701   1.000 89.50029  ? 33  A   V N9    1 
ATOM   591  C C8    . A   A 1 28 ? 33.07051  -11.43916 1.24450   1.000 80.72191  ? 33  A   V C8    1 
ATOM   592  N N7    . A   A 1 28 ? 32.84765  -12.00908 0.08727   1.000 96.50243  ? 33  A   V N7    1 
ATOM   593  C C5    . A   A 1 28 ? 33.22987  -11.04365 -0.82946  1.000 74.86652  ? 33  A   V C5    1 
ATOM   594  C C6    . A   A 1 28 ? 33.23416  -11.04685 -2.23131  1.000 78.85740  ? 33  A   V C6    1 
ATOM   595  N N6    . A   A 1 28 ? 32.82209  -12.08656 -2.96112  1.000 93.88983  ? 33  A   V N6    1 
ATOM   596  N N1    . A   A 1 28 ? 33.67289  -9.93338  -2.85605  1.000 78.17033  ? 33  A   V N1    1 
ATOM   597  C C2    . A   A 1 28 ? 34.08248  -8.89879  -2.10584  1.000 86.59699  ? 33  A   V C2    1 
ATOM   598  N N3    . A   A 1 28 ? 34.12738  -8.77785  -0.77816  1.000 88.58311  ? 33  A   V N3    1 
ATOM   599  C C4    . A   A 1 28 ? 33.68101  -9.90134  -0.18937  1.000 87.90932  ? 33  A   V C4    1 
ATOM   600  P P     . A   A 1 29 ? 30.04220  -6.76655  4.06152   1.000 97.86856  ? 34  A   V P     1 
ATOM   601  O OP1   . A   A 1 29 ? 29.77999  -5.90557  5.24304   1.000 104.21421 ? 34  A   V OP1   1 
ATOM   602  O OP2   . A   A 1 29 ? 29.29102  -8.03994  3.88269   1.000 92.65415  ? 34  A   V OP2   1 
ATOM   603  O "O5'" . A   A 1 29 ? 29.80939  -5.84635  2.78606   1.000 82.93535  ? 34  A   V "O5'" 1 
ATOM   604  C "C5'" . A   A 1 29 ? 30.33781  -4.53180  2.72716   1.000 84.57707  ? 34  A   V "C5'" 1 
ATOM   605  C "C4'" . A   A 1 29 ? 30.94276  -4.27661  1.37517   1.000 90.36041  ? 34  A   V "C4'" 1 
ATOM   606  O "O4'" . A   A 1 29 ? 31.65871  -5.46392  0.96491   1.000 95.85501  ? 34  A   V "O4'" 1 
ATOM   607  C "C3'" . A   A 1 29 ? 29.95173  -4.02831  0.25046   1.000 93.80136  ? 34  A   V "C3'" 1 
ATOM   608  O "O3'" . A   A 1 29 ? 29.55458  -2.66878  0.17967   1.000 106.46794 ? 34  A   V "O3'" 1 
ATOM   609  C "C2'" . A   A 1 29 ? 30.70288  -4.50317  -0.98875  1.000 81.83229  ? 34  A   V "C2'" 1 
ATOM   610  O "O2'" . A   A 1 29 ? 31.58157  -3.48707  -1.44995  1.000 97.08170  ? 34  A   V "O2'" 1 
ATOM   611  C "C1'" . A   A 1 29 ? 31.55120  -5.64251  -0.42637  1.000 75.94769  ? 34  A   V "C1'" 1 
ATOM   612  N N9    . A   A 1 29 ? 31.01584  -6.99303  -0.68713  1.000 78.89051  ? 34  A   V N9    1 
ATOM   613  C C8    . A   A 1 29 ? 30.49236  -7.89205  0.21571   1.000 89.85763  ? 34  A   V C8    1 
ATOM   614  N N7    . A   A 1 29 ? 30.14401  -9.04200  -0.31471  1.000 81.73562  ? 34  A   V N7    1 
ATOM   615  C C5    . A   A 1 29 ? 30.47730  -8.89974  -1.65398  1.000 81.48253  ? 34  A   V C5    1 
ATOM   616  C C6    . A   A 1 29 ? 30.35859  -9.76637  -2.75343  1.000 69.28016  ? 34  A   V C6    1 
ATOM   617  N N6    . A   A 1 29 ? 29.85082  -10.99683 -2.67853  1.000 77.42334  ? 34  A   V N6    1 
ATOM   618  N N1    . A   A 1 29 ? 30.78854  -9.31685  -3.95018  1.000 79.98479  ? 34  A   V N1    1 
ATOM   619  C C2    . A   A 1 29 ? 31.29996  -8.07919  -4.02638  1.000 94.09148  ? 34  A   V C2    1 
ATOM   620  N N3    . A   A 1 29 ? 31.46531  -7.16715  -3.07026  1.000 73.93828  ? 34  A   V N3    1 
ATOM   621  C C4    . A   A 1 29 ? 31.02709  -7.64822  -1.89322  1.000 83.53054  ? 34  A   V C4    1 
ATOM   622  P P     . A   A 1 30 ? 28.03895  -2.29034  -0.18803  1.000 103.69511 ? 35  A   V P     1 
ATOM   623  O OP1   . A   A 1 30 ? 27.89040  -0.81877  -0.06045  1.000 85.48931  ? 35  A   V OP1   1 
ATOM   624  O OP2   . A   A 1 30 ? 27.15519  -3.19802  0.59437   1.000 81.50462  ? 35  A   V OP2   1 
ATOM   625  O "O5'" . A   A 1 30 ? 27.91715  -2.66828  -1.73020  1.000 100.66537 ? 35  A   V "O5'" 1 
ATOM   626  C "C5'" . A   A 1 30 ? 28.38522  -1.78725  -2.74171  1.000 93.36229  ? 35  A   V "C5'" 1 
ATOM   627  C "C4'" . A   A 1 30 ? 28.41164  -2.46896  -4.08506  1.000 91.45628  ? 35  A   V "C4'" 1 
ATOM   628  O "O4'" . A   A 1 30 ? 29.18274  -3.69601  -3.98161  1.000 96.67681  ? 35  A   V "O4'" 1 
ATOM   629  C "C3'" . A   A 1 30 ? 27.06132  -2.92230  -4.62069  1.000 93.99473  ? 35  A   V "C3'" 1 
ATOM   630  O "O3'" . A   A 1 30 ? 26.34925  -1.88387  -5.27164  1.000 84.16037  ? 35  A   V "O3'" 1 
ATOM   631  C "C2'" . A   A 1 30 ? 27.44041  -4.07588  -5.53866  1.000 85.47157  ? 35  A   V "C2'" 1 
ATOM   632  O "O2'" . A   A 1 30 ? 27.97303  -3.58726  -6.76007  1.000 86.71853  ? 35  A   V "O2'" 1 
ATOM   633  C "C1'" . A   A 1 30 ? 28.58227  -4.71273  -4.75420  1.000 82.92091  ? 35  A   V "C1'" 1 
ATOM   634  N N9    . A   A 1 30 ? 28.09917  -5.75217  -3.83101  1.000 73.53603  ? 35  A   V N9    1 
ATOM   635  C C8    . A   A 1 30 ? 27.69045  -5.57537  -2.53144  1.000 87.68717  ? 35  A   V C8    1 
ATOM   636  N N7    . A   A 1 30 ? 27.31585  -6.68392  -1.93887  1.000 94.53639  ? 35  A   V N7    1 
ATOM   637  C C5    . A   A 1 30 ? 27.49123  -7.65600  -2.91429  1.000 76.55696  ? 35  A   V C5    1 
ATOM   638  C C6    . A   A 1 30 ? 27.26613  -9.04084  -2.91171  1.000 74.88695  ? 35  A   V C6    1 
ATOM   639  N N6    . A   A 1 30 ? 26.80255  -9.71728  -1.85631  1.000 90.94631  ? 35  A   V N6    1 
ATOM   640  N N1    . A   A 1 30 ? 27.54269  -9.71814  -4.04765  1.000 88.67717  ? 35  A   V N1    1 
ATOM   641  C C2    . A   A 1 30 ? 28.00700  -9.03952  -5.10349  1.000 85.02850  ? 35  A   V C2    1 
ATOM   642  N N3    . A   A 1 30 ? 28.25853  -7.74145  -5.22881  1.000 82.42404  ? 35  A   V N3    1 
ATOM   643  C C4    . A   A 1 30 ? 27.97383  -7.09631  -4.08688  1.000 83.13770  ? 35  A   V C4    1 
ATOM   644  P P     . G   A 1 31 ? 24.74734  -1.78173  -5.14440  1.000 93.11561  ? 37  G   V P     1 
ATOM   645  O OP1   . G   A 1 31 ? 24.25160  -1.17227  -6.40213  1.000 99.51371  ? 37  G   V OP1   1 
ATOM   646  O OP2   . G   A 1 31 ? 24.38515  -1.17140  -3.84020  1.000 90.44361  ? 37  G   V OP2   1 
ATOM   647  O "O5'" . G   A 1 31 ? 24.25052  -3.29270  -5.14077  1.000 86.81654  ? 37  G   V "O5'" 1 
ATOM   648  C "C5'" . G   A 1 31 ? 24.02045  -3.97530  -6.36108  1.000 80.51996  ? 37  G   V "C5'" 1 
ATOM   649  C "C4'" . G   A 1 31 ? 23.90349  -5.45989  -6.14354  1.000 77.96677  ? 37  G   V "C4'" 1 
ATOM   650  O "O4'" . G   A 1 31 ? 24.78834  -5.86383  -5.06755  1.000 97.11210  ? 37  G   V "O4'" 1 
ATOM   651  C "C3'" . G   A 1 31 ? 22.54481  -5.96327  -5.69459  1.000 79.86010  ? 37  G   V "C3'" 1 
ATOM   652  O "O3'" . G   A 1 31 ? 21.61100  -6.07758  -6.75109  1.000 101.89017 ? 37  G   V "O3'" 1 
ATOM   653  C "C2'" . G   A 1 31 ? 22.89210  -7.28799  -5.03017  1.000 93.37561  ? 37  G   V "C2'" 1 
ATOM   654  O "O2'" . G   A 1 31 ? 23.15513  -8.28991  -6.00241  1.000 98.07239  ? 37  G   V "O2'" 1 
ATOM   655  C "C1'" . G   A 1 31 ? 24.20889  -6.93212  -4.34562  1.000 85.83882  ? 37  G   V "C1'" 1 
ATOM   656  N N9    . G   A 1 31 ? 24.00053  -6.50976  -2.94873  1.000 86.88660  ? 37  G   V N9    1 
ATOM   657  C C8    . G   A 1 31 ? 24.06765  -5.23738  -2.42978  1.000 82.42438  ? 37  G   V C8    1 
ATOM   658  N N7    . G   A 1 31 ? 23.82781  -5.20439  -1.14505  1.000 90.88426  ? 37  G   V N7    1 
ATOM   659  C C5    . G   A 1 31 ? 23.58473  -6.53486  -0.80059  1.000 86.53937  ? 37  G   V C5    1 
ATOM   660  C C6    . G   A 1 31 ? 23.26632  -7.13735  0.44837   1.000 88.30079  ? 37  G   V C6    1 
ATOM   661  O O6    . G   A 1 31 ? 23.12990  -6.59523  1.55196   1.000 91.15144  ? 37  G   V O6    1 
ATOM   662  N N1    . G   A 1 31 ? 23.10338  -8.51761  0.33667   1.000 79.70095  ? 37  G   V N1    1 
ATOM   663  C C2    . G   A 1 31 ? 23.23133  -9.23252  -0.82686  1.000 77.99494  ? 37  G   V C2    1 
ATOM   664  N N2    . G   A 1 31 ? 23.03675  -10.55621 -0.73311  1.000 91.91470  ? 37  G   V N2    1 
ATOM   665  N N3    . G   A 1 31 ? 23.52641  -8.68527  -1.99595  1.000 71.40223  ? 37  G   V N3    1 
ATOM   666  C C4    . G   A 1 31 ? 23.68697  -7.34831  -1.90744  1.000 79.14375  ? 37  G   V C4    1 
ATOM   667  P P     . A   A 1 32 ? 20.04010  -6.10876  -6.42302  1.000 97.49707  ? 38  A   V P     1 
ATOM   668  O OP1   . A   A 1 32 ? 19.31989  -6.28017  -7.70748  1.000 80.79797  ? 38  A   V OP1   1 
ATOM   669  O OP2   . A   A 1 32 ? 19.70627  -4.94933  -5.55390  1.000 86.71041  ? 38  A   V OP2   1 
ATOM   670  O "O5'" . A   A 1 32 ? 19.86752  -7.45381  -5.58820  1.000 75.20768  ? 38  A   V "O5'" 1 
ATOM   671  C "C5'" . A   A 1 32 ? 20.02513  -8.71029  -6.22495  1.000 78.17085  ? 38  A   V "C5'" 1 
ATOM   672  C "C4'" . A   A 1 32 ? 19.76970  -9.85689  -5.28075  1.000 86.16819  ? 38  A   V "C4'" 1 
ATOM   673  O "O4'" . A   A 1 32 ? 20.70274  -9.80112  -4.17264  1.000 100.72714 ? 38  A   V "O4'" 1 
ATOM   674  C "C3'" . A   A 1 32 ? 18.41031  -9.89314  -4.60199  1.000 92.93130  ? 38  A   V "C3'" 1 
ATOM   675  O "O3'" . A   A 1 32 ? 17.37920  -10.39336 -5.43225  1.000 103.84332 ? 38  A   V "O3'" 1 
ATOM   676  C "C2'" . A   A 1 32 ? 18.68506  -10.76660 -3.38966  1.000 77.87874  ? 38  A   V "C2'" 1 
ATOM   677  O "O2'" . A   A 1 32 ? 18.78324  -12.12684 -3.78189  1.000 93.73404  ? 38  A   V "O2'" 1 
ATOM   678  C "C1'" . A   A 1 32 ? 20.08179  -10.29063 -3.00119  1.000 80.28637  ? 38  A   V "C1'" 1 
ATOM   679  N N9    . A   A 1 32 ? 20.04040  -9.20193  -2.00896  1.000 73.91293  ? 38  A   V N9    1 
ATOM   680  C C8    . A   A 1 32 ? 20.22197  -7.86237  -2.23966  1.000 73.74083  ? 38  A   V C8    1 
ATOM   681  N N7    . A   A 1 32 ? 20.13147  -7.12869  -1.15847  1.000 93.26521  ? 38  A   V N7    1 
ATOM   682  C C5    . A   A 1 32 ? 19.87398  -8.04825  -0.15015  1.000 81.20838  ? 38  A   V C5    1 
ATOM   683  C C6    . A   A 1 32 ? 19.67388  -7.89610  1.23348   1.000 81.73459  ? 38  A   V C6    1 
ATOM   684  N N6    . A   A 1 32 ? 19.70325  -6.71828  1.86388   1.000 83.80860  ? 38  A   V N6    1 
ATOM   685  N N1    . A   A 1 32 ? 19.43691  -9.01080  1.95607   1.000 82.50546  ? 38  A   V N1    1 
ATOM   686  C C2    . A   A 1 32 ? 19.40922  -10.19173 1.31881   1.000 89.82543  ? 38  A   V C2    1 
ATOM   687  N N3    . A   A 1 32 ? 19.58300  -10.46366 0.02548   1.000 74.42154  ? 38  A   V N3    1 
ATOM   688  C C4    . A   A 1 32 ? 19.81456  -9.33145  -0.66060  1.000 75.65574  ? 38  A   V C4    1 
ATOM   689  P P     . G   A 1 33 ? 15.84522  -10.04395 -5.10791  1.000 93.13877  ? 39  G   V P     1 
ATOM   690  O OP1   . G   A 1 33 ? 15.04263  -10.89452 -6.01905  1.000 110.91115 ? 39  G   V OP1   1 
ATOM   691  O OP2   . G   A 1 33 ? 15.64682  -8.56832  -5.11731  1.000 74.15433  ? 39  G   V OP2   1 
ATOM   692  O "O5'" . G   A 1 33 ? 15.62991  -10.58418 -3.62338  1.000 78.57792  ? 39  G   V "O5'" 1 
ATOM   693  C "C5'" . G   A 1 33 ? 15.22545  -11.92712 -3.40931  1.000 95.80203  ? 39  G   V "C5'" 1 
ATOM   694  C "C4'" . G   A 1 33 ? 15.03990  -12.25258 -1.94661  1.000 110.65254 ? 39  G   V "C4'" 1 
ATOM   695  O "O4'" . G   A 1 33 ? 16.18549  -11.80221 -1.17450  1.000 106.68863 ? 39  G   V "O4'" 1 
ATOM   696  C "C3'" . G   A 1 33 ? 13.86507  -11.61025 -1.22674  1.000 108.88108 ? 39  G   V "C3'" 1 
ATOM   697  O "O3'" . G   A 1 33 ? 12.60835  -12.18725 -1.53078  1.000 110.43810 ? 39  G   V "O3'" 1 
ATOM   698  C "C2'" . G   A 1 33 ? 14.27101  -11.77691 0.22863   1.000 119.87465 ? 39  G   V "C2'" 1 
ATOM   699  O "O2'" . G   A 1 33 ? 14.10209  -13.12717 0.63824   1.000 126.30823 ? 39  G   V "O2'" 1 
ATOM   700  C "C1'" . G   A 1 33 ? 15.76946  -11.48743 0.14196   1.000 93.58008  ? 39  G   V "C1'" 1 
ATOM   701  N N9    . G   A 1 33 ? 16.03274  -10.06517 0.40177   1.000 79.74301  ? 39  G   V N9    1 
ATOM   702  C C8    . G   A 1 33 ? 16.31714  -9.07385  -0.50181  1.000 87.66516  ? 39  G   V C8    1 
ATOM   703  N N7    . G   A 1 33 ? 16.47709  -7.90975  0.07098   1.000 92.64035  ? 39  G   V N7    1 
ATOM   704  C C5    . G   A 1 33 ? 16.27527  -8.14836  1.42645   1.000 83.21455  ? 39  G   V C5    1 
ATOM   705  C C6    . G   A 1 33 ? 16.31625  -7.27004  2.54231   1.000 94.46316  ? 39  G   V C6    1 
ATOM   706  O O6    . G   A 1 33 ? 16.54783  -6.05355  2.55580   1.000 90.67682  ? 39  G   V O6    1 
ATOM   707  N N1    . G   A 1 33 ? 16.05139  -7.94161  3.73286   1.000 81.12423  ? 39  G   V N1    1 
ATOM   708  C C2    . G   A 1 33 ? 15.77715  -9.28373  3.83822   1.000 98.48733  ? 39  G   V C2    1 
ATOM   709  N N2    . G   A 1 33 ? 15.54197  -9.75072  5.07444   1.000 102.80329 ? 39  G   V N2    1 
ATOM   710  N N3    . G   A 1 33 ? 15.73463  -10.11179 2.80722   1.000 86.67483  ? 39  G   V N3    1 
ATOM   711  C C4    . G   A 1 33 ? 15.99264  -9.47857  1.64287   1.000 84.31939  ? 39  G   V C4    1 
ATOM   712  P P     . G   A 1 34 ? 11.27196  -11.30545 -1.37020  1.000 108.83958 ? 40  G   V P     1 
ATOM   713  O OP1   . G   A 1 34 ? 10.14416  -12.13996 -1.84788  1.000 117.88253 ? 40  G   V OP1   1 
ATOM   714  O OP2   . G   A 1 34 ? 11.50757  -9.96851  -1.96959  1.000 105.19991 ? 40  G   V OP2   1 
ATOM   715  O "O5'" . G   A 1 34 ? 11.11740  -11.10686 0.20484   1.000 108.04079 ? 40  G   V "O5'" 1 
ATOM   716  C "C5'" . G   A 1 34 ? 10.88466  -12.22449 1.04976   1.000 122.77443 ? 40  G   V "C5'" 1 
ATOM   717  C "C4'" . G   A 1 34 ? 10.91340  -11.85605 2.51483   1.000 122.84429 ? 40  G   V "C4'" 1 
ATOM   718  O "O4'" . G   A 1 34 ? 12.19272  -11.26517 2.86370   1.000 112.50479 ? 40  G   V "O4'" 1 
ATOM   719  C "C3'" . G   A 1 34 ? 9.90260   -10.82159 2.98295   1.000 122.54814 ? 40  G   V "C3'" 1 
ATOM   720  O "O3'" . G   A 1 34 ? 8.59666   -11.34348 3.15687   1.000 132.94486 ? 40  G   V "O3'" 1 
ATOM   721  C "C2'" . G   A 1 34 ? 10.53281  -10.31800 4.27449   1.000 117.82360 ? 40  G   V "C2'" 1 
ATOM   722  O "O2'" . G   A 1 34 ? 10.33448  -11.25037 5.32713   1.000 117.31313 ? 40  G   V "O2'" 1 
ATOM   723  C "C1'" . G   A 1 34 ? 12.01541  -10.32158 3.90177   1.000 95.28601  ? 40  G   V "C1'" 1 
ATOM   724  N N9    . G   A 1 34 ? 12.44658  -8.99810  3.42116   1.000 91.27869  ? 40  G   V N9    1 
ATOM   725  C C8    . G   A 1 34 ? 12.69437  -8.60303  2.12805   1.000 101.37738 ? 40  G   V C8    1 
ATOM   726  N N7    . G   A 1 34 ? 13.04947  -7.34706  2.04213   1.000 95.51484  ? 40  G   V N7    1 
ATOM   727  C C5    . G   A 1 34 ? 13.02745  -6.88618  3.35334   1.000 93.54469  ? 40  G   V C5    1 
ATOM   728  C C6    . G   A 1 34 ? 13.32095  -5.60295  3.88906   1.000 104.50500 ? 40  G   V C6    1 
ATOM   729  O O6    . G   A 1 34 ? 13.67154  -4.57608  3.29328   1.000 103.87195 ? 40  G   V O6    1 
ATOM   730  N N1    . G   A 1 34 ? 13.17122  -5.58144  5.27184   1.000 100.90717 ? 40  G   V N1    1 
ATOM   731  C C2    . G   A 1 34 ? 12.78766  -6.65160  6.04233   1.000 104.45240 ? 40  G   V C2    1 
ATOM   732  N N2    . G   A 1 34 ? 12.69996  -6.42694  7.36209   1.000 107.27233 ? 40  G   V N2    1 
ATOM   733  N N3    . G   A 1 34 ? 12.51230  -7.85267  5.55765   1.000 100.50021 ? 40  G   V N3    1 
ATOM   734  C C4    . G   A 1 34 ? 12.65302  -7.89578  4.21507   1.000 95.35360  ? 40  G   V C4    1 
ATOM   735  P P     . A   A 1 35 ? 7.32896   -10.35495 3.12351   1.000 123.61215 ? 41  A   V P     1 
ATOM   736  O OP1   . A   A 1 35 ? 6.10833   -11.19547 3.05255   1.000 111.64556 ? 41  A   V OP1   1 
ATOM   737  O OP2   . A   A 1 35 ? 7.57039   -9.32202  2.08414   1.000 109.95323 ? 41  A   V OP2   1 
ATOM   738  O "O5'" . A   A 1 35 ? 7.37197   -9.62480  4.54031   1.000 114.89000 ? 41  A   V "O5'" 1 
ATOM   739  C "C5'" . A   A 1 35 ? 7.48170   -10.37447 5.74206   1.000 111.51832 ? 41  A   V "C5'" 1 
ATOM   740  C "C4'" . A   A 1 35 ? 7.59277   -9.47912  6.95200   1.000 100.48281 ? 41  A   V "C4'" 1 
ATOM   741  O "O4'" . A   A 1 35 ? 8.87471   -8.80164  6.95406   1.000 116.76455 ? 41  A   V "O4'" 1 
ATOM   742  C "C3'" . A   A 1 35 ? 6.58307   -8.34782  7.04303   1.000 105.27933 ? 41  A   V "C3'" 1 
ATOM   743  O "O3'" . A   A 1 35 ? 5.32071   -8.77139  7.52263   1.000 103.26895 ? 41  A   V "O3'" 1 
ATOM   744  C "C2'" . A   A 1 35 ? 7.28112   -7.35223  7.96022   1.000 110.68763 ? 41  A   V "C2'" 1 
ATOM   745  O "O2'" . A   A 1 35 ? 7.16455   -7.75914  9.31643   1.000 118.09243 ? 41  A   V "O2'" 1 
ATOM   746  C "C1'" . A   A 1 35 ? 8.74042   -7.51747  7.52917   1.000 100.71849 ? 41  A   V "C1'" 1 
ATOM   747  N N9    . A   A 1 35 ? 9.15338   -6.50717  6.53358   1.000 94.23725  ? 41  A   V N9    1 
ATOM   748  C C8    . A   A 1 35 ? 9.18661   -6.63403  5.16558   1.000 103.90146 ? 41  A   V C8    1 
ATOM   749  N N7    . A   A 1 35 ? 9.60527   -5.55722  4.54255   1.000 91.39374  ? 41  A   V N7    1 
ATOM   750  C C5    . A   A 1 35 ? 9.86777   -4.65781  5.56644   1.000 96.74033  ? 41  A   V C5    1 
ATOM   751  C C6    . A   A 1 35 ? 10.34101  -3.32920  5.56789   1.000 102.84971 ? 41  A   V C6    1 
ATOM   752  N N6    . A   A 1 35 ? 10.64632  -2.64329  4.46319   1.000 98.59268  ? 41  A   V N6    1 
ATOM   753  N N1    . A   A 1 35 ? 10.49367  -2.71562  6.76229   1.000 95.65558  ? 41  A   V N1    1 
ATOM   754  C C2    . A   A 1 35 ? 10.18613  -3.40210  7.87223   1.000 103.88641 ? 41  A   V C2    1 
ATOM   755  N N3    . A   A 1 35 ? 9.73500   -4.65043  7.99944   1.000 92.07137  ? 41  A   V N3    1 
ATOM   756  C C4    . A   A 1 35 ? 9.59460   -5.23104  6.79637   1.000 89.30638  ? 41  A   V C4    1 
ATOM   757  P P     . A   A 1 36 ? 4.01897   -7.87169  7.24838   1.000 137.20617 ? 42  A   V P     1 
ATOM   758  O OP1   . A   A 1 36 ? 2.84140   -8.59235  7.79926   1.000 130.07617 ? 42  A   V OP1   1 
ATOM   759  O OP2   . A   A 1 36 ? 4.03004   -7.46136  5.82126   1.000 121.75263 ? 42  A   V OP2   1 
ATOM   760  O "O5'" . A   A 1 36 ? 4.26799   -6.56853  8.12909   1.000 105.63703 ? 42  A   V "O5'" 1 
ATOM   761  C "C5'" . A   A 1 36 ? 4.39852   -6.66635  9.53796   1.000 104.65116 ? 42  A   V "C5'" 1 
ATOM   762  C "C4'" . A   A 1 36 ? 4.78390   -5.34514  10.14796  1.000 98.07570  ? 42  A   V "C4'" 1 
ATOM   763  O "O4'" . A   A 1 36 ? 6.09055   -4.94838  9.66466   1.000 106.14989 ? 42  A   V "O4'" 1 
ATOM   764  C "C3'" . A   A 1 36 ? 3.89359   -4.16384  9.79884   1.000 122.87903 ? 42  A   V "C3'" 1 
ATOM   765  O "O3'" . A   A 1 36 ? 2.69790   -4.12099  10.55923  1.000 128.63783 ? 42  A   V "O3'" 1 
ATOM   766  C "C2'" . A   A 1 36 ? 4.81647   -2.97372  10.03080  1.000 113.85985 ? 42  A   V "C2'" 1 
ATOM   767  O "O2'" . A   A 1 36 ? 4.91583   -2.67744  11.41608  1.000 102.92942 ? 42  A   V "O2'" 1 
ATOM   768  C "C1'" . A   A 1 36 ? 6.15929   -3.53946  9.56544   1.000 118.68893 ? 42  A   V "C1'" 1 
ATOM   769  N N9    . A   A 1 36 ? 6.48141   -3.16964  8.17164   1.000 106.54894 ? 42  A   V N9    1 
ATOM   770  C C8    . A   A 1 36 ? 6.28532   -3.90996  7.03102   1.000 103.81599 ? 42  A   V C8    1 
ATOM   771  N N7    . A   A 1 36 ? 6.68867   -3.30801  5.93712   1.000 94.08061  ? 42  A   V N7    1 
ATOM   772  C C5    . A   A 1 36 ? 7.18713   -2.09233  6.38546   1.000 94.58335  ? 42  A   V C5    1 
ATOM   773  C C6    . A   A 1 36 ? 7.76559   -0.99523  5.71906   1.000 103.58494 ? 42  A   V C6    1 
ATOM   774  N N6    . A   A 1 36 ? 7.94283   -0.94713  4.39837   1.000 106.09127 ? 42  A   V N6    1 
ATOM   775  N N1    . A   A 1 36 ? 8.16106   0.06663   6.45838   1.000 97.63483  ? 42  A   V N1    1 
ATOM   776  C C2    . A   A 1 36 ? 7.98009   0.01777   7.78320   1.000 103.90833 ? 42  A   V C2    1 
ATOM   777  N N3    . A   A 1 36 ? 7.44942   -0.95641  8.52351   1.000 107.07862 ? 42  A   V N3    1 
ATOM   778  C C4    . A   A 1 36 ? 7.06708   -1.99453  7.75848   1.000 97.93147  ? 42  A   V C4    1 
ATOM   779  P P     . C   A 1 37 ? 1.37992   -3.42943  9.95293   1.000 113.64321 ? 43  C   V P     1 
ATOM   780  O OP1   . C   A 1 37 ? 0.29991   -3.59157  10.95437  1.000 122.34203 ? 43  C   V OP1   1 
ATOM   781  O OP2   . C   A 1 37 ? 1.15803   -3.94601  8.57762   1.000 114.62299 ? 43  C   V OP2   1 
ATOM   782  O "O5'" . C   A 1 37 ? 1.76637   -1.88324  9.88153   1.000 106.14048 ? 43  C   V "O5'" 1 
ATOM   783  C "C5'" . C   A 1 37 ? 2.11909   -1.17619  11.06203  1.000 101.71072 ? 43  C   V "C5'" 1 
ATOM   784  C "C4'" . C   A 1 37 ? 2.70181   0.18200   10.75959  1.000 95.74609  ? 43  C   V "C4'" 1 
ATOM   785  O "O4'" . C   A 1 37 ? 3.97651   0.03921   10.07773  1.000 109.17605 ? 43  C   V "O4'" 1 
ATOM   786  C "C3'" . C   A 1 37 ? 1.89728   1.07449   9.83009   1.000 113.56559 ? 43  C   V "C3'" 1 
ATOM   787  O "O3'" . C   A 1 37 ? 0.79496   1.70692   10.45723  1.000 123.97378 ? 43  C   V "O3'" 1 
ATOM   788  C "C2'" . C   A 1 37 ? 2.95461   2.04463   9.32013   1.000 116.10814 ? 43  C   V "C2'" 1 
ATOM   789  O "O2'" . C   A 1 37 ? 3.25771   3.01916   10.30745  1.000 110.63160 ? 43  C   V "O2'" 1 
ATOM   790  C "C1'" . C   A 1 37 ? 4.16033   1.11553   9.17709   1.000 99.76052  ? 43  C   V "C1'" 1 
ATOM   791  N N1    . C   A 1 37 ? 4.26986   0.57877   7.80189   1.000 106.60288 ? 43  C   V N1    1 
ATOM   792  C C2    . C   A 1 37 ? 4.77090   1.40711   6.79178   1.000 102.87238 ? 43  C   V C2    1 
ATOM   793  O O2    . C   A 1 37 ? 5.11981   2.56147   7.07692   1.000 109.12364 ? 43  C   V O2    1 
ATOM   794  N N3    . C   A 1 37 ? 4.86563   0.93033   5.53002   1.000 96.20400  ? 43  C   V N3    1 
ATOM   795  C C4    . C   A 1 37 ? 4.47951   -0.31885  5.26410   1.000 104.74631 ? 43  C   V C4    1 
ATOM   796  N N4    . C   A 1 37 ? 4.59116   -0.75054  4.00623   1.000 110.70336 ? 43  C   V N4    1 
ATOM   797  C C5    . C   A 1 37 ? 3.96139   -1.18511  6.27124   1.000 100.38165 ? 43  C   V C5    1 
ATOM   798  C C6    . C   A 1 37 ? 3.87324   -0.69669  7.51450   1.000 105.76705 ? 43  C   V C6    1 
ATOM   799  P P     . U   A 1 38 ? -0.51370  2.06154   9.59363   1.000 134.39136 ? 44  U   V P     1 
ATOM   800  O OP1   . U   A 1 38 ? -1.53304  2.65254   10.49616  1.000 141.86461 ? 44  U   V OP1   1 
ATOM   801  O OP2   . U   A 1 38 ? -0.85935  0.85181   8.80251   1.000 116.88702 ? 44  U   V OP2   1 
ATOM   802  O "O5'" . U   A 1 38 ? -0.01717  3.19943   8.59206   1.000 102.11966 ? 44  U   V "O5'" 1 
ATOM   803  C "C5'" . U   A 1 38 ? 0.39186   4.46741   9.07961   1.000 99.53513  ? 44  U   V "C5'" 1 
ATOM   804  C "C4'" . U   A 1 38 ? 1.14386   5.25753   8.03602   1.000 113.45767 ? 44  U   V "C4'" 1 
ATOM   805  O "O4'" . U   A 1 38 ? 2.27609   4.48813   7.55127   1.000 118.04406 ? 44  U   V "O4'" 1 
ATOM   806  C "C3'" . U   A 1 38 ? 0.38417   5.61546   6.76755   1.000 104.83851 ? 44  U   V "C3'" 1 
ATOM   807  O "O3'" . U   A 1 38 ? -0.48959  6.71818   6.92197   1.000 113.12187 ? 44  U   V "O3'" 1 
ATOM   808  C "C2'" . U   A 1 38 ? 1.51305   5.86786   5.78210   1.000 108.68474 ? 44  U   V "C2'" 1 
ATOM   809  O "O2'" . U   A 1 38 ? 2.12403   7.12262   6.04474   1.000 102.09181 ? 44  U   V "O2'" 1 
ATOM   810  C "C1'" . U   A 1 38 ? 2.49054   4.76569   6.18130   1.000 108.68504 ? 44  U   V "C1'" 1 
ATOM   811  N N1    . U   A 1 38 ? 2.24354   3.52586   5.41452   1.000 91.78628  ? 44  U   V N1    1 
ATOM   812  C C2    . U   A 1 38 ? 2.64024   3.49451   4.09267   1.000 97.76587  ? 44  U   V C2    1 
ATOM   813  O O2    . U   A 1 38 ? 3.17970   4.44545   3.55008   1.000 85.69458  ? 44  U   V O2    1 
ATOM   814  N N3    . U   A 1 38 ? 2.37888   2.31335   3.43768   1.000 92.17238  ? 44  U   V N3    1 
ATOM   815  C C4    . U   A 1 38 ? 1.77727   1.18705   3.96764   1.000 95.57053  ? 44  U   V C4    1 
ATOM   816  O O4    . U   A 1 38 ? 1.60572   0.19000   3.26207   1.000 95.34826  ? 44  U   V O4    1 
ATOM   817  C C5    . U   A 1 38 ? 1.40198   1.30729   5.34232   1.000 96.33380  ? 44  U   V C5    1 
ATOM   818  C C6    . U   A 1 38 ? 1.64028   2.44434   6.00098   1.000 93.43413  ? 44  U   V C6    1 
ATOM   819  P P     . A   A 1 39 ? -1.87243  6.76251   6.10488   1.000 127.09481 ? 45  A   V P     1 
ATOM   820  O OP1   . A   A 1 39 ? -2.54805  8.02625   6.48392   1.000 121.64831 ? 45  A   V OP1   1 
ATOM   821  O OP2   . A   A 1 39 ? -2.56103  5.45409   6.27135   1.000 101.64005 ? 45  A   V OP2   1 
ATOM   822  O "O5'" . A   A 1 39 ? -1.42384  6.88613   4.58105   1.000 101.44745 ? 45  A   V "O5'" 1 
ATOM   823  C "C5'" . A   A 1 39 ? -0.61815  7.97309   4.15606   1.000 105.16619 ? 45  A   V "C5'" 1 
ATOM   824  C "C4'" . A   A 1 39 ? -0.09283  7.77110   2.75616   1.000 110.52176 ? 45  A   V "C4'" 1 
ATOM   825  O "O4'" . A   A 1 39 ? 0.79500   6.62472   2.70165   1.000 117.66870 ? 45  A   V "O4'" 1 
ATOM   826  C "C3'" . A   A 1 39 ? -1.11698  7.46849   1.67942   1.000 100.56898 ? 45  A   V "C3'" 1 
ATOM   827  O "O3'" . A   A 1 39 ? -1.83910  8.60847   1.26648   1.000 121.29220 ? 45  A   V "O3'" 1 
ATOM   828  C "C2'" . A   A 1 39 ? -0.25140  6.86447   0.58442   1.000 99.60545  ? 45  A   V "C2'" 1 
ATOM   829  O "O2'" . A   A 1 39 ? 0.49151   7.88415   -0.07254  1.000 90.57976  ? 45  A   V "O2'" 1 
ATOM   830  C "C1'" . A   A 1 39 ? 0.72387   6.03392   1.41624   1.000 88.56910  ? 45  A   V "C1'" 1 
ATOM   831  N N9    . A   A 1 39 ? 0.27594   4.63642   1.55141   1.000 83.14802  ? 45  A   V N9    1 
ATOM   832  C C8    . A   A 1 39 ? -0.27971  4.01807   2.64527   1.000 93.20893  ? 45  A   V C8    1 
ATOM   833  N N7    . A   A 1 39 ? -0.56713  2.75254   2.44685   1.000 84.75404  ? 45  A   V N7    1 
ATOM   834  C C5    . A   A 1 39 ? -0.17410  2.52127   1.13443   1.000 85.07189  ? 45  A   V C5    1 
ATOM   835  C C6    . A   A 1 39 ? -0.21521  1.37186   0.32374   1.000 77.83079  ? 45  A   V C6    1 
ATOM   836  N N6    . A   A 1 39 ? -0.69199  0.19841   0.74004   1.000 80.05483  ? 45  A   V N6    1 
ATOM   837  N N1    . A   A 1 39 ? 0.25346   1.47015   -0.94052  1.000 77.88130  ? 45  A   V N1    1 
ATOM   838  C C2    . A   A 1 39 ? 0.73272   2.65586   -1.34764  1.000 82.22243  ? 45  A   V C2    1 
ATOM   839  N N3    . A   A 1 39 ? 0.82416   3.80857   -0.68288  1.000 75.03839  ? 45  A   V N3    1 
ATOM   840  C C4    . A   A 1 39 ? 0.34808   3.67346   0.56960   1.000 88.28164  ? 45  A   V C4    1 
ATOM   841  P P     . C   A 1 40 ? -3.33826  8.44033   0.72790   1.000 113.77242 ? 46  C   V P     1 
ATOM   842  O OP1   . C   A 1 40 ? -3.91686  9.80588   0.67944   1.000 94.00312  ? 46  C   V OP1   1 
ATOM   843  O OP2   . C   A 1 40 ? -4.00130  7.36276   1.50430   1.000 92.08821  ? 46  C   V OP2   1 
ATOM   844  O "O5'" . C   A 1 40 ? -3.14963  7.89049   -0.75458  1.000 91.67006  ? 46  C   V "O5'" 1 
ATOM   845  C "C5'" . C   A 1 40 ? -2.36525  8.60944   -1.69258  1.000 87.94262  ? 46  C   V "C5'" 1 
ATOM   846  C "C4'" . C   A 1 40 ? -1.90991  7.73121   -2.83076  1.000 80.33430  ? 46  C   V "C4'" 1 
ATOM   847  O "O4'" . C   A 1 40 ? -1.19871  6.57400   -2.32233  1.000 94.57349  ? 46  C   V "O4'" 1 
ATOM   848  C "C3'" . C   A 1 40 ? -3.00137  7.12741   -3.69344  1.000 83.91836  ? 46  C   V "C3'" 1 
ATOM   849  O "O3'" . C   A 1 40 ? -3.53215  8.04930   -4.62770  1.000 104.23353 ? 46  C   V "O3'" 1 
ATOM   850  C "C2'" . C   A 1 40 ? -2.28724  5.94733   -4.33641  1.000 86.49412  ? 46  C   V "C2'" 1 
ATOM   851  O "O2'" . C   A 1 40 ? -1.44079  6.39953   -5.38280  1.000 93.38045  ? 46  C   V "O2'" 1 
ATOM   852  C "C1'" . C   A 1 40 ? -1.40348  5.47234   -3.18419  1.000 64.71192  ? 46  C   V "C1'" 1 
ATOM   853  N N1    . C   A 1 40 ? -2.02796  4.37956   -2.40982  1.000 64.28986  ? 46  C   V N1    1 
ATOM   854  C C2    . C   A 1 40 ? -2.06201  3.08854   -2.94710  1.000 78.17943  ? 46  C   V C2    1 
ATOM   855  O O2    . C   A 1 40 ? -1.57061  2.90738   -4.06950  1.000 93.69789  ? 46  C   V O2    1 
ATOM   856  N N3    . C   A 1 40 ? -2.62489  2.07642   -2.24045  1.000 70.60319  ? 46  C   V N3    1 
ATOM   857  C C4    . C   A 1 40 ? -3.13828  2.32338   -1.03353  1.000 88.12314  ? 46  C   V C4    1 
ATOM   858  N N4    . C   A 1 40 ? -3.68810  1.30392   -0.36282  1.000 76.06571  ? 46  C   V N4    1 
ATOM   859  C C5    . C   A 1 40 ? -3.11270  3.63207   -0.46238  1.000 82.72147  ? 46  C   V C5    1 
ATOM   860  C C6    . C   A 1 40 ? -2.55395  4.62227   -1.17497  1.000 79.85897  ? 46  C   V C6    1 
ATOM   861  P P     . G   A 1 41 ? -5.07321  7.95071   -5.07491  1.000 99.17309  ? 47  G   V P     1 
ATOM   862  O OP1   . G   A 1 41 ? -5.34131  9.09116   -5.99125  1.000 89.69207  ? 47  G   V OP1   1 
ATOM   863  O OP2   . G   A 1 41 ? -5.92022  7.73813   -3.87447  1.000 81.64464  ? 47  G   V OP2   1 
ATOM   864  O "O5'" . G   A 1 41 ? -5.13114  6.61547   -5.93578  1.000 81.77135  ? 47  G   V "O5'" 1 
ATOM   865  C "C5'" . G   A 1 41 ? -4.44667  6.53051   -7.17343  1.000 77.71159  ? 47  G   V "C5'" 1 
ATOM   866  C "C4'" . G   A 1 41 ? -4.61975  5.17665   -7.81073  1.000 84.18307  ? 47  G   V "C4'" 1 
ATOM   867  O "O4'" . G   A 1 41 ? -3.96994  4.15876   -7.00934  1.000 73.37714  ? 47  G   V "O4'" 1 
ATOM   868  C "C3'" . G   A 1 41 ? -6.03921  4.65469   -7.94612  1.000 85.16108  ? 47  G   V "C3'" 1 
ATOM   869  O "O3'" . G   A 1 41 ? -6.77869  5.25344   -8.99671  1.000 92.95239  ? 47  G   V "O3'" 1 
ATOM   870  C "C2'" . G   A 1 41 ? -5.80561  3.16496   -8.14199  1.000 78.68875  ? 47  G   V "C2'" 1 
ATOM   871  O "O2'" . G   A 1 41 ? -5.36112  2.90776   -9.46315  1.000 92.36887  ? 47  G   V "O2'" 1 
ATOM   872  C "C1'" . G   A 1 41 ? -4.62484  2.92130   -7.20205  1.000 73.41256  ? 47  G   V "C1'" 1 
ATOM   873  N N9    . G   A 1 41 ? -5.04363  2.36698   -5.89900  1.000 80.32377  ? 47  G   V N9    1 
ATOM   874  C C8    . G   A 1 41 ? -5.18078  3.01205   -4.68926  1.000 77.78442  ? 47  G   V C8    1 
ATOM   875  N N7    . G   A 1 41 ? -5.57041  2.21011   -3.72820  1.000 74.65974  ? 47  G   V N7    1 
ATOM   876  C C5    . G   A 1 41 ? -5.69523  0.96651   -4.33642  1.000 69.73163  ? 47  G   V C5    1 
ATOM   877  C C6    . G   A 1 41 ? -6.08343  -0.28728  -3.80088  1.000 81.37473  ? 47  G   V C6    1 
ATOM   878  O O6    . G   A 1 41 ? -6.40513  -0.56788  -2.64159  1.000 90.55689  ? 47  G   V O6    1 
ATOM   879  N N1    . G   A 1 41 ? -6.07783  -1.28047  -4.77090  1.000 74.71165  ? 47  G   V N1    1 
ATOM   880  C C2    . G   A 1 41 ? -5.73885  -1.09427  -6.08647  1.000 74.22128  ? 47  G   V C2    1 
ATOM   881  N N2    . G   A 1 41 ? -5.79365  -2.18403  -6.86592  1.000 82.26539  ? 47  G   V N2    1 
ATOM   882  N N3    . G   A 1 41 ? -5.37512  0.06737   -6.60079  1.000 66.43132  ? 47  G   V N3    1 
ATOM   883  C C4    . G   A 1 41 ? -5.37540  1.04739   -5.67496  1.000 71.33142  ? 47  G   V C4    1 
ATOM   884  P P     . G   A 1 42 ? -8.38439  5.13166   -9.01827  1.000 89.44383  ? 48  G   V P     1 
ATOM   885  O OP1   . G   A 1 42 ? -8.85824  5.25167   -10.42200 1.000 107.85757 ? 48  G   V OP1   1 
ATOM   886  O OP2   . G   A 1 42 ? -8.93200  6.05286   -7.98960  1.000 82.49477  ? 48  G   V OP2   1 
ATOM   887  O "O5'" . G   A 1 42 ? -8.65500  3.63893   -8.54387  1.000 74.19877  ? 48  G   V "O5'" 1 
ATOM   888  C "C5'" . G   A 1 42 ? -9.83212  2.94792   -8.92764  1.000 76.23260  ? 48  G   V "C5'" 1 
ATOM   889  C "C4'" . G   A 1 42 ? -9.56559  1.47089   -9.09088  1.000 90.87406  ? 48  G   V "C4'" 1 
ATOM   890  O "O4'" . G   A 1 42 ? -8.53710  1.04618   -8.16001  1.000 73.61223  ? 48  G   V "O4'" 1 
ATOM   891  C "C3'" . G   A 1 42 ? -10.73452 0.54484   -8.80075  1.000 70.20918  ? 48  G   V "C3'" 1 
ATOM   892  O "O3'" . G   A 1 42 ? -11.61233 0.42961   -9.90117  1.000 88.43762  ? 48  G   V "O3'" 1 
ATOM   893  C "C2'" . G   A 1 42 ? -10.04315 -0.76221  -8.44942  1.000 80.64608  ? 48  G   V "C2'" 1 
ATOM   894  O "O2'" . G   A 1 42 ? -9.61288  -1.43130  -9.62583  1.000 89.30009  ? 48  G   V "O2'" 1 
ATOM   895  C "C1'" . G   A 1 42 ? -8.80755  -0.25850  -7.70621  1.000 73.72201  ? 48  G   V "C1'" 1 
ATOM   896  N N9    . G   A 1 42 ? -9.01457  -0.20441  -6.24800  1.000 85.35099  ? 48  G   V N9    1 
ATOM   897  C C8    . G   A 1 42 ? -8.89849  0.89950   -5.43543  1.000 74.37824  ? 48  G   V C8    1 
ATOM   898  N N7    . G   A 1 42 ? -9.13710  0.63131   -4.17936  1.000 67.84496  ? 48  G   V N7    1 
ATOM   899  C C5    . G   A 1 42 ? -9.42420  -0.72962  -4.16304  1.000 70.24371  ? 48  G   V C5    1 
ATOM   900  C C6    . G   A 1 42 ? -9.76034  -1.58886  -3.08517  1.000 79.47338  ? 48  G   V C6    1 
ATOM   901  O O6    . G   A 1 42 ? -9.87698  -1.31502  -1.88626  1.000 88.58254  ? 48  G   V O6    1 
ATOM   902  N N1    . G   A 1 42 ? -9.97186  -2.89570  -3.51167  1.000 80.19259  ? 48  G   V N1    1 
ATOM   903  C C2    . G   A 1 42 ? -9.87124  -3.32218  -4.81294  1.000 85.83496  ? 48  G   V C2    1 
ATOM   904  N N2    . G   A 1 42 ? -10.11321 -4.62459  -5.02605  1.000 80.25622  ? 48  G   V N2    1 
ATOM   905  N N3    . G   A 1 42 ? -9.55815  -2.53065  -5.83100  1.000 72.28224  ? 48  G   V N3    1 
ATOM   906  C C4    . G   A 1 42 ? -9.34919  -1.26016  -5.43320  1.000 69.04272  ? 48  G   V C4    1 
ATOM   907  P P     . G   A 1 43 ? -13.20267 0.45219   -9.68761  1.000 81.39954  ? 49  G   V P     1 
ATOM   908  O OP1   . G   A 1 43 ? -13.76939 0.59272   -11.05088 1.000 91.36946  ? 49  G   V OP1   1 
ATOM   909  O OP2   . G   A 1 43 ? -13.56343 1.43782   -8.63185  1.000 73.47342  ? 49  G   V OP2   1 
ATOM   910  O "O5'" . G   A 1 43 ? -13.53668 -1.02494  -9.19129  1.000 60.78192  ? 49  G   V "O5'" 1 
ATOM   911  C "C5'" . G   A 1 43 ? -13.30121 -2.12247  -10.06015 1.000 71.34382  ? 49  G   V "C5'" 1 
ATOM   912  C "C4'" . G   A 1 43 ? -13.69194 -3.44392  -9.44742  1.000 72.65936  ? 49  G   V "C4'" 1 
ATOM   913  O "O4'" . G   A 1 43 ? -12.73224 -3.83915  -8.43576  1.000 82.58276  ? 49  G   V "O4'" 1 
ATOM   914  C "C3'" . G   A 1 43 ? -15.02159 -3.49633  -8.72131  1.000 85.61321  ? 49  G   V "C3'" 1 
ATOM   915  O "O3'" . G   A 1 43 ? -16.12181 -3.59280  -9.59951  1.000 87.69164  ? 49  G   V "O3'" 1 
ATOM   916  C "C2'" . G   A 1 43 ? -14.85054 -4.71662  -7.82987  1.000 89.70793  ? 49  G   V "C2'" 1 
ATOM   917  O "O2'" . G   A 1 43 ? -14.98668 -5.90728  -8.59074  1.000 95.81031  ? 49  G   V "O2'" 1 
ATOM   918  C "C1'" . G   A 1 43 ? -13.38510 -4.57540  -7.42176  1.000 74.09887  ? 49  G   V "C1'" 1 
ATOM   919  N N9    . G   A 1 43 ? -13.25159 -3.83689  -6.15479  1.000 81.54375  ? 49  G   V N9    1 
ATOM   920  C C8    . G   A 1 43 ? -12.91950 -2.51484  -5.99217  1.000 76.69086  ? 49  G   V C8    1 
ATOM   921  N N7    . G   A 1 43 ? -12.88989 -2.14831  -4.73889  1.000 82.23464  ? 49  G   V N7    1 
ATOM   922  C C5    . G   A 1 43 ? -13.22821 -3.29863  -4.03658  1.000 81.20128  ? 49  G   V C5    1 
ATOM   923  C C6    . G   A 1 43 ? -13.35942 -3.52373  -2.64329  1.000 83.36191  ? 49  G   V C6    1 
ATOM   924  O O6    . G   A 1 43 ? -13.20191 -2.72898  -1.70907  1.000 101.90273 ? 49  G   V O6    1 
ATOM   925  N N1    . G   A 1 43 ? -13.72062 -4.83638  -2.37471  1.000 85.78978  ? 49  G   V N1    1 
ATOM   926  C C2    . G   A 1 43 ? -13.92517 -5.81224  -3.31986  1.000 104.38694 ? 49  G   V C2    1 
ATOM   927  N N2    . G   A 1 43 ? -14.26635 -7.02387  -2.85857  1.000 107.45012 ? 49  G   V N2    1 
ATOM   928  N N3    . G   A 1 43 ? -13.80527 -5.61672  -4.62135  1.000 97.59851  ? 49  G   V N3    1 
ATOM   929  C C4    . G   A 1 43 ? -13.45635 -4.34609  -4.89960  1.000 76.43320  ? 49  G   V C4    1 
ATOM   930  P P     . A   A 1 44 ? -17.52115 -2.93422  -9.18192  1.000 92.54348  ? 50  A   V P     1 
ATOM   931  O OP1   . A   A 1 44 ? -18.44716 -3.09230  -10.33039 1.000 105.93832 ? 50  A   V OP1   1 
ATOM   932  O OP2   . A   A 1 44 ? -17.25236 -1.59071  -8.60403  1.000 70.05999  ? 50  A   V OP2   1 
ATOM   933  O "O5'" . A   A 1 44 ? -18.03911 -3.87310  -8.00653  1.000 86.43622  ? 50  A   V "O5'" 1 
ATOM   934  C "C5'" . A   A 1 44 ? -18.26558 -5.25189  -8.23821  1.000 89.34127  ? 50  A   V "C5'" 1 
ATOM   935  C "C4'" . A   A 1 44 ? -18.57228 -5.98228  -6.95741  1.000 101.82270 ? 50  A   V "C4'" 1 
ATOM   936  O "O4'" . A   A 1 44 ? -17.39294 -6.00998  -6.11300  1.000 96.14007  ? 50  A   V "O4'" 1 
ATOM   937  C "C3'" . A   A 1 44 ? -19.64289 -5.36728  -6.06751  1.000 100.42648 ? 50  A   V "C3'" 1 
ATOM   938  O "O3'" . A   A 1 44 ? -20.96057 -5.66738  -6.48595  1.000 96.33169  ? 50  A   V "O3'" 1 
ATOM   939  C "C2'" . A   A 1 44 ? -19.29963 -5.94880  -4.70804  1.000 102.32009 ? 50  A   V "C2'" 1 
ATOM   940  O "O2'" . A   A 1 44 ? -19.71441 -7.30534  -4.64017  1.000 103.26372 ? 50  A   V "O2'" 1 
ATOM   941  C "C1'" . A   A 1 44 ? -17.77394 -5.91189  -4.75662  1.000 90.78191  ? 50  A   V "C1'" 1 
ATOM   942  N N9    . A   A 1 44 ? -17.26413 -4.63528  -4.23512  1.000 93.13966  ? 50  A   V N9    1 
ATOM   943  C C8    . A   A 1 44 ? -16.94098 -3.51249  -4.95074  1.000 90.34719  ? 50  A   V C8    1 
ATOM   944  N N7    . A   A 1 44 ? -16.52135 -2.52179  -4.20282  1.000 92.08520  ? 50  A   V N7    1 
ATOM   945  C C5    . A   A 1 44 ? -16.57999 -3.02369  -2.91192  1.000 80.54075  ? 50  A   V C5    1 
ATOM   946  C C6    . A   A 1 44 ? -16.26527 -2.46323  -1.66474  1.000 84.12525  ? 50  A   V C6    1 
ATOM   947  N N6    . A   A 1 44 ? -15.81017 -1.22048  -1.49660  1.000 92.09409  ? 50  A   V N6    1 
ATOM   948  N N1    . A   A 1 44 ? -16.43851 -3.24093  -0.57685  1.000 94.03067  ? 50  A   V N1    1 
ATOM   949  C C2    . A   A 1 44 ? -16.89586 -4.49184  -0.74084  1.000 95.63816  ? 50  A   V C2    1 
ATOM   950  N N3    . A   A 1 44 ? -17.22596 -5.13372  -1.86152  1.000 81.23850  ? 50  A   V N3    1 
ATOM   951  C C4    . A   A 1 44 ? -17.04019 -4.32935  -2.91968  1.000 92.71899  ? 50  A   V C4    1 
ATOM   952  P P     . G   A 1 45 ? -22.15776 -4.65073  -6.15344  1.000 98.28437  ? 51  G   V P     1 
ATOM   953  O OP1   . G   A 1 45 ? -23.39444 -5.28262  -6.67865  1.000 111.26284 ? 51  G   V OP1   1 
ATOM   954  O OP2   . G   A 1 45 ? -21.76121 -3.29075  -6.60038  1.000 99.76309  ? 51  G   V OP2   1 
ATOM   955  O "O5'" . G   A 1 45 ? -22.24595 -4.64682  -4.55985  1.000 101.24771 ? 51  G   V "O5'" 1 
ATOM   956  C "C5'" . G   A 1 45 ? -22.87745 -5.71708  -3.86817  1.000 112.13069 ? 51  G   V "C5'" 1 
ATOM   957  C "C4'" . G   A 1 45 ? -22.69247 -5.62048  -2.37160  1.000 112.56017 ? 51  G   V "C4'" 1 
ATOM   958  O "O4'" . G   A 1 45 ? -21.27887 -5.49296  -2.05768  1.000 106.84857 ? 51  G   V "O4'" 1 
ATOM   959  C "C3'" . G   A 1 45 ? -23.32190 -4.41861  -1.67971  1.000 113.25209 ? 51  G   V "C3'" 1 
ATOM   960  O "O3'" . G   A 1 45 ? -24.71732 -4.53537  -1.46061  1.000 96.09642  ? 51  G   V "O3'" 1 
ATOM   961  C "C2'" . G   A 1 45 ? -22.50439 -4.32128  -0.39999  1.000 107.36636 ? 51  G   V "C2'" 1 
ATOM   962  O "O2'" . G   A 1 45 ? -22.88629 -5.33133  0.52231   1.000 103.95854 ? 51  G   V "O2'" 1 
ATOM   963  C "C1'" . G   A 1 45 ? -21.11168 -4.65628  -0.92783  1.000 101.64535 ? 51  G   V "C1'" 1 
ATOM   964  N N9    . G   A 1 45 ? -20.42398 -3.42519  -1.34900  1.000 98.21794  ? 51  G   V N9    1 
ATOM   965  C C8    . G   A 1 45 ? -20.25921 -2.92802  -2.62004  1.000 106.03682 ? 51  G   V C8    1 
ATOM   966  N N7    . G   A 1 45 ? -19.62366 -1.78603  -2.63674  1.000 87.03749  ? 51  G   V N7    1 
ATOM   967  C C5    . G   A 1 45 ? -19.37113 -1.50894  -1.29913  1.000 85.89041  ? 51  G   V C5    1 
ATOM   968  C C6    . G   A 1 45 ? -18.71587 -0.40989  -0.68696  1.000 96.75651  ? 51  G   V C6    1 
ATOM   969  O O6    . G   A 1 45 ? -18.20439 0.58125   -1.21954  1.000 122.83252 ? 51  G   V O6    1 
ATOM   970  N N1    . G   A 1 45 ? -18.68217 -0.53820  0.69626   1.000 99.26623  ? 51  G   V N1    1 
ATOM   971  C C2    . G   A 1 45 ? -19.21182 -1.58867  1.40632   1.000 108.36418 ? 51  G   V C2    1 
ATOM   972  N N2    . G   A 1 45 ? -19.08042 -1.53211  2.74052   1.000 112.71481 ? 51  G   V N2    1 
ATOM   973  N N3    . G   A 1 45 ? -19.82491 -2.62056  0.85110   1.000 88.33351  ? 51  G   V N3    1 
ATOM   974  C C4    . G   A 1 45 ? -19.86520 -2.51132  -0.49375  1.000 96.76469  ? 51  G   V C4    1 
ATOM   975  P P     . A   A 1 46 ? -25.57005 -3.21749  -1.10533  1.000 113.29198 ? 52  A   V P     1 
ATOM   976  O OP1   . A   A 1 46 ? -27.01298 -3.55538  -1.12968  1.000 98.09437  ? 52  A   V OP1   1 
ATOM   977  O OP2   . A   A 1 46 ? -25.08247 -2.10542  -1.95737  1.000 114.43943 ? 52  A   V OP2   1 
ATOM   978  O "O5'" . A   A 1 46 ? -25.14709 -2.88041  0.39451   1.000 109.91139 ? 52  A   V "O5'" 1 
ATOM   979  C "C5'" . A   A 1 46 ? -25.46568 -3.76345  1.46003   1.000 106.00006 ? 52  A   V "C5'" 1 
ATOM   980  C "C4'" . A   A 1 46 ? -25.13293 -3.15516  2.79856   1.000 104.64385 ? 52  A   V "C4'" 1 
ATOM   981  O "O4'" . A   A 1 46 ? -23.69883 -2.95181  2.89657   1.000 115.93325 ? 52  A   V "O4'" 1 
ATOM   982  C "C3'" . A   A 1 46 ? -25.71627 -1.77616  3.06857   1.000 125.72173 ? 52  A   V "C3'" 1 
ATOM   983  O "O3'" . A   A 1 46 ? -27.06705 -1.80560  3.49005   1.000 125.44855 ? 52  A   V "O3'" 1 
ATOM   984  C "C2'" . A   A 1 46 ? -24.76016 -1.21408  4.10937   1.000 131.39564 ? 52  A   V "C2'" 1 
ATOM   985  O "O2'" . A   A 1 46 ? -25.00981 -1.79092  5.38317   1.000 134.94810 ? 52  A   V "O2'" 1 
ATOM   986  C "C1'" . A   A 1 46 ? -23.42882 -1.75235  3.59627   1.000 127.72618 ? 52  A   V "C1'" 1 
ATOM   987  N N9    . A   A 1 46 ? -22.78789 -0.80729  2.66396   1.000 120.85225 ? 52  A   V N9    1 
ATOM   988  C C8    . A   A 1 46 ? -22.89594 -0.79567  1.29755   1.000 117.86544 ? 52  A   V C8    1 
ATOM   989  N N7    . A   A 1 46 ? -22.21279 0.16207   0.72264   1.000 128.23104 ? 52  A   V N7    1 
ATOM   990  C C5    . A   A 1 46 ? -21.61524 0.82971   1.78324   1.000 122.70842 ? 52  A   V C5    1 
ATOM   991  C C6    . A   A 1 46 ? -20.75898 1.94561   1.83684   1.000 121.93449 ? 52  A   V C6    1 
ATOM   992  N N6    . A   A 1 46 ? -20.34091 2.61270   0.75648   1.000 117.31408 ? 52  A   V N6    1 
ATOM   993  N N1    . A   A 1 46 ? -20.34230 2.35816   3.05459   1.000 119.78898 ? 52  A   V N1    1 
ATOM   994  C C2    . A   A 1 46 ? -20.76643 1.68790   4.13270   1.000 121.26620 ? 52  A   V C2    1 
ATOM   995  N N3    . A   A 1 46 ? -21.56693 0.62801   4.21009   1.000 122.50960 ? 52  A   V N3    1 
ATOM   996  C C4    . A   A 1 46 ? -21.96336 0.24399   2.98642   1.000 121.69306 ? 52  A   V C4    1 
ATOM   997  P P     . C   A 1 47 ? -28.07171 -0.64127  3.02458   1.000 162.17291 ? 53  C   V P     1 
ATOM   998  O OP1   . C   A 1 47 ? -29.44729 -1.08725  3.36129   1.000 153.46626 ? 53  C   V OP1   1 
ATOM   999  O OP2   . C   A 1 47 ? -27.73962 -0.27437  1.62217   1.000 139.39190 ? 53  C   V OP2   1 
ATOM   1000 O "O5'" . C   A 1 47 ? -27.69741 0.59633   3.96042   1.000 139.41952 ? 53  C   V "O5'" 1 
ATOM   1001 C "C5'" . C   A 1 47 ? -27.95452 0.55679   5.35773   1.000 138.53543 ? 53  C   V "C5'" 1 
ATOM   1002 C "C4'" . C   A 1 47 ? -27.21367 1.64100   6.10258   1.000 144.18314 ? 53  C   V "C4'" 1 
ATOM   1003 O "O4'" . C   A 1 47 ? -25.78349 1.50861   5.87605   1.000 148.40688 ? 53  C   V "O4'" 1 
ATOM   1004 C "C3'" . C   A 1 47 ? -27.51305 3.07488   5.69011   1.000 165.78765 ? 53  C   V "C3'" 1 
ATOM   1005 O "O3'" . C   A 1 47 ? -28.72130 3.58752   6.22435   1.000 165.36506 ? 53  C   V "O3'" 1 
ATOM   1006 C "C2'" . C   A 1 47 ? -26.26780 3.81250   6.16150   1.000 161.08680 ? 53  C   V "C2'" 1 
ATOM   1007 O "O2'" . C   A 1 47 ? -26.28934 4.00143   7.56897   1.000 153.76273 ? 53  C   V "O2'" 1 
ATOM   1008 C "C1'" . C   A 1 47 ? -25.18477 2.79016   5.82617   1.000 154.28685 ? 53  C   V "C1'" 1 
ATOM   1009 N N1    . C   A 1 47 ? -24.66696 3.01800   4.46016   1.000 148.74434 ? 53  C   V N1    1 
ATOM   1010 C C2    . C   A 1 47 ? -23.79539 4.08593   4.25265   1.000 133.28697 ? 53  C   V C2    1 
ATOM   1011 O O2    . C   A 1 47 ? -23.46700 4.78497   5.22141   1.000 132.75518 ? 53  C   V O2    1 
ATOM   1012 N N3    . C   A 1 47 ? -23.32968 4.32156   3.00742   1.000 124.17753 ? 53  C   V N3    1 
ATOM   1013 C C4    . C   A 1 47 ? -23.71188 3.54312   1.99504   1.000 121.40060 ? 53  C   V C4    1 
ATOM   1014 N N4    . C   A 1 47 ? -23.22794 3.80837   0.78180   1.000 127.62135 ? 53  C   V N4    1 
ATOM   1015 C C5    . C   A 1 47 ? -24.60818 2.45391   2.17550   1.000 135.46669 ? 53  C   V C5    1 
ATOM   1016 C C6    . C   A 1 47 ? -25.06187 2.23346   3.41439   1.000 149.67450 ? 53  C   V C6    1 
ATOM   1017 P P     . G   A 1 48 ? -29.46818 4.80463   5.48442   1.000 167.85042 ? 54  G   V P     1 
ATOM   1018 O OP1   . G   A 1 48 ? -30.72246 5.09143   6.22347   1.000 180.38494 ? 54  G   V OP1   1 
ATOM   1019 O OP2   . G   A 1 48 ? -29.51247 4.51794   4.02797   1.000 159.15101 ? 54  G   V OP2   1 
ATOM   1020 O "O5'" . G   A 1 48 ? -28.49654 6.04675   5.70418   1.000 158.51191 ? 54  G   V "O5'" 1 
ATOM   1021 C "C5'" . G   A 1 48 ? -28.41887 6.68926   6.96683   1.000 162.04342 ? 54  G   V "C5'" 1 
ATOM   1022 C "C4'" . G   A 1 48 ? -27.50309 7.88674   6.92918   1.000 155.68618 ? 54  G   V "C4'" 1 
ATOM   1023 O "O4'" . G   A 1 48 ? -26.16255 7.47502   6.54498   1.000 137.97673 ? 54  G   V "O4'" 1 
ATOM   1024 C "C3'" . G   A 1 48 ? -27.84411 8.96822   5.91679   1.000 159.25015 ? 54  G   V "C3'" 1 
ATOM   1025 O "O3'" . G   A 1 48 ? -28.91327 9.81274   6.30504   1.000 164.17863 ? 54  G   V "O3'" 1 
ATOM   1026 C "C2'" . G   A 1 48 ? -26.51185 9.68418   5.75846   1.000 150.72731 ? 54  G   V "C2'" 1 
ATOM   1027 O "O2'" . G   A 1 48 ? -26.24239 10.49824  6.89044   1.000 152.29875 ? 54  G   V "O2'" 1 
ATOM   1028 C "C1'" . G   A 1 48 ? -25.54999 8.49841   5.78137   1.000 141.34797 ? 54  G   V "C1'" 1 
ATOM   1029 N N9    . G   A 1 48 ? -25.30718 7.99739   4.41502   1.000 133.68992 ? 54  G   V N9    1 
ATOM   1030 C C8    . G   A 1 48 ? -25.86833 6.89859   3.81129   1.000 133.99043 ? 54  G   V C8    1 
ATOM   1031 N N7    . G   A 1 48 ? -25.46547 6.72553   2.58162   1.000 126.63385 ? 54  G   V N7    1 
ATOM   1032 C C5    . G   A 1 48 ? -24.59258 7.77947   2.35429   1.000 119.04001 ? 54  G   V C5    1 
ATOM   1033 C C6    . G   A 1 48 ? -23.84509 8.11472   1.19586   1.000 121.71189 ? 54  G   V C6    1 
ATOM   1034 O O6    . G   A 1 48 ? -23.81216 7.52557   0.10762   1.000 119.94296 ? 54  G   V O6    1 
ATOM   1035 N N1    . G   A 1 48 ? -23.08622 9.26528   1.39331   1.000 124.25568 ? 54  G   V N1    1 
ATOM   1036 C C2    . G   A 1 48 ? -23.04902 9.99665   2.55588   1.000 127.08358 ? 54  G   V C2    1 
ATOM   1037 N N2    . G   A 1 48 ? -22.25159 11.07464  2.54821   1.000 125.51277 ? 54  G   V N2    1 
ATOM   1038 N N3    . G   A 1 48 ? -23.74109 9.69283   3.64412   1.000 128.42922 ? 54  G   V N3    1 
ATOM   1039 C C4    . G   A 1 48 ? -24.48744 8.57830   3.47379   1.000 127.86585 ? 54  G   V C4    1 
ATOM   1040 P P     . C   A 1 49 ? -29.83406 10.49603  5.17715   1.000 159.68357 ? 55  C   V P     1 
ATOM   1041 O OP1   . C   A 1 49 ? -30.83878 11.33779  5.87234   1.000 179.17099 ? 55  C   V OP1   1 
ATOM   1042 O OP2   . C   A 1 49 ? -30.30036 9.43527   4.24695   1.000 143.50046 ? 55  C   V OP2   1 
ATOM   1043 O "O5'" . C   A 1 49 ? -28.83184 11.45463  4.38652   1.000 134.74926 ? 55  C   V "O5'" 1 
ATOM   1044 C "C5'" . C   A 1 49 ? -28.28770 12.60658  5.01460   1.000 141.68877 ? 55  C   V "C5'" 1 
ATOM   1045 C "C4'" . C   A 1 49 ? -27.23306 13.28425  4.17056   1.000 150.47727 ? 55  C   V "C4'" 1 
ATOM   1046 O "O4'" . C   A 1 49 ? -26.20543 12.33341  3.78403   1.000 143.43543 ? 55  C   V "O4'" 1 
ATOM   1047 C "C3'" . C   A 1 49 ? -27.68152 13.87694  2.84357   1.000 161.27538 ? 55  C   V "C3'" 1 
ATOM   1048 O "O3'" . C   A 1 49 ? -28.37470 15.10815  2.96222   1.000 182.08801 ? 55  C   V "O3'" 1 
ATOM   1049 C "C2'" . C   A 1 49 ? -26.36653 13.98507  2.08267   1.000 154.51113 ? 55  C   V "C2'" 1 
ATOM   1050 O "O2'" . C   A 1 49 ? -25.60368 15.09089  2.54353   1.000 148.42329 ? 55  C   V "O2'" 1 
ATOM   1051 C "C1'" . C   A 1 49 ? -25.66486 12.70279  2.52735   1.000 141.48292 ? 55  C   V "C1'" 1 
ATOM   1052 N N1    . C   A 1 49 ? -25.88830 11.60907  1.55756   1.000 136.24327 ? 55  C   V N1    1 
ATOM   1053 C C2    . C   A 1 49 ? -25.13676 11.61128  0.37678   1.000 130.67161 ? 55  C   V C2    1 
ATOM   1054 O O2    . C   A 1 49 ? -24.30702 12.51552  0.18890   1.000 122.64620 ? 55  C   V O2    1 
ATOM   1055 N N3    . C   A 1 49 ? -25.32911 10.62545  -0.52868  1.000 130.70464 ? 55  C   V N3    1 
ATOM   1056 C C4    . C   A 1 49 ? -26.23168 9.67174   -0.28937  1.000 134.83137 ? 55  C   V C4    1 
ATOM   1057 N N4    . C   A 1 49 ? -26.38590 8.71654   -1.20892  1.000 124.89658 ? 55  C   V N4    1 
ATOM   1058 C C5    . C   A 1 49 ? -27.01264 9.64850   0.90396   1.000 134.67193 ? 55  C   V C5    1 
ATOM   1059 C C6    . C   A 1 49 ? -26.81365 10.63104  1.79207   1.000 139.04261 ? 55  C   V C6    1 
ATOM   1060 P P     . C   A 1 50 ? -29.44283 15.53160  1.83596   1.000 192.73122 ? 56  C   V P     1 
ATOM   1061 O OP1   . C   A 1 50 ? -30.04889 16.82786  2.22905   1.000 195.93767 ? 56  C   V OP1   1 
ATOM   1062 O OP2   . C   A 1 50 ? -30.31733 14.35783  1.58355   1.000 153.61627 ? 56  C   V OP2   1 
ATOM   1063 O "O5'" . C   A 1 50 ? -28.55722 15.78476  0.53407   1.000 161.00771 ? 56  C   V "O5'" 1 
ATOM   1064 C "C5'" . C   A 1 50 ? -27.61127 16.84417  0.49253   1.000 159.17608 ? 56  C   V "C5'" 1 
ATOM   1065 C "C4'" . C   A 1 50 ? -26.82021 16.84450  -0.79338  1.000 151.84247 ? 56  C   V "C4'" 1 
ATOM   1066 O "O4'" . C   A 1 50 ? -26.10750 15.58899  -0.93797  1.000 146.00237 ? 56  C   V "O4'" 1 
ATOM   1067 C "C3'" . C   A 1 50 ? -27.62212 16.95861  -2.08033  1.000 142.88023 ? 56  C   V "C3'" 1 
ATOM   1068 O "O3'" . C   A 1 50 ? -28.01697 18.28806  -2.37058  1.000 148.80973 ? 56  C   V "O3'" 1 
ATOM   1069 C "C2'" . C   A 1 50 ? -26.67320 16.36406  -3.11338  1.000 142.20598 ? 56  C   V "C2'" 1 
ATOM   1070 O "O2'" . C   A 1 50 ? -25.67400 17.30610  -3.47508  1.000 146.28325 ? 56  C   V "O2'" 1 
ATOM   1071 C "C1'" . C   A 1 50 ? -26.01252 15.24472  -2.30591  1.000 139.13361 ? 56  C   V "C1'" 1 
ATOM   1072 N N1    . C   A 1 50 ? -26.68049 13.94065  -2.51676  1.000 139.07843 ? 56  C   V N1    1 
ATOM   1073 C C2    . C   A 1 50 ? -26.32138 13.16871  -3.62694  1.000 133.65168 ? 56  C   V C2    1 
ATOM   1074 O O2    . C   A 1 50 ? -25.45199 13.59872  -4.40076  1.000 132.94363 ? 56  C   V O2    1 
ATOM   1075 N N3    . C   A 1 50 ? -26.92857 11.97445  -3.82735  1.000 130.30087 ? 56  C   V N3    1 
ATOM   1076 C C4    . C   A 1 50 ? -27.85994 11.54781  -2.97145  1.000 132.35227 ? 56  C   V C4    1 
ATOM   1077 N N4    . C   A 1 50 ? -28.43685 10.36634  -3.20467  1.000 133.56016 ? 56  C   V N4    1 
ATOM   1078 C C5    . C   A 1 50 ? -28.24425 12.31531  -1.83419  1.000 141.99726 ? 56  C   V C5    1 
ATOM   1079 C C6    . C   A 1 50 ? -27.63549 13.49338  -1.64760  1.000 144.71197 ? 56  C   V C6    1 
HETATM 1080 N N9    . 7DG B 2 .  ? 3.31687   -0.09011  0.65697   1.000 89.52884  ? 101 7DG V N9    1 
HETATM 1081 C C8    . 7DG B 2 .  ? 3.32867   -1.05347  -0.18589  0.657 79.87760  ? 101 7DG V C8    1 
HETATM 1082 C C7    . 7DG B 2 .  ? 3.72195   -0.54195  -1.54926  0.346 79.84929  ? 101 7DG V C7    1 
HETATM 1083 C C5    . 7DG B 2 .  ? 3.89689   0.91473   -1.25066  1.000 84.24678  ? 101 7DG V C5    1 
HETATM 1084 C C6    . 7DG B 2 .  ? 4.26350   2.05957   -2.03286  1.000 94.79136  ? 101 7DG V C6    1 
HETATM 1085 O O6    . 7DG B 2 .  ? 4.51957   2.03655   -3.24099  1.000 89.23066  ? 101 7DG V O6    1 
HETATM 1086 N N1    . 7DG B 2 .  ? 4.31567   3.24225   -1.33271  1.000 96.06667  ? 101 7DG V N1    1 
HETATM 1087 C C2    . 7DG B 2 .  ? 4.04193   3.30968   0.00815   1.000 91.59024  ? 101 7DG V C2    1 
HETATM 1088 N N2    . 7DG B 2 .  ? 4.11661   4.51596   0.57788   1.000 80.81940  ? 101 7DG V N2    1 
HETATM 1089 N N3    . 7DG B 2 .  ? 3.70489   2.25060   0.74691   1.000 88.88865  ? 101 7DG V N3    1 
HETATM 1090 C C4    . 7DG B 2 .  ? 3.64124   1.08603   0.09714   1.000 85.62411  ? 101 7DG V C4    1 
HETATM 1091 H H8    . 7DG B 2 .  ? 3.11698   -1.93756  0.04928   1.000 95.85313  ? 101 7DG V H8    1 
HETATM 1092 H H71   . 7DG B 2 .  ? 3.01979   -0.69934  -2.21012  1.000 95.81915  ? 101 7DG V H71   1 
HETATM 1093 H H72   . 7DG B 2 .  ? 4.54990   -0.95399  -1.86429  1.000 95.81915  ? 101 7DG V H72   1 
HETATM 1094 H HN1   . 7DG B 2 .  ? 4.53310   3.98136   -1.76413  1.000 115.28001 ? 101 7DG V HN1   1 
HETATM 1095 H HN21  . 7DG B 2 .  ? 4.33256   5.21556   0.09513   1.000 96.98328  ? 101 7DG V HN21  1 
HETATM 1096 H HN22  . 7DG B 2 .  ? 3.94960   4.60690   1.43402   1.000 96.98328  ? 101 7DG V HN22  1 
# 
